data_8UPT
# 
_entry.id   8UPT 
# 
_audit_conform.dict_name       mmcif_pdbx.dic 
_audit_conform.dict_version    5.385 
_audit_conform.dict_location   http://mmcif.pdb.org/dictionaries/ascii/mmcif_pdbx.dic 
# 
loop_
_database_2.database_id 
_database_2.database_code 
_database_2.pdbx_database_accession 
_database_2.pdbx_DOI 
PDB   8UPT         pdb_00008upt 10.2210/pdb8upt/pdb 
WWPDB D_1000278479 ?            ?                   
EMDB  EMD-42455    ?            ?                   
# 
loop_
_pdbx_audit_revision_history.ordinal 
_pdbx_audit_revision_history.data_content_type 
_pdbx_audit_revision_history.major_revision 
_pdbx_audit_revision_history.minor_revision 
_pdbx_audit_revision_history.revision_date 
1 'Structure model' 1 0 2024-01-10 
2 'Structure model' 1 1 2024-02-07 
# 
_pdbx_audit_revision_details.ordinal             1 
_pdbx_audit_revision_details.revision_ordinal    1 
_pdbx_audit_revision_details.data_content_type   'Structure model' 
_pdbx_audit_revision_details.provider            repository 
_pdbx_audit_revision_details.type                'Initial release' 
_pdbx_audit_revision_details.description         ? 
_pdbx_audit_revision_details.details             ? 
# 
_pdbx_audit_revision_group.ordinal             1 
_pdbx_audit_revision_group.revision_ordinal    2 
_pdbx_audit_revision_group.data_content_type   'Structure model' 
_pdbx_audit_revision_group.group               'Database references' 
# 
loop_
_pdbx_audit_revision_category.ordinal 
_pdbx_audit_revision_category.revision_ordinal 
_pdbx_audit_revision_category.data_content_type 
_pdbx_audit_revision_category.category 
1 2 'Structure model' citation        
2 2 'Structure model' citation_author 
# 
loop_
_pdbx_audit_revision_item.ordinal 
_pdbx_audit_revision_item.revision_ordinal 
_pdbx_audit_revision_item.data_content_type 
_pdbx_audit_revision_item.item 
1 2 'Structure model' '_citation.journal_volume'          
2 2 'Structure model' '_citation.page_first'              
3 2 'Structure model' '_citation.page_last'               
4 2 'Structure model' '_citation.year'                    
5 2 'Structure model' '_citation_author.identifier_ORCID' 
# 
_pdbx_database_status.status_code                     REL 
_pdbx_database_status.status_code_sf                  ? 
_pdbx_database_status.status_code_mr                  ? 
_pdbx_database_status.entry_id                        8UPT 
_pdbx_database_status.recvd_initial_deposition_date   2023-10-23 
_pdbx_database_status.SG_entry                        N 
_pdbx_database_status.deposit_site                    RCSB 
_pdbx_database_status.process_site                    RCSB 
_pdbx_database_status.status_code_cs                  ? 
_pdbx_database_status.status_code_nmr_data            ? 
_pdbx_database_status.methods_development_category    ? 
_pdbx_database_status.pdb_format_compatible           Y 
# 
_pdbx_database_related.db_name        EMDB 
_pdbx_database_related.details        'Candidatus Methanomethylophilus alvus tRNAPyl in A-site of ribosome' 
_pdbx_database_related.db_id          EMD-42455 
_pdbx_database_related.content_type   'associated EM volume' 
# 
_pdbx_contact_author.id                 3 
_pdbx_contact_author.email              dieter.soll@yale.edu 
_pdbx_contact_author.name_first         Dieter 
_pdbx_contact_author.name_last          Soll 
_pdbx_contact_author.name_mi            ? 
_pdbx_contact_author.role               'principal investigator/group leader' 
_pdbx_contact_author.identifier_ORCID   0000-0002-3077-8986 
# 
loop_
_audit_author.name 
_audit_author.pdbx_ordinal 
_audit_author.identifier_ORCID 
'Krahn, N.'      1  0000-0003-0696-433X 
'Zhang, J.'      2  ?                   
'Melnikov, S.V.' 3  ?                   
'Tharp, J.M.'    4  0000-0002-2362-3249 
'Villa, A.'      5  ?                   
'Patel, A.'      6  ?                   
'Howard, R.J.'   7  0000-0003-2049-3378 
'Gabir, H.'      8  ?                   
'Patel, T.R.'    9  0000-0003-0627-2923 
'Stetefeld, J.'  10 0000-0003-1478-3248 
'Puglisi, J.'    11 ?                   
'Soll, D.'       12 0000-0002-3077-8986 
# 
_citation.abstract                  ? 
_citation.abstract_id_CAS           ? 
_citation.book_id_ISBN              ? 
_citation.book_publisher            ? 
_citation.book_publisher_city       ? 
_citation.book_title                ? 
_citation.coordinate_linkage        ? 
_citation.country                   UK 
_citation.database_id_Medline       ? 
_citation.details                   ? 
_citation.id                        primary 
_citation.journal_abbrev            'Nucleic Acids Res.' 
_citation.journal_id_ASTM           NARHAD 
_citation.journal_id_CSD            0389 
_citation.journal_id_ISSN           1362-4962 
_citation.journal_full              ? 
_citation.journal_issue             ? 
_citation.journal_volume            52 
_citation.language                  ? 
_citation.page_first                513 
_citation.page_last                 524 
_citation.title                     
'tRNA shape is an identity element for an archaeal pyrrolysyl-tRNA synthetase from the human gut.' 
_citation.year                      2024 
_citation.database_id_CSD           ? 
_citation.pdbx_database_id_DOI      10.1093/nar/gkad1188 
_citation.pdbx_database_id_PubMed   38100361 
_citation.pdbx_database_id_patent   ? 
_citation.unpublished_flag          ? 
# 
loop_
_citation_author.citation_id 
_citation_author.name 
_citation_author.ordinal 
_citation_author.identifier_ORCID 
primary 'Krahn, N.'      1  ? 
primary 'Zhang, J.'      2  ? 
primary 'Melnikov, S.V.' 3  ? 
primary 'Tharp, J.M.'    4  ? 
primary 'Villa, A.'      5  ? 
primary 'Patel, A.'      6  ? 
primary 'Howard, R.J.'   7  ? 
primary 'Gabir, H.'      8  ? 
primary 'Patel, T.R.'    9  ? 
primary 'Stetefeld, J.'  10 ? 
primary 'Puglisi, J.'    11 ? 
primary 'Soll, D.'       12 ? 
# 
_entity.id                         1 
_entity.type                       polymer 
_entity.src_method                 man 
_entity.pdbx_description           'RNA (71-MER)' 
_entity.formula_weight             22897.654 
_entity.pdbx_number_of_molecules   1 
_entity.pdbx_ec                    ? 
_entity.pdbx_mutation              ? 
_entity.pdbx_fragment              ? 
_entity.details                    ? 
# 
_entity_poly.entity_id                      1 
_entity_poly.type                           polyribonucleotide 
_entity_poly.nstd_linkage                   no 
_entity_poly.nstd_monomer                   no 
_entity_poly.pdbx_seq_one_letter_code       GGGGGACGGUCCGGCGACCAGCGGGUCUCUAAAACCUAGCCAGCGGGGUUCGACGCCCCGGUCUCUCGCCA 
_entity_poly.pdbx_seq_one_letter_code_can   GGGGGACGGUCCGGCGACCAGCGGGUCUCUAAAACCUAGCCAGCGGGGUUCGACGCCCCGGUCUCUCGCCA 
_entity_poly.pdbx_strand_id                 A 
_entity_poly.pdbx_target_identifier         ? 
# 
loop_
_entity_poly_seq.entity_id 
_entity_poly_seq.num 
_entity_poly_seq.mon_id 
_entity_poly_seq.hetero 
1 1  G n 
1 2  G n 
1 3  G n 
1 4  G n 
1 5  G n 
1 6  A n 
1 7  C n 
1 8  G n 
1 9  G n 
1 10 U n 
1 11 C n 
1 12 C n 
1 13 G n 
1 14 G n 
1 15 C n 
1 16 G n 
1 17 A n 
1 18 C n 
1 19 C n 
1 20 A n 
1 21 G n 
1 22 C n 
1 23 G n 
1 24 G n 
1 25 G n 
1 26 U n 
1 27 C n 
1 28 U n 
1 29 C n 
1 30 U n 
1 31 A n 
1 32 A n 
1 33 A n 
1 34 A n 
1 35 C n 
1 36 C n 
1 37 U n 
1 38 A n 
1 39 G n 
1 40 C n 
1 41 C n 
1 42 A n 
1 43 G n 
1 44 C n 
1 45 G n 
1 46 G n 
1 47 G n 
1 48 G n 
1 49 U n 
1 50 U n 
1 51 C n 
1 52 G n 
1 53 A n 
1 54 C n 
1 55 G n 
1 56 C n 
1 57 C n 
1 58 C n 
1 59 C n 
1 60 G n 
1 61 G n 
1 62 U n 
1 63 C n 
1 64 U n 
1 65 C n 
1 66 U n 
1 67 C n 
1 68 G n 
1 69 C n 
1 70 C n 
1 71 A n 
# 
_entity_src_gen.entity_id                          1 
_entity_src_gen.pdbx_src_id                        1 
_entity_src_gen.pdbx_alt_source_flag               sample 
_entity_src_gen.pdbx_seq_type                      'Biological sequence' 
_entity_src_gen.pdbx_beg_seq_num                   1 
_entity_src_gen.pdbx_end_seq_num                   71 
_entity_src_gen.gene_src_common_name               ? 
_entity_src_gen.gene_src_genus                     ? 
_entity_src_gen.pdbx_gene_src_gene                 pylT 
_entity_src_gen.gene_src_species                   ? 
_entity_src_gen.gene_src_strain                    ? 
_entity_src_gen.gene_src_tissue                    ? 
_entity_src_gen.gene_src_tissue_fraction           ? 
_entity_src_gen.gene_src_details                   ? 
_entity_src_gen.pdbx_gene_src_fragment             ? 
_entity_src_gen.pdbx_gene_src_scientific_name      'Candidatus Methanomethylophilus alvus' 
_entity_src_gen.pdbx_gene_src_ncbi_taxonomy_id     1291540 
_entity_src_gen.pdbx_gene_src_variant              ? 
_entity_src_gen.pdbx_gene_src_cell_line            ? 
_entity_src_gen.pdbx_gene_src_atcc                 ? 
_entity_src_gen.pdbx_gene_src_organ                ? 
_entity_src_gen.pdbx_gene_src_organelle            ? 
_entity_src_gen.pdbx_gene_src_cell                 ? 
_entity_src_gen.pdbx_gene_src_cellular_location    ? 
_entity_src_gen.host_org_common_name               ? 
_entity_src_gen.pdbx_host_org_scientific_name      'in vitro transcription vector pT7-TP(deltai)' 
_entity_src_gen.pdbx_host_org_ncbi_taxonomy_id     905931 
_entity_src_gen.host_org_genus                     ? 
_entity_src_gen.pdbx_host_org_gene                 ? 
_entity_src_gen.pdbx_host_org_organ                ? 
_entity_src_gen.host_org_species                   ? 
_entity_src_gen.pdbx_host_org_tissue               ? 
_entity_src_gen.pdbx_host_org_tissue_fraction      ? 
_entity_src_gen.pdbx_host_org_strain               ? 
_entity_src_gen.pdbx_host_org_variant              ? 
_entity_src_gen.pdbx_host_org_cell_line            ? 
_entity_src_gen.pdbx_host_org_atcc                 ? 
_entity_src_gen.pdbx_host_org_culture_collection   ? 
_entity_src_gen.pdbx_host_org_cell                 ? 
_entity_src_gen.pdbx_host_org_organelle            ? 
_entity_src_gen.pdbx_host_org_cellular_location    ? 
_entity_src_gen.pdbx_host_org_vector_type          ? 
_entity_src_gen.pdbx_host_org_vector               ? 
_entity_src_gen.host_org_details                   ? 
_entity_src_gen.expression_system_id               ? 
_entity_src_gen.plasmid_name                       ? 
_entity_src_gen.plasmid_details                    ? 
_entity_src_gen.pdbx_description                   ? 
# 
loop_
_chem_comp.id 
_chem_comp.type 
_chem_comp.mon_nstd_flag 
_chem_comp.name 
_chem_comp.pdbx_synonyms 
_chem_comp.formula 
_chem_comp.formula_weight 
A 'RNA linking' y "ADENOSINE-5'-MONOPHOSPHATE" ? 'C10 H14 N5 O7 P' 347.221 
C 'RNA linking' y "CYTIDINE-5'-MONOPHOSPHATE"  ? 'C9 H14 N3 O8 P'  323.197 
G 'RNA linking' y "GUANOSINE-5'-MONOPHOSPHATE" ? 'C10 H14 N5 O8 P' 363.221 
U 'RNA linking' y "URIDINE-5'-MONOPHOSPHATE"   ? 'C9 H13 N2 O9 P'  324.181 
# 
loop_
_pdbx_poly_seq_scheme.asym_id 
_pdbx_poly_seq_scheme.entity_id 
_pdbx_poly_seq_scheme.seq_id 
_pdbx_poly_seq_scheme.mon_id 
_pdbx_poly_seq_scheme.ndb_seq_num 
_pdbx_poly_seq_scheme.pdb_seq_num 
_pdbx_poly_seq_scheme.auth_seq_num 
_pdbx_poly_seq_scheme.pdb_mon_id 
_pdbx_poly_seq_scheme.auth_mon_id 
_pdbx_poly_seq_scheme.pdb_strand_id 
_pdbx_poly_seq_scheme.pdb_ins_code 
_pdbx_poly_seq_scheme.hetero 
A 1 1  G 1  1  1  G G A . n 
A 1 2  G 2  2  2  G G A . n 
A 1 3  G 3  3  3  G G A . n 
A 1 4  G 4  4  4  G G A . n 
A 1 5  G 5  5  5  G G A . n 
A 1 6  A 6  6  6  A A A . n 
A 1 7  C 7  7  7  C C A . n 
A 1 8  G 8  10 10 G G A . n 
A 1 9  G 9  11 11 G G A . n 
A 1 10 U 10 12 12 U U A . n 
A 1 11 C 11 13 13 C C A . n 
A 1 12 C 12 15 15 C C A . n 
A 1 13 G 13 17 17 G G A . n 
A 1 14 G 14 18 18 G G A . n 
A 1 15 C 15 20 20 C C A . n 
A 1 16 G 16 22 22 G G A . n 
A 1 17 A 17 23 23 A A A . n 
A 1 18 C 18 24 24 C C A . n 
A 1 19 C 19 25 25 C C A . n 
A 1 20 A 20 25 25 A A A A n 
A 1 21 G 21 26 26 G G A . n 
A 1 22 C 22 27 27 C C A . n 
A 1 23 G 23 28 28 G G A . n 
A 1 24 G 24 29 29 G G A . n 
A 1 25 G 25 30 30 G G A . n 
A 1 26 U 26 31 31 U U A . n 
A 1 27 C 27 32 32 C C A . n 
A 1 28 U 28 33 33 U U A . n 
A 1 29 C 29 34 34 C C A . n 
A 1 30 U 30 35 35 U U A . n 
A 1 31 A 31 36 36 A A A . n 
A 1 32 A 32 37 37 A A A . n 
A 1 33 A 33 38 38 A A A . n 
A 1 34 A 34 39 39 A A A . n 
A 1 35 C 35 40 40 C C A . n 
A 1 36 C 36 41 41 C C A . n 
A 1 37 U 37 42 42 U U A . n 
A 1 38 A 38 42 42 A A A A n 
A 1 39 G 39 43 43 G G A . n 
A 1 40 C 40 44 44 C C A . n 
A 1 41 C 41 45 45 C C A . n 
A 1 42 A 42 47 47 A A A . n 
A 1 43 G 43 48 48 G G A . n 
A 1 44 C 44 49 49 C C A . n 
A 1 45 G 45 50 50 G G A . n 
A 1 46 G 46 51 51 G G A . n 
A 1 47 G 47 52 52 G G A . n 
A 1 48 G 48 53 53 G G A . n 
A 1 49 U 49 54 54 U U A . n 
A 1 50 U 50 55 55 U U A . n 
A 1 51 C 51 56 56 C C A . n 
A 1 52 G 52 57 57 G G A . n 
A 1 53 A 53 58 58 A A A . n 
A 1 54 C 54 59 59 C C A . n 
A 1 55 G 55 60 60 G G A . n 
A 1 56 C 56 61 61 C C A . n 
A 1 57 C 57 62 62 C C A . n 
A 1 58 C 58 63 63 C C A . n 
A 1 59 C 59 64 64 C C A . n 
A 1 60 G 60 65 65 G G A . n 
A 1 61 G 61 66 66 G G A . n 
A 1 62 U 62 67 67 U U A . n 
A 1 63 C 63 68 68 C C A . n 
A 1 64 U 64 69 69 U U A . n 
A 1 65 C 65 70 70 C C A . n 
A 1 66 U 66 71 71 U U A . n 
A 1 67 C 67 72 72 C C A . n 
A 1 68 G 68 73 73 G G A . n 
A 1 69 C 69 74 74 C C A . n 
A 1 70 C 70 75 75 C C A . n 
A 1 71 A 71 76 76 A A A . n 
# 
_exptl.absorpt_coefficient_mu     ? 
_exptl.absorpt_correction_T_max   ? 
_exptl.absorpt_correction_T_min   ? 
_exptl.absorpt_correction_type    ? 
_exptl.absorpt_process_details    ? 
_exptl.entry_id                   8UPT 
_exptl.crystals_number            ? 
_exptl.details                    ? 
_exptl.method                     'ELECTRON MICROSCOPY' 
_exptl.method_details             ? 
# 
_struct.entry_id                     8UPT 
_struct.title                        'Candidatus Methanomethylophilus alvus tRNAPyl in A-site of ribosome' 
_struct.pdbx_model_details           ? 
_struct.pdbx_formula_weight          ? 
_struct.pdbx_formula_weight_method   ? 
_struct.pdbx_model_type_details      ? 
_struct.pdbx_CASP_flag               N 
# 
_struct_keywords.entry_id        8UPT 
_struct_keywords.text            'tRNA, pyrrolysine, translation, RNA' 
_struct_keywords.pdbx_keywords   RNA 
# 
_struct_asym.id                            A 
_struct_asym.pdbx_blank_PDB_chainid_flag   N 
_struct_asym.pdbx_modified                 N 
_struct_asym.entity_id                     1 
_struct_asym.details                       ? 
# 
_struct_ref.id                         1 
_struct_ref.db_name                    GB 
_struct_ref.db_code                    LR699000.1 
_struct_ref.pdbx_db_accession          1721134198 
_struct_ref.pdbx_db_isoform            ? 
_struct_ref.entity_id                  1 
_struct_ref.pdbx_seq_one_letter_code   GGGGGACGGUCCGGCGACCAGCGGGUCUCUAAAACCUAGCCAGCGGGGUUCGACGCCCCGGUCUCUCGCCA 
_struct_ref.pdbx_align_begin           1115720 
# 
_struct_ref_seq.align_id                      1 
_struct_ref_seq.ref_id                        1 
_struct_ref_seq.pdbx_PDB_id_code              8UPT 
_struct_ref_seq.pdbx_strand_id                A 
_struct_ref_seq.seq_align_beg                 1 
_struct_ref_seq.pdbx_seq_align_beg_ins_code   ? 
_struct_ref_seq.seq_align_end                 71 
_struct_ref_seq.pdbx_seq_align_end_ins_code   ? 
_struct_ref_seq.pdbx_db_accession             1721134198 
_struct_ref_seq.db_align_beg                  1115720 
_struct_ref_seq.pdbx_db_align_beg_ins_code    ? 
_struct_ref_seq.db_align_end                  1115650 
_struct_ref_seq.pdbx_db_align_end_ins_code    ? 
_struct_ref_seq.pdbx_auth_seq_align_beg       1 
_struct_ref_seq.pdbx_auth_seq_align_end       76 
# 
_pdbx_struct_assembly.id                   1 
_pdbx_struct_assembly.details              author_and_software_defined_assembly 
_pdbx_struct_assembly.method_details       PISA 
_pdbx_struct_assembly.oligomeric_details   monomeric 
_pdbx_struct_assembly.oligomeric_count     1 
# 
_pdbx_struct_assembly_gen.assembly_id       1 
_pdbx_struct_assembly_gen.oper_expression   1 
_pdbx_struct_assembly_gen.asym_id_list      A 
# 
_pdbx_struct_assembly_auth_evidence.id                     1 
_pdbx_struct_assembly_auth_evidence.assembly_id            1 
_pdbx_struct_assembly_auth_evidence.experimental_support   'electron microscopy' 
_pdbx_struct_assembly_auth_evidence.details                'not applicable' 
# 
_pdbx_struct_oper_list.id                   1 
_pdbx_struct_oper_list.type                 'identity operation' 
_pdbx_struct_oper_list.name                 1_555 
_pdbx_struct_oper_list.symmetry_operation   x,y,z 
_pdbx_struct_oper_list.matrix[1][1]         1.0 
_pdbx_struct_oper_list.matrix[1][2]         0.0 
_pdbx_struct_oper_list.matrix[1][3]         0.0 
_pdbx_struct_oper_list.vector[1]            0.0 
_pdbx_struct_oper_list.matrix[2][1]         0.0 
_pdbx_struct_oper_list.matrix[2][2]         1.0 
_pdbx_struct_oper_list.matrix[2][3]         0.0 
_pdbx_struct_oper_list.vector[2]            0.0 
_pdbx_struct_oper_list.matrix[3][1]         0.0 
_pdbx_struct_oper_list.matrix[3][2]         0.0 
_pdbx_struct_oper_list.matrix[3][3]         1.0 
_pdbx_struct_oper_list.vector[3]            0.0 
# 
loop_
_struct_conn.id 
_struct_conn.conn_type_id 
_struct_conn.pdbx_leaving_atom_flag 
_struct_conn.pdbx_PDB_id 
_struct_conn.ptnr1_label_asym_id 
_struct_conn.ptnr1_label_comp_id 
_struct_conn.ptnr1_label_seq_id 
_struct_conn.ptnr1_label_atom_id 
_struct_conn.pdbx_ptnr1_label_alt_id 
_struct_conn.pdbx_ptnr1_PDB_ins_code 
_struct_conn.pdbx_ptnr1_standard_comp_id 
_struct_conn.ptnr1_symmetry 
_struct_conn.ptnr2_label_asym_id 
_struct_conn.ptnr2_label_comp_id 
_struct_conn.ptnr2_label_seq_id 
_struct_conn.ptnr2_label_atom_id 
_struct_conn.pdbx_ptnr2_label_alt_id 
_struct_conn.pdbx_ptnr2_PDB_ins_code 
_struct_conn.ptnr1_auth_asym_id 
_struct_conn.ptnr1_auth_comp_id 
_struct_conn.ptnr1_auth_seq_id 
_struct_conn.ptnr2_auth_asym_id 
_struct_conn.ptnr2_auth_comp_id 
_struct_conn.ptnr2_auth_seq_id 
_struct_conn.ptnr2_symmetry 
_struct_conn.pdbx_ptnr3_label_atom_id 
_struct_conn.pdbx_ptnr3_label_seq_id 
_struct_conn.pdbx_ptnr3_label_comp_id 
_struct_conn.pdbx_ptnr3_label_asym_id 
_struct_conn.pdbx_ptnr3_label_alt_id 
_struct_conn.pdbx_ptnr3_PDB_ins_code 
_struct_conn.details 
_struct_conn.pdbx_dist_value 
_struct_conn.pdbx_value_order 
_struct_conn.pdbx_role 
hydrog1  hydrog ? ? A G 1  N1 ? ? ? 1_555 A C 67 O2 ? ? A G 1  A C 72 1_555 ? ? ? ? ? ? 'REVERSED WATSON-CRICK' ? ? ? 
hydrog2  hydrog ? ? A G 1  N2 ? ? ? 1_555 A C 67 N3 ? ? A G 1  A C 72 1_555 ? ? ? ? ? ? 'REVERSED WATSON-CRICK' ? ? ? 
hydrog3  hydrog ? ? A G 2  N2 ? ? ? 1_555 A U 66 O2 ? ? A G 2  A U 71 1_555 ? ? ? ? ? ? 'G-U MISPAIR'           ? ? ? 
hydrog4  hydrog ? ? A G 3  N1 ? ? ? 1_555 A C 65 O2 ? ? A G 3  A C 70 1_555 ? ? ? ? ? ? 'REVERSED WATSON-CRICK' ? ? ? 
hydrog5  hydrog ? ? A G 3  N2 ? ? ? 1_555 A C 65 N3 ? ? A G 3  A C 70 1_555 ? ? ? ? ? ? 'REVERSED WATSON-CRICK' ? ? ? 
hydrog6  hydrog ? ? A G 4  N2 ? ? ? 1_555 A U 64 O2 ? ? A G 4  A U 69 1_555 ? ? ? ? ? ? 'G-U MISPAIR'           ? ? ? 
hydrog7  hydrog ? ? A G 5  N2 ? ? ? 1_555 A C 63 N3 ? ? A G 5  A C 68 1_555 ? ? ? ? ? ? 'G-C PAIR'              ? ? ? 
hydrog8  hydrog ? ? A A 6  N1 ? ? ? 1_555 A G 61 N1 ? ? A A 6  A G 66 1_555 ? ? ? ? ? ? 'A-G MISPAIR'           ? ? ? 
hydrog9  hydrog ? ? A A 6  N6 ? ? ? 1_555 A U 62 O4 ? ? A A 6  A U 67 1_555 ? ? ? ? ? ? 'A-U PAIR'              ? ? ? 
hydrog10 hydrog ? ? A C 7  N3 ? ? ? 1_555 A G 61 N1 ? ? A C 7  A G 66 1_555 ? ? ? ? ? ? WATSON-CRICK            ? ? ? 
hydrog11 hydrog ? ? A C 7  N4 ? ? ? 1_555 A G 61 O6 ? ? A C 7  A G 66 1_555 ? ? ? ? ? ? WATSON-CRICK            ? ? ? 
hydrog12 hydrog ? ? A C 7  O2 ? ? ? 1_555 A G 61 N2 ? ? A C 7  A G 66 1_555 ? ? ? ? ? ? WATSON-CRICK            ? ? ? 
hydrog13 hydrog ? ? A G 8  N1 ? ? ? 1_555 A C 19 N3 ? ? A G 10 A C 25 1_555 ? ? ? ? ? ? 'G-C PAIR'              ? ? ? 
hydrog14 hydrog ? ? A G 9  N1 ? ? ? 1_555 A C 18 O2 ? ? A G 11 A C 24 1_555 ? ? ? ? ? ? 'G-C PAIR'              ? ? ? 
hydrog15 hydrog ? ? A U 10 N3 ? ? ? 1_555 A A 17 N1 ? ? A U 12 A A 23 1_555 ? ? ? ? ? ? WATSON-CRICK            ? ? ? 
hydrog16 hydrog ? ? A U 10 O4 ? ? ? 1_555 A A 17 N6 ? ? A U 12 A A 23 1_555 ? ? ? ? ? ? WATSON-CRICK            ? ? ? 
hydrog17 hydrog ? ? A C 11 N3 ? ? ? 1_555 A G 16 N1 ? ? A C 13 A G 22 1_555 ? ? ? ? ? ? WATSON-CRICK            ? ? ? 
hydrog18 hydrog ? ? A C 11 N4 ? ? ? 1_555 A G 16 O6 ? ? A C 13 A G 22 1_555 ? ? ? ? ? ? WATSON-CRICK            ? ? ? 
hydrog19 hydrog ? ? A C 11 O2 ? ? ? 1_555 A G 16 N2 ? ? A C 13 A G 22 1_555 ? ? ? ? ? ? WATSON-CRICK            ? ? ? 
hydrog20 hydrog ? ? A G 13 N2 ? ? ? 1_555 A U 50 O2 ? ? A G 17 A U 55 1_555 ? ? ? ? ? ? 'G-U MISPAIR'           ? ? ? 
hydrog21 hydrog ? ? A G 14 N1 ? ? ? 1_555 A C 51 N3 ? ? A G 18 A C 56 1_555 ? ? ? ? ? ? WATSON-CRICK            ? ? ? 
hydrog22 hydrog ? ? A G 14 N2 ? ? ? 1_555 A C 51 O2 ? ? A G 18 A C 56 1_555 ? ? ? ? ? ? WATSON-CRICK            ? ? ? 
hydrog23 hydrog ? ? A G 14 O6 ? ? ? 1_555 A C 51 N4 ? ? A G 18 A C 56 1_555 ? ? ? ? ? ? WATSON-CRICK            ? ? ? 
hydrog24 hydrog ? ? A G 16 N7 ? ? ? 1_555 A G 43 N1 ? ? A G 22 A G 48 1_555 ? ? ? ? ? ? TYPE_7_PAIR             ? ? ? 
hydrog25 hydrog ? ? A G 16 O6 ? ? ? 1_555 A G 43 N2 ? ? A G 22 A G 48 1_555 ? ? ? ? ? ? TYPE_7_PAIR             ? ? ? 
hydrog26 hydrog ? ? A A 17 N6 ? ? ? 1_555 A A 42 N1 ? ? A A 23 A A 47 1_555 ? ? ? ? ? ? 'A-A MISPAIR'           ? ? ? 
hydrog27 hydrog ? ? A G 21 N1 ? ? ? 1_555 A G 39 O6 ? ? A G 26 A G 43 1_555 ? ? ? ? ? ? 'G-G MISPAIR'           ? ? ? 
hydrog28 hydrog ? ? A G 21 N2 ? ? ? 1_555 A C 40 O2 ? ? A G 26 A C 44 1_555 ? ? ? ? ? ? 'G-C PAIR'              ? ? ? 
hydrog29 hydrog ? ? A C 22 O2 ? ? ? 1_555 A G 39 N2 ? ? A C 27 A G 43 1_555 ? ? ? ? ? ? 'C-G PAIR'              ? ? ? 
hydrog30 hydrog ? ? A G 23 N2 ? ? ? 1_555 A U 37 O2 ? ? A G 28 A U 42 1_555 ? ? ? ? ? ? 'G-U MISPAIR'           ? ? ? 
hydrog31 hydrog ? ? A G 24 N1 ? ? ? 1_555 A C 36 N3 ? ? A G 29 A C 41 1_555 ? ? ? ? ? ? WATSON-CRICK            ? ? ? 
hydrog32 hydrog ? ? A G 24 N2 ? ? ? 1_555 A C 36 O2 ? ? A G 29 A C 41 1_555 ? ? ? ? ? ? WATSON-CRICK            ? ? ? 
hydrog33 hydrog ? ? A G 24 O6 ? ? ? 1_555 A C 36 N4 ? ? A G 29 A C 41 1_555 ? ? ? ? ? ? WATSON-CRICK            ? ? ? 
hydrog34 hydrog ? ? A G 25 N1 ? ? ? 1_555 A C 35 N3 ? ? A G 30 A C 40 1_555 ? ? ? ? ? ? WATSON-CRICK            ? ? ? 
hydrog35 hydrog ? ? A G 25 N2 ? ? ? 1_555 A C 35 O2 ? ? A G 30 A C 40 1_555 ? ? ? ? ? ? WATSON-CRICK            ? ? ? 
hydrog36 hydrog ? ? A G 25 O6 ? ? ? 1_555 A C 35 N4 ? ? A G 30 A C 40 1_555 ? ? ? ? ? ? WATSON-CRICK            ? ? ? 
hydrog37 hydrog ? ? A C 44 N3 ? ? ? 1_555 A G 60 N1 ? ? A C 49 A G 65 1_555 ? ? ? ? ? ? WATSON-CRICK            ? ? ? 
hydrog38 hydrog ? ? A C 44 N4 ? ? ? 1_555 A G 60 O6 ? ? A C 49 A G 65 1_555 ? ? ? ? ? ? WATSON-CRICK            ? ? ? 
hydrog39 hydrog ? ? A C 44 O2 ? ? ? 1_555 A G 60 N2 ? ? A C 49 A G 65 1_555 ? ? ? ? ? ? WATSON-CRICK            ? ? ? 
hydrog40 hydrog ? ? A G 45 N1 ? ? ? 1_555 A C 59 N3 ? ? A G 50 A C 64 1_555 ? ? ? ? ? ? WATSON-CRICK            ? ? ? 
hydrog41 hydrog ? ? A G 45 N2 ? ? ? 1_555 A C 59 O2 ? ? A G 50 A C 64 1_555 ? ? ? ? ? ? WATSON-CRICK            ? ? ? 
hydrog42 hydrog ? ? A G 45 O6 ? ? ? 1_555 A C 59 N4 ? ? A G 50 A C 64 1_555 ? ? ? ? ? ? WATSON-CRICK            ? ? ? 
hydrog43 hydrog ? ? A G 46 N1 ? ? ? 1_555 A C 59 O2 ? ? A G 51 A C 64 1_555 ? ? ? ? ? ? 'REVERSED WATSON-CRICK' ? ? ? 
hydrog44 hydrog ? ? A G 46 N2 ? ? ? 1_555 A C 59 N3 ? ? A G 51 A C 64 1_555 ? ? ? ? ? ? 'REVERSED WATSON-CRICK' ? ? ? 
hydrog45 hydrog ? ? A G 47 N1 ? ? ? 1_555 A C 57 O2 ? ? A G 52 A C 62 1_555 ? ? ? ? ? ? 'REVERSED WATSON-CRICK' ? ? ? 
hydrog46 hydrog ? ? A G 47 N2 ? ? ? 1_555 A C 57 N3 ? ? A G 52 A C 62 1_555 ? ? ? ? ? ? 'REVERSED WATSON-CRICK' ? ? ? 
hydrog47 hydrog ? ? A G 48 N1 ? ? ? 1_555 A C 56 O2 ? ? A G 53 A C 61 1_555 ? ? ? ? ? ? 'REVERSED WATSON-CRICK' ? ? ? 
hydrog48 hydrog ? ? A G 48 N2 ? ? ? 1_555 A C 56 N3 ? ? A G 53 A C 61 1_555 ? ? ? ? ? ? 'REVERSED WATSON-CRICK' ? ? ? 
hydrog49 hydrog ? ? A U 49 N3 ? ? ? 1_555 A A 53 N7 ? ? A U 54 A A 58 1_555 ? ? ? ? ? ? 'REVERSED HOOGSTEEN'    ? ? ? 
hydrog50 hydrog ? ? A U 49 O2 ? ? ? 1_555 A A 53 N6 ? ? A U 54 A A 58 1_555 ? ? ? ? ? ? 'REVERSED HOOGSTEEN'    ? ? ? 
# 
_struct_conn_type.id          hydrog 
_struct_conn_type.criteria    ? 
_struct_conn_type.reference   ? 
# 
loop_
_pdbx_validate_close_contact.id 
_pdbx_validate_close_contact.PDB_model_num 
_pdbx_validate_close_contact.auth_atom_id_1 
_pdbx_validate_close_contact.auth_asym_id_1 
_pdbx_validate_close_contact.auth_comp_id_1 
_pdbx_validate_close_contact.auth_seq_id_1 
_pdbx_validate_close_contact.PDB_ins_code_1 
_pdbx_validate_close_contact.label_alt_id_1 
_pdbx_validate_close_contact.auth_atom_id_2 
_pdbx_validate_close_contact.auth_asym_id_2 
_pdbx_validate_close_contact.auth_comp_id_2 
_pdbx_validate_close_contact.auth_seq_id_2 
_pdbx_validate_close_contact.PDB_ins_code_2 
_pdbx_validate_close_contact.label_alt_id_2 
_pdbx_validate_close_contact.dist 
1  1 "O2'" A G 17 ? ? N2    A G 57 ? ? 1.07 
2  1 O6    A G 11 ? ? O2    A C 24 ? ? 1.10 
3  1 O6    A G 53 ? ? N4    A C 61 ? ? 1.17 
4  1 N1    A A 6  ? ? O2    A U 67 ? ? 1.31 
5  1 "O2'" A G 17 ? ? C2    A G 57 ? ? 1.33 
6  1 N4    A C 15 ? ? N3    A C 59 ? ? 1.43 
7  1 N3    A C 15 ? ? N4    A C 59 ? ? 1.45 
8  1 O6    A G 1  ? ? N4    A C 72 ? ? 1.51 
9  1 C2    A C 15 ? ? N4    A C 59 ? ? 1.52 
10 1 O6    A G 5  ? ? N3    A C 68 ? ? 1.52 
11 1 "O4'" A C 45 ? ? OP2   A G 48 ? ? 1.53 
12 1 O6    A G 5  ? ? N4    A C 68 ? ? 1.54 
13 1 O6    A G 4  ? ? N3    A U 69 ? ? 1.55 
14 1 O6    A G 5  ? ? C4    A C 68 ? ? 1.58 
15 1 C4    A C 15 ? ? N3    A C 59 ? ? 1.60 
16 1 N3    A C 15 ? ? C4    A C 59 ? ? 1.60 
17 1 N1    A G 5  ? ? N3    A C 68 ? ? 1.63 
18 1 N1    A G 17 ? ? O2    A U 55 ? ? 1.69 
19 1 N4    A C 15 ? ? C2    A C 59 ? ? 1.70 
20 1 N1    A G 3  ? ? N3    A C 70 ? ? 1.71 
21 1 C6    A G 5  ? ? N3    A C 68 ? ? 1.72 
22 1 C2    A A 6  ? ? O2    A U 67 ? ? 1.73 
23 1 O6    A G 3  ? ? N4    A C 70 ? ? 1.75 
24 1 O6    A G 2  ? ? N3    A U 71 ? ? 1.76 
25 1 N1    A A 6  ? ? C2    A U 67 ? ? 1.79 
26 1 "C1'" A C 45 ? ? OP2   A G 48 ? ? 1.79 
27 1 N1    A G 53 ? ? N3    A C 61 ? ? 1.85 
28 1 N1    A G 5  ? ? O2    A C 68 ? ? 1.88 
29 1 OP2   A G 17 ? ? N2    A G 60 ? ? 1.90 
30 1 N2    A G 3  ? ? O2    A C 70 ? ? 1.90 
31 1 N6    A A 6  ? ? N3    A U 67 ? ? 1.92 
32 1 N3    A C 15 ? ? N3    A C 59 ? ? 1.94 
33 1 N4    A C 15 ? ? O2    A C 59 ? ? 1.96 
34 1 O2    A C 15 ? ? N4    A C 59 ? ? 1.97 
35 1 "O2'" A G 17 ? ? N1    A G 57 ? ? 1.97 
36 1 N1    A G 5  ? ? C2    A C 68 ? ? 1.98 
37 1 N1    A A 6  ? ? N3    A U 67 ? ? 2.01 
38 1 O6    A G 1  ? ? O6    A G 73 ? ? 2.02 
39 1 "C2'" A G 17 ? ? N2    A G 57 ? ? 2.04 
40 1 N1    A G 2  ? ? O2    A U 71 ? ? 2.04 
41 1 N1    A G 4  ? ? O2    A U 69 ? ? 2.05 
42 1 O6    A G 1  ? ? C6    A G 73 ? ? 2.05 
43 1 N2    A G 5  ? ? O2    A C 68 ? ? 2.06 
44 1 C6    A G 11 ? ? O2    A C 24 ? ? 2.08 
45 1 C6    A A 6  ? ? N3    A U 67 ? ? 2.08 
46 1 N6    A A 6  ? ? O6    A G 66 ? ? 2.08 
47 1 N2    A G 17 ? ? "O5'" A A 58 ? ? 2.10 
48 1 O6    A G 10 ? ? N4    A C 25 ? ? 2.16 
49 1 C6    A G 53 ? ? N4    A C 61 ? ? 2.17 
50 1 N1    A G 1  ? ? N3    A C 72 ? ? 2.18 
51 1 O6    A G 1  ? ? C4    A C 72 ? ? 2.18 
# 
_pdbx_validate_rmsd_bond.id                        1 
_pdbx_validate_rmsd_bond.PDB_model_num             1 
_pdbx_validate_rmsd_bond.auth_atom_id_1            "O4'" 
_pdbx_validate_rmsd_bond.auth_asym_id_1            A 
_pdbx_validate_rmsd_bond.auth_comp_id_1            G 
_pdbx_validate_rmsd_bond.auth_seq_id_1             53 
_pdbx_validate_rmsd_bond.PDB_ins_code_1            ? 
_pdbx_validate_rmsd_bond.label_alt_id_1            ? 
_pdbx_validate_rmsd_bond.auth_atom_id_2            "C1'" 
_pdbx_validate_rmsd_bond.auth_asym_id_2            A 
_pdbx_validate_rmsd_bond.auth_comp_id_2            G 
_pdbx_validate_rmsd_bond.auth_seq_id_2             53 
_pdbx_validate_rmsd_bond.PDB_ins_code_2            ? 
_pdbx_validate_rmsd_bond.label_alt_id_2            ? 
_pdbx_validate_rmsd_bond.bond_value                1.490 
_pdbx_validate_rmsd_bond.bond_target_value         1.415 
_pdbx_validate_rmsd_bond.bond_deviation            0.075 
_pdbx_validate_rmsd_bond.bond_standard_deviation   0.012 
_pdbx_validate_rmsd_bond.linker_flag               N 
# 
loop_
_pdbx_validate_rmsd_angle.id 
_pdbx_validate_rmsd_angle.PDB_model_num 
_pdbx_validate_rmsd_angle.auth_atom_id_1 
_pdbx_validate_rmsd_angle.auth_asym_id_1 
_pdbx_validate_rmsd_angle.auth_comp_id_1 
_pdbx_validate_rmsd_angle.auth_seq_id_1 
_pdbx_validate_rmsd_angle.PDB_ins_code_1 
_pdbx_validate_rmsd_angle.label_alt_id_1 
_pdbx_validate_rmsd_angle.auth_atom_id_2 
_pdbx_validate_rmsd_angle.auth_asym_id_2 
_pdbx_validate_rmsd_angle.auth_comp_id_2 
_pdbx_validate_rmsd_angle.auth_seq_id_2 
_pdbx_validate_rmsd_angle.PDB_ins_code_2 
_pdbx_validate_rmsd_angle.label_alt_id_2 
_pdbx_validate_rmsd_angle.auth_atom_id_3 
_pdbx_validate_rmsd_angle.auth_asym_id_3 
_pdbx_validate_rmsd_angle.auth_comp_id_3 
_pdbx_validate_rmsd_angle.auth_seq_id_3 
_pdbx_validate_rmsd_angle.PDB_ins_code_3 
_pdbx_validate_rmsd_angle.label_alt_id_3 
_pdbx_validate_rmsd_angle.angle_value 
_pdbx_validate_rmsd_angle.angle_target_value 
_pdbx_validate_rmsd_angle.angle_deviation 
_pdbx_validate_rmsd_angle.angle_standard_deviation 
_pdbx_validate_rmsd_angle.linker_flag 
1  1 "C4'" A C 7  ? ? "C3'" A C 7  ? ? "O3'" A C 7  ? ? 128.80 113.00 15.80 2.00 N 
2  1 "C3'" A G 18 ? ? "O3'" A G 18 ? ? P     A C 20 ? ? 131.58 119.70 11.88 1.20 Y 
3  1 "C2'" A C 25 ? ? "C3'" A C 25 ? ? "O3'" A C 25 ? ? 126.25 113.70 12.55 1.60 N 
4  1 "C1'" A U 33 ? ? "O4'" A U 33 ? ? "C4'" A U 33 ? ? 104.44 109.70 -5.26 0.70 N 
5  1 "C3'" A A 38 ? ? "O3'" A A 38 ? ? P     A A 39 ? ? 109.86 119.70 -9.84 1.20 Y 
6  1 "C3'" A A 47 ? ? "O3'" A A 47 ? ? P     A G 48 ? ? 112.37 119.70 -7.33 1.20 Y 
7  1 "C1'" A G 53 ? ? "O4'" A G 53 ? ? "C4'" A G 53 ? ? 102.83 109.70 -6.87 0.70 N 
8  1 "C1'" A G 57 ? ? "O4'" A G 57 ? ? "C4'" A G 57 ? ? 104.65 109.70 -5.05 0.70 N 
9  1 "C1'" A C 59 ? ? "O4'" A C 59 ? ? "C4'" A C 59 ? ? 104.02 109.70 -5.68 0.70 N 
10 1 "C1'" A C 70 ? ? "O4'" A C 70 ? ? "C4'" A C 70 ? ? 104.33 109.70 -5.37 0.70 N 
11 1 "C2'" A C 70 ? ? "C3'" A C 70 ? ? "O3'" A C 70 ? ? 127.74 113.70 14.04 1.60 N 
12 1 "C2'" A U 71 ? ? "C3'" A U 71 ? ? "O3'" A U 71 ? ? 129.42 113.70 15.72 1.60 N 
# 
_em_3d_fitting.id                1 
_em_3d_fitting.entry_id          8UPT 
_em_3d_fitting.method            ? 
_em_3d_fitting.target_criteria   ? 
_em_3d_fitting.details           ? 
_em_3d_fitting.overall_b_value   ? 
_em_3d_fitting.ref_space         ? 
_em_3d_fitting.ref_protocol      ? 
# 
_em_3d_reconstruction.entry_id                    8UPT 
_em_3d_reconstruction.id                          1 
_em_3d_reconstruction.method                      ? 
_em_3d_reconstruction.algorithm                   ? 
_em_3d_reconstruction.citation_id                 ? 
_em_3d_reconstruction.details                     ? 
_em_3d_reconstruction.resolution                  2.8 
_em_3d_reconstruction.resolution_method           'FSC 0.143 CUT-OFF' 
_em_3d_reconstruction.magnification_calibration   ? 
_em_3d_reconstruction.nominal_pixel_size          ? 
_em_3d_reconstruction.actual_pixel_size           ? 
_em_3d_reconstruction.num_particles               2386471 
_em_3d_reconstruction.euler_angles_details        ? 
_em_3d_reconstruction.num_class_averages          ? 
_em_3d_reconstruction.refinement_type             ? 
_em_3d_reconstruction.image_processing_id         1 
_em_3d_reconstruction.symmetry_type               POINT 
# 
_em_buffer.id            1 
_em_buffer.specimen_id   1 
_em_buffer.name          ? 
_em_buffer.details       ? 
_em_buffer.pH            7.4 
# 
_em_entity_assembly.id                   1 
_em_entity_assembly.parent_id            0 
_em_entity_assembly.source               RECOMBINANT 
_em_entity_assembly.type                 COMPLEX 
_em_entity_assembly.name                 'Complex of tRNAPyl in the A-site of the E. coli ribosome' 
_em_entity_assembly.details              ? 
_em_entity_assembly.synonym              ? 
_em_entity_assembly.oligomeric_details   ? 
_em_entity_assembly.entity_id_list       1 
# 
_em_imaging.entry_id                        8UPT 
_em_imaging.id                              1 
_em_imaging.astigmatism                     ? 
_em_imaging.electron_beam_tilt_params       ? 
_em_imaging.residual_tilt                   ? 
_em_imaging.microscope_model                'FEI TITAN KRIOS' 
_em_imaging.specimen_holder_type            ? 
_em_imaging.specimen_holder_model           ? 
_em_imaging.details                         ? 
_em_imaging.date                            ? 
_em_imaging.accelerating_voltage            300 
_em_imaging.illumination_mode               'FLOOD BEAM' 
_em_imaging.mode                            'BRIGHT FIELD' 
_em_imaging.nominal_cs                      ? 
_em_imaging.nominal_defocus_min             1000 
_em_imaging.nominal_defocus_max             2000 
_em_imaging.calibrated_defocus_min          ? 
_em_imaging.calibrated_defocus_max          ? 
_em_imaging.tilt_angle_min                  ? 
_em_imaging.tilt_angle_max                  ? 
_em_imaging.nominal_magnification           ? 
_em_imaging.calibrated_magnification        ? 
_em_imaging.electron_source                 'FIELD EMISSION GUN' 
_em_imaging.citation_id                     ? 
_em_imaging.temperature                     ? 
_em_imaging.detector_distance               ? 
_em_imaging.recording_temperature_minimum   ? 
_em_imaging.recording_temperature_maximum   ? 
_em_imaging.alignment_procedure             ? 
_em_imaging.c2_aperture_diameter            ? 
_em_imaging.specimen_id                     1 
_em_imaging.cryogen                         ? 
# 
_em_sample_support.id               1 
_em_sample_support.film_material    ? 
_em_sample_support.method           ? 
_em_sample_support.grid_material    GOLD 
_em_sample_support.grid_mesh_size   300 
_em_sample_support.grid_type        'Quantifoil R2/2' 
_em_sample_support.details          ? 
_em_sample_support.specimen_id      1 
_em_sample_support.citation_id      ? 
# 
_em_vitrification.entry_id              8UPT 
_em_vitrification.id                    1 
_em_vitrification.specimen_id           1 
_em_vitrification.cryogen_name          ETHANE-PROPANE 
_em_vitrification.humidity              ? 
_em_vitrification.temp                  ? 
_em_vitrification.chamber_temperature   ? 
_em_vitrification.instrument            'FEI VITROBOT MARK IV' 
_em_vitrification.method                ? 
_em_vitrification.time_resolved_state   ? 
_em_vitrification.citation_id           ? 
_em_vitrification.details               'blot for 3 seconds before plunging' 
# 
_em_experiment.entry_id                8UPT 
_em_experiment.id                      1 
_em_experiment.reconstruction_method   'SINGLE PARTICLE' 
_em_experiment.aggregation_state       '3D ARRAY' 
_em_experiment.entity_assembly_id      1 
# 
loop_
_chem_comp_atom.comp_id 
_chem_comp_atom.atom_id 
_chem_comp_atom.type_symbol 
_chem_comp_atom.pdbx_aromatic_flag 
_chem_comp_atom.pdbx_stereo_config 
_chem_comp_atom.pdbx_ordinal 
A OP3    O N N 1   
A P      P N N 2   
A OP1    O N N 3   
A OP2    O N N 4   
A "O5'"  O N N 5   
A "C5'"  C N N 6   
A "C4'"  C N R 7   
A "O4'"  O N N 8   
A "C3'"  C N S 9   
A "O3'"  O N N 10  
A "C2'"  C N R 11  
A "O2'"  O N N 12  
A "C1'"  C N R 13  
A N9     N Y N 14  
A C8     C Y N 15  
A N7     N Y N 16  
A C5     C Y N 17  
A C6     C Y N 18  
A N6     N N N 19  
A N1     N Y N 20  
A C2     C Y N 21  
A N3     N Y N 22  
A C4     C Y N 23  
A HOP3   H N N 24  
A HOP2   H N N 25  
A "H5'"  H N N 26  
A "H5''" H N N 27  
A "H4'"  H N N 28  
A "H3'"  H N N 29  
A "HO3'" H N N 30  
A "H2'"  H N N 31  
A "HO2'" H N N 32  
A "H1'"  H N N 33  
A H8     H N N 34  
A H61    H N N 35  
A H62    H N N 36  
A H2     H N N 37  
C OP3    O N N 38  
C P      P N N 39  
C OP1    O N N 40  
C OP2    O N N 41  
C "O5'"  O N N 42  
C "C5'"  C N N 43  
C "C4'"  C N R 44  
C "O4'"  O N N 45  
C "C3'"  C N S 46  
C "O3'"  O N N 47  
C "C2'"  C N R 48  
C "O2'"  O N N 49  
C "C1'"  C N R 50  
C N1     N N N 51  
C C2     C N N 52  
C O2     O N N 53  
C N3     N N N 54  
C C4     C N N 55  
C N4     N N N 56  
C C5     C N N 57  
C C6     C N N 58  
C HOP3   H N N 59  
C HOP2   H N N 60  
C "H5'"  H N N 61  
C "H5''" H N N 62  
C "H4'"  H N N 63  
C "H3'"  H N N 64  
C "HO3'" H N N 65  
C "H2'"  H N N 66  
C "HO2'" H N N 67  
C "H1'"  H N N 68  
C H41    H N N 69  
C H42    H N N 70  
C H5     H N N 71  
C H6     H N N 72  
G OP3    O N N 73  
G P      P N N 74  
G OP1    O N N 75  
G OP2    O N N 76  
G "O5'"  O N N 77  
G "C5'"  C N N 78  
G "C4'"  C N R 79  
G "O4'"  O N N 80  
G "C3'"  C N S 81  
G "O3'"  O N N 82  
G "C2'"  C N R 83  
G "O2'"  O N N 84  
G "C1'"  C N R 85  
G N9     N Y N 86  
G C8     C Y N 87  
G N7     N Y N 88  
G C5     C Y N 89  
G C6     C N N 90  
G O6     O N N 91  
G N1     N N N 92  
G C2     C N N 93  
G N2     N N N 94  
G N3     N N N 95  
G C4     C Y N 96  
G HOP3   H N N 97  
G HOP2   H N N 98  
G "H5'"  H N N 99  
G "H5''" H N N 100 
G "H4'"  H N N 101 
G "H3'"  H N N 102 
G "HO3'" H N N 103 
G "H2'"  H N N 104 
G "HO2'" H N N 105 
G "H1'"  H N N 106 
G H8     H N N 107 
G H1     H N N 108 
G H21    H N N 109 
G H22    H N N 110 
U OP3    O N N 111 
U P      P N N 112 
U OP1    O N N 113 
U OP2    O N N 114 
U "O5'"  O N N 115 
U "C5'"  C N N 116 
U "C4'"  C N R 117 
U "O4'"  O N N 118 
U "C3'"  C N S 119 
U "O3'"  O N N 120 
U "C2'"  C N R 121 
U "O2'"  O N N 122 
U "C1'"  C N R 123 
U N1     N N N 124 
U C2     C N N 125 
U O2     O N N 126 
U N3     N N N 127 
U C4     C N N 128 
U O4     O N N 129 
U C5     C N N 130 
U C6     C N N 131 
U HOP3   H N N 132 
U HOP2   H N N 133 
U "H5'"  H N N 134 
U "H5''" H N N 135 
U "H4'"  H N N 136 
U "H3'"  H N N 137 
U "HO3'" H N N 138 
U "H2'"  H N N 139 
U "HO2'" H N N 140 
U "H1'"  H N N 141 
U H3     H N N 142 
U H5     H N N 143 
U H6     H N N 144 
# 
loop_
_chem_comp_bond.comp_id 
_chem_comp_bond.atom_id_1 
_chem_comp_bond.atom_id_2 
_chem_comp_bond.value_order 
_chem_comp_bond.pdbx_aromatic_flag 
_chem_comp_bond.pdbx_stereo_config 
_chem_comp_bond.pdbx_ordinal 
A OP3   P      sing N N 1   
A OP3   HOP3   sing N N 2   
A P     OP1    doub N N 3   
A P     OP2    sing N N 4   
A P     "O5'"  sing N N 5   
A OP2   HOP2   sing N N 6   
A "O5'" "C5'"  sing N N 7   
A "C5'" "C4'"  sing N N 8   
A "C5'" "H5'"  sing N N 9   
A "C5'" "H5''" sing N N 10  
A "C4'" "O4'"  sing N N 11  
A "C4'" "C3'"  sing N N 12  
A "C4'" "H4'"  sing N N 13  
A "O4'" "C1'"  sing N N 14  
A "C3'" "O3'"  sing N N 15  
A "C3'" "C2'"  sing N N 16  
A "C3'" "H3'"  sing N N 17  
A "O3'" "HO3'" sing N N 18  
A "C2'" "O2'"  sing N N 19  
A "C2'" "C1'"  sing N N 20  
A "C2'" "H2'"  sing N N 21  
A "O2'" "HO2'" sing N N 22  
A "C1'" N9     sing N N 23  
A "C1'" "H1'"  sing N N 24  
A N9    C8     sing Y N 25  
A N9    C4     sing Y N 26  
A C8    N7     doub Y N 27  
A C8    H8     sing N N 28  
A N7    C5     sing Y N 29  
A C5    C6     sing Y N 30  
A C5    C4     doub Y N 31  
A C6    N6     sing N N 32  
A C6    N1     doub Y N 33  
A N6    H61    sing N N 34  
A N6    H62    sing N N 35  
A N1    C2     sing Y N 36  
A C2    N3     doub Y N 37  
A C2    H2     sing N N 38  
A N3    C4     sing Y N 39  
C OP3   P      sing N N 40  
C OP3   HOP3   sing N N 41  
C P     OP1    doub N N 42  
C P     OP2    sing N N 43  
C P     "O5'"  sing N N 44  
C OP2   HOP2   sing N N 45  
C "O5'" "C5'"  sing N N 46  
C "C5'" "C4'"  sing N N 47  
C "C5'" "H5'"  sing N N 48  
C "C5'" "H5''" sing N N 49  
C "C4'" "O4'"  sing N N 50  
C "C4'" "C3'"  sing N N 51  
C "C4'" "H4'"  sing N N 52  
C "O4'" "C1'"  sing N N 53  
C "C3'" "O3'"  sing N N 54  
C "C3'" "C2'"  sing N N 55  
C "C3'" "H3'"  sing N N 56  
C "O3'" "HO3'" sing N N 57  
C "C2'" "O2'"  sing N N 58  
C "C2'" "C1'"  sing N N 59  
C "C2'" "H2'"  sing N N 60  
C "O2'" "HO2'" sing N N 61  
C "C1'" N1     sing N N 62  
C "C1'" "H1'"  sing N N 63  
C N1    C2     sing N N 64  
C N1    C6     sing N N 65  
C C2    O2     doub N N 66  
C C2    N3     sing N N 67  
C N3    C4     doub N N 68  
C C4    N4     sing N N 69  
C C4    C5     sing N N 70  
C N4    H41    sing N N 71  
C N4    H42    sing N N 72  
C C5    C6     doub N N 73  
C C5    H5     sing N N 74  
C C6    H6     sing N N 75  
G OP3   P      sing N N 76  
G OP3   HOP3   sing N N 77  
G P     OP1    doub N N 78  
G P     OP2    sing N N 79  
G P     "O5'"  sing N N 80  
G OP2   HOP2   sing N N 81  
G "O5'" "C5'"  sing N N 82  
G "C5'" "C4'"  sing N N 83  
G "C5'" "H5'"  sing N N 84  
G "C5'" "H5''" sing N N 85  
G "C4'" "O4'"  sing N N 86  
G "C4'" "C3'"  sing N N 87  
G "C4'" "H4'"  sing N N 88  
G "O4'" "C1'"  sing N N 89  
G "C3'" "O3'"  sing N N 90  
G "C3'" "C2'"  sing N N 91  
G "C3'" "H3'"  sing N N 92  
G "O3'" "HO3'" sing N N 93  
G "C2'" "O2'"  sing N N 94  
G "C2'" "C1'"  sing N N 95  
G "C2'" "H2'"  sing N N 96  
G "O2'" "HO2'" sing N N 97  
G "C1'" N9     sing N N 98  
G "C1'" "H1'"  sing N N 99  
G N9    C8     sing Y N 100 
G N9    C4     sing Y N 101 
G C8    N7     doub Y N 102 
G C8    H8     sing N N 103 
G N7    C5     sing Y N 104 
G C5    C6     sing N N 105 
G C5    C4     doub Y N 106 
G C6    O6     doub N N 107 
G C6    N1     sing N N 108 
G N1    C2     sing N N 109 
G N1    H1     sing N N 110 
G C2    N2     sing N N 111 
G C2    N3     doub N N 112 
G N2    H21    sing N N 113 
G N2    H22    sing N N 114 
G N3    C4     sing N N 115 
U OP3   P      sing N N 116 
U OP3   HOP3   sing N N 117 
U P     OP1    doub N N 118 
U P     OP2    sing N N 119 
U P     "O5'"  sing N N 120 
U OP2   HOP2   sing N N 121 
U "O5'" "C5'"  sing N N 122 
U "C5'" "C4'"  sing N N 123 
U "C5'" "H5'"  sing N N 124 
U "C5'" "H5''" sing N N 125 
U "C4'" "O4'"  sing N N 126 
U "C4'" "C3'"  sing N N 127 
U "C4'" "H4'"  sing N N 128 
U "O4'" "C1'"  sing N N 129 
U "C3'" "O3'"  sing N N 130 
U "C3'" "C2'"  sing N N 131 
U "C3'" "H3'"  sing N N 132 
U "O3'" "HO3'" sing N N 133 
U "C2'" "O2'"  sing N N 134 
U "C2'" "C1'"  sing N N 135 
U "C2'" "H2'"  sing N N 136 
U "O2'" "HO2'" sing N N 137 
U "C1'" N1     sing N N 138 
U "C1'" "H1'"  sing N N 139 
U N1    C2     sing N N 140 
U N1    C6     sing N N 141 
U C2    O2     doub N N 142 
U C2    N3     sing N N 143 
U N3    C4     sing N N 144 
U N3    H3     sing N N 145 
U C4    O4     doub N N 146 
U C4    C5     sing N N 147 
U C5    C6     doub N N 148 
U C5    H5     sing N N 149 
U C6    H6     sing N N 150 
# 
_em_ctf_correction.details                  ? 
_em_ctf_correction.em_image_processing_id   1 
_em_ctf_correction.id                       1 
_em_ctf_correction.type                     'PHASE FLIPPING AND AMPLITUDE CORRECTION' 
# 
_em_entity_assembly_naturalsource.cell                 ? 
_em_entity_assembly_naturalsource.cellular_location    ? 
_em_entity_assembly_naturalsource.entity_assembly_id   1 
_em_entity_assembly_naturalsource.id                   2 
_em_entity_assembly_naturalsource.ncbi_tax_id          905931 
_em_entity_assembly_naturalsource.organism             'in vitro transcription vector pT7-TP(deltai)' 
_em_entity_assembly_naturalsource.organelle            ? 
_em_entity_assembly_naturalsource.organ                ? 
_em_entity_assembly_naturalsource.strain               ? 
_em_entity_assembly_naturalsource.tissue               ? 
_em_entity_assembly_naturalsource.details              ? 
# 
_em_entity_assembly_recombinant.cell                 ? 
_em_entity_assembly_recombinant.entity_assembly_id   1 
_em_entity_assembly_recombinant.id                   2 
_em_entity_assembly_recombinant.ncbi_tax_id          905931 
_em_entity_assembly_recombinant.organism             'in vitro transcription vector pT7-TP(deltai)' 
_em_entity_assembly_recombinant.plasmid              ? 
_em_entity_assembly_recombinant.strain               ? 
# 
_em_image_processing.details              ? 
_em_image_processing.id                   1 
_em_image_processing.image_recording_id   1 
# 
_em_image_recording.average_exposure_time               ? 
_em_image_recording.avg_electron_dose_per_subtomogram   ? 
_em_image_recording.avg_electron_dose_per_image         40 
_em_image_recording.details                             ? 
_em_image_recording.detector_mode                       ? 
_em_image_recording.film_or_detector_model              'GATAN K3 (6k x 4k)' 
_em_image_recording.id                                  1 
_em_image_recording.imaging_id                          1 
_em_image_recording.num_diffraction_images              ? 
_em_image_recording.num_grids_imaged                    ? 
_em_image_recording.num_real_images                     ? 
# 
loop_
_em_software.category 
_em_software.details 
_em_software.id 
_em_software.image_processing_id 
_em_software.fitting_id 
_em_software.imaging_id 
_em_software.name 
_em_software.version 
'PARTICLE SELECTION'            ? 1  1 ? ? ?       ? 
'IMAGE ACQUISITION'             ? 2  ? ? 1 ?       ? 
MASKING                         ? 3  ? ? ? ?       ? 
'CTF CORRECTION'                ? 4  1 ? ? CTFFIND 4 
'LAYERLINE INDEXING'            ? 5  ? ? ? ?       ? 
'DIFFRACTION INDEXING'          ? 6  ? ? ? ?       ? 
'MODEL FITTING'                 ? 7  ? ? ? ?       ? 
'MODEL REFINEMENT'              ? 8  ? ? ? ?       ? 
OTHER                           ? 9  ? ? ? ?       ? 
'INITIAL EULER ASSIGNMENT'      ? 10 1 ? ? ?       ? 
'FINAL EULER ASSIGNMENT'        ? 11 1 ? ? ?       ? 
CLASSIFICATION                  ? 12 1 ? ? ?       ? 
RECONSTRUCTION                  ? 13 1 ? ? ?       ? 
'VOLUME SELECTION'              ? 14 1 1 1 ?       ? 
'SERIES ALIGNMENT'              ? 15 1 1 1 ?       ? 
'MOLECULAR REPLACEMENT'         ? 16 1 1 1 ?       ? 
'LATTICE DISTORTION CORRECTION' ? 17 1 1 1 ?       ? 
'SYMMETRY DETERMINATION'        ? 18 1 1 1 ?       ? 
'CRYSTALLOGRAPHY MERGING'       ? 19 1 1 1 ?       ? 
# 
_em_specimen.concentration           ? 
_em_specimen.details                 ? 
_em_specimen.embedding_applied       NO 
_em_specimen.experiment_id           1 
_em_specimen.id                      1 
_em_specimen.shadowing_applied       NO 
_em_specimen.staining_applied        NO 
_em_specimen.vitrification_applied   YES 
# 
loop_
_ndb_struct_conf_na.entry_id 
_ndb_struct_conf_na.feature 
8UPT 'double helix'         
8UPT 'a-form double helix'  
8UPT 'parallel strands'     
8UPT 'hairpin loop'         
8UPT 'bulge loop'           
8UPT 'mismatched base pair' 
8UPT 'triple helix'         
# 
loop_
_ndb_struct_na_base_pair.model_number 
_ndb_struct_na_base_pair.i_label_asym_id 
_ndb_struct_na_base_pair.i_label_comp_id 
_ndb_struct_na_base_pair.i_label_seq_id 
_ndb_struct_na_base_pair.i_symmetry 
_ndb_struct_na_base_pair.j_label_asym_id 
_ndb_struct_na_base_pair.j_label_comp_id 
_ndb_struct_na_base_pair.j_label_seq_id 
_ndb_struct_na_base_pair.j_symmetry 
_ndb_struct_na_base_pair.shear 
_ndb_struct_na_base_pair.stretch 
_ndb_struct_na_base_pair.stagger 
_ndb_struct_na_base_pair.buckle 
_ndb_struct_na_base_pair.propeller 
_ndb_struct_na_base_pair.opening 
_ndb_struct_na_base_pair.pair_number 
_ndb_struct_na_base_pair.pair_name 
_ndb_struct_na_base_pair.i_auth_asym_id 
_ndb_struct_na_base_pair.i_auth_seq_id 
_ndb_struct_na_base_pair.i_PDB_ins_code 
_ndb_struct_na_base_pair.j_auth_asym_id 
_ndb_struct_na_base_pair.j_auth_seq_id 
_ndb_struct_na_base_pair.j_PDB_ins_code 
_ndb_struct_na_base_pair.hbond_type_28 
_ndb_struct_na_base_pair.hbond_type_12 
1 A G 1  1_555 A C 67 1_555 0.019  -1.585 -1.245 10.984  -1.820  -23.116  1  A_G1:C72_A  A 1  ? A 72 ? 22 1 
1 A G 2  1_555 A U 66 1_555 -1.433 -1.601 -0.378 7.286   -19.155 -4.003   2  A_G2:U71_A  A 2  ? A 71 ? ?  ? 
1 A G 3  1_555 A C 65 1_555 -0.371 -1.464 -0.071 0.592   -19.583 -0.738   3  A_G3:C70_A  A 3  ? A 70 ? 22 1 
1 A G 4  1_555 A U 64 1_555 -2.162 -2.039 -0.937 4.646   -13.086 -9.021   4  A_G4:U69_A  A 4  ? A 69 ? ?  ? 
1 A G 5  1_555 A C 63 1_555 -0.726 -2.114 0.376  -0.100  -16.409 -15.661  5  A_G5:C68_A  A 5  ? A 68 ? ?  3 
1 A A 6  1_555 A U 62 1_555 -1.202 -2.132 1.051  -2.931  -27.440 -3.010   6  A_A6:U67_A  A 6  ? A 67 ? ?  1 
1 A C 7  1_555 A G 61 1_555 0.058  0.096  0.060  -3.066  -0.592  9.787    7  A_C7:G66_A  A 7  ? A 66 ? 19 1 
1 A C 44 1_555 A G 60 1_555 0.332  -0.049 0.939  -20.694 0.719   -6.978   8  A_C49:G65_A A 49 ? A 65 ? 19 1 
1 A G 45 1_555 A C 59 1_555 -0.315 0.414  -0.932 -13.399 -20.032 10.155   9  A_G50:C64_A A 50 ? A 64 ? 19 1 
1 A G 47 1_555 A C 57 1_555 -0.383 0.485  -0.127 -5.380  -9.246  19.390   10 A_G52:C62_A A 52 ? A 62 ? 22 1 
1 A G 48 1_555 A C 56 1_555 0.330  -1.259 -0.246 -14.866 -3.787  -16.945  11 A_G53:C61_A A 53 ? A 61 ? 22 1 
1 A U 49 1_555 A A 53 1_555 4.272  -1.970 0.443  2.375   11.689  -108.674 12 A_U54:A58_A A 54 ? A 58 ? 24 4 
1 A U 50 1_555 A G 13 1_555 0.143  -4.277 0.080  27.533  -7.644  -96.783  13 A_U55:G17_A A 55 ? A 17 ? ?  ? 
1 A G 16 1_555 A C 11 1_555 -1.653 -0.663 -0.743 -10.976 -29.812 -4.194   14 A_G22:C13_A A 22 ? A 13 ? 19 1 
1 A A 17 1_555 A U 10 1_555 2.162  -0.186 -0.532 2.943   -7.872  -22.408  15 A_A23:U12_A A 23 ? A 12 ? 20 1 
1 A C 18 1_555 A G 9  1_555 4.277  -3.758 0.313  11.895  -16.004 -38.644  16 A_C24:G11_A A 24 ? A 11 ? ?  6 
1 A C 19 1_555 A G 8  1_555 0.373  -0.620 -0.179 -28.393 9.076   -13.658  17 A_C25:G10_A A 25 ? A 10 ? ?  1 
1 A G 21 1_555 A C 40 1_555 0.864  0.290  0.974  -3.462  2.153   14.286   18 A_G26:C44_A A 26 ? A 44 ? ?  1 
1 A C 22 1_555 A G 39 1_555 2.200  0.596  1.191  20.335  -16.593 27.770   19 A_C27:G43_A A 27 ? A 43 ? ?  1 
1 A G 23 1_555 A U 37 1_555 -0.154 0.056  0.847  5.857   -13.358 10.253   20 A_G28:U42_A A 28 ? A 42 ? ?  1 
1 A G 24 1_555 A C 36 1_555 0.464  0.069  -0.740 -12.699 -6.257  -16.185  21 A_G29:C41_A A 29 ? A 41 ? 19 1 
1 A G 25 1_555 A C 35 1_555 1.183  0.274  1.193  -0.047  -7.302  0.556    22 A_G30:C40_A A 30 ? A 40 ? 19 1 
1 A G 14 1_555 A C 51 1_555 -0.880 0.232  0.435  -10.845 -15.306 3.510    23 A_G18:C56_A A 18 ? A 56 ? 19 1 
# 
loop_
_ndb_struct_na_base_pair_step.model_number 
_ndb_struct_na_base_pair_step.i_label_asym_id_1 
_ndb_struct_na_base_pair_step.i_label_comp_id_1 
_ndb_struct_na_base_pair_step.i_label_seq_id_1 
_ndb_struct_na_base_pair_step.i_symmetry_1 
_ndb_struct_na_base_pair_step.j_label_asym_id_1 
_ndb_struct_na_base_pair_step.j_label_comp_id_1 
_ndb_struct_na_base_pair_step.j_label_seq_id_1 
_ndb_struct_na_base_pair_step.j_symmetry_1 
_ndb_struct_na_base_pair_step.i_label_asym_id_2 
_ndb_struct_na_base_pair_step.i_label_comp_id_2 
_ndb_struct_na_base_pair_step.i_label_seq_id_2 
_ndb_struct_na_base_pair_step.i_symmetry_2 
_ndb_struct_na_base_pair_step.j_label_asym_id_2 
_ndb_struct_na_base_pair_step.j_label_comp_id_2 
_ndb_struct_na_base_pair_step.j_label_seq_id_2 
_ndb_struct_na_base_pair_step.j_symmetry_2 
_ndb_struct_na_base_pair_step.shift 
_ndb_struct_na_base_pair_step.slide 
_ndb_struct_na_base_pair_step.rise 
_ndb_struct_na_base_pair_step.tilt 
_ndb_struct_na_base_pair_step.roll 
_ndb_struct_na_base_pair_step.twist 
_ndb_struct_na_base_pair_step.x_displacement 
_ndb_struct_na_base_pair_step.y_displacement 
_ndb_struct_na_base_pair_step.helical_rise 
_ndb_struct_na_base_pair_step.inclination 
_ndb_struct_na_base_pair_step.tip 
_ndb_struct_na_base_pair_step.helical_twist 
_ndb_struct_na_base_pair_step.step_number 
_ndb_struct_na_base_pair_step.step_name 
_ndb_struct_na_base_pair_step.i_auth_asym_id_1 
_ndb_struct_na_base_pair_step.i_auth_seq_id_1 
_ndb_struct_na_base_pair_step.i_PDB_ins_code_1 
_ndb_struct_na_base_pair_step.j_auth_asym_id_1 
_ndb_struct_na_base_pair_step.j_auth_seq_id_1 
_ndb_struct_na_base_pair_step.j_PDB_ins_code_1 
_ndb_struct_na_base_pair_step.i_auth_asym_id_2 
_ndb_struct_na_base_pair_step.i_auth_seq_id_2 
_ndb_struct_na_base_pair_step.i_PDB_ins_code_2 
_ndb_struct_na_base_pair_step.j_auth_asym_id_2 
_ndb_struct_na_base_pair_step.j_auth_seq_id_2 
_ndb_struct_na_base_pair_step.j_PDB_ins_code_2 
1 A G 1  1_555 A C 67 1_555 A G 2  1_555 A U 66 1_555 0.431  -1.183 3.761 -7.098  4.958  30.470 -3.184 -2.245 3.349 9.202  13.174  
31.649 1  AA_G1G2:U71C72_AA   A 1  ? A 72 ? A 2  ? A 71 ? 
1 A G 2  1_555 A U 66 1_555 A G 3  1_555 A C 65 1_555 0.368  -1.239 3.528 -4.131  3.350  41.301 -2.119 -0.980 3.371 4.725  5.827   
41.627 2  AA_G2G3:C70U71_AA   A 2  ? A 71 ? A 3  ? A 70 ? 
1 A G 3  1_555 A C 65 1_555 A G 4  1_555 A U 64 1_555 0.397  -2.114 2.796 0.332   10.617 21.632 -7.487 -0.877 1.600 26.340 -0.823  
24.071 3  AA_G3G4:U69C70_AA   A 3  ? A 70 ? A 4  ? A 69 ? 
1 A G 4  1_555 A U 64 1_555 A G 5  1_555 A C 63 1_555 -0.308 -1.384 3.645 -4.255  -3.388 37.241 -1.645 -0.153 3.763 -5.271 6.620   
37.622 4  AA_G4G5:C68U69_AA   A 4  ? A 69 ? A 5  ? A 68 ? 
1 A G 5  1_555 A C 63 1_555 A A 6  1_555 A U 62 1_555 0.981  -2.071 3.166 -3.098  9.489  35.527 -4.404 -1.921 2.460 15.185 4.958   
36.859 5  AA_G5A6:U67C68_AA   A 5  ? A 68 ? A 6  ? A 67 ? 
1 A A 6  1_555 A U 62 1_555 A C 7  1_555 A G 61 1_555 -0.019 -0.764 2.916 2.645   10.961 44.859 -1.785 0.220  2.664 14.102 -3.402  
46.183 6  AA_A6C7:G66U67_AA   A 6  ? A 67 ? A 7  ? A 66 ? 
1 A C 7  1_555 A G 61 1_555 A C 44 1_555 A G 60 1_555 -0.673 -2.312 3.171 -7.257  13.875 34.908 -5.051 0.238  2.219 21.823 11.414  
38.159 7  AA_C7C49:G65G66_AA  A 7  ? A 66 ? A 49 ? A 65 ? 
1 A C 44 1_555 A G 60 1_555 A G 45 1_555 A C 59 1_555 -0.478 -2.112 2.984 12.871  5.839  29.837 -4.548 2.659  2.161 10.623 -23.415 
32.947 8  AA_C49G50:C64G65_AA A 49 ? A 65 ? A 50 ? A 64 ? 
1 A G 45 1_555 A C 59 1_555 A G 47 1_555 A C 57 1_555 0.968  -2.658 6.247 -6.303  14.828 59.746 -3.849 -1.478 5.400 14.599 6.206   
61.686 9  AA_G50G52:C62C64_AA A 50 ? A 64 ? A 52 ? A 62 ? 
1 A G 47 1_555 A C 57 1_555 A G 48 1_555 A C 56 1_555 -0.506 -1.948 3.567 1.222   2.606  37.635 -3.371 0.951  3.412 4.032  -1.891  
37.741 10 AA_G52G53:C61C62_AA A 52 ? A 62 ? A 53 ? A 61 ? 
1 A G 48 1_555 A C 56 1_555 A U 49 1_555 A A 53 1_555 -1.584 -2.049 3.179 -0.254  1.176  92.107 -1.444 1.095  3.162 0.817  0.177   
92.113 11 AA_G53U54:A58C61_AA A 53 ? A 61 ? A 54 ? A 58 ? 
1 A U 49 1_555 A A 53 1_555 A U 50 1_555 A G 13 1_555 2.183  -2.418 2.896 8.437   1.522  37.441 -3.858 -2.327 3.198 2.334  -12.936 
38.376 12 AA_U54U55:G17A58_AA A 54 ? A 58 ? A 55 ? A 17 ? 
1 A G 16 1_555 A C 11 1_555 A A 17 1_555 A U 10 1_555 -0.333 -1.176 3.166 -3.533  3.882  48.884 -1.693 0.146  3.085 4.675  4.255   
49.148 13 AA_G22A23:U12C13_AA A 22 ? A 13 ? A 23 ? A 12 ? 
1 A A 17 1_555 A U 10 1_555 A C 18 1_555 A G 9  1_555 0.340  -1.916 2.848 -8.275  0.882  23.461 -4.673 -2.889 2.510 2.086  19.578  
24.874 14 AA_A23C24:G11U12_AA A 23 ? A 12 ? A 24 ? A 11 ? 
1 A C 18 1_555 A G 9  1_555 A C 19 1_555 A G 8  1_555 0.689  -3.135 4.425 20.741  9.398  31.106 -6.298 2.329  3.224 15.232 -33.616 
38.383 15 AA_C24C25:G10G11_AA A 24 ? A 11 ? A 25 ? A 10 ? 
1 A C 19 1_555 A G 8  1_555 A G 21 1_555 A C 40 1_555 4.678  -2.244 4.840 -0.982  28.563 95.065 -2.149 -3.116 4.191 19.038 0.655   
98.270 16 AA_C25G26:C44G10_AA A 25 ? A 10 ? A 26 ? A 44 ? 
1 A G 21 1_555 A C 40 1_555 A C 22 1_555 A G 39 1_555 -0.073 -0.584 3.141 -0.132  14.734 27.872 -3.617 0.111  2.522 28.229 0.253   
31.459 17 AA_G26C27:G43C44_AA A 26 ? A 44 ? A 27 ? A 43 ? 
1 A C 22 1_555 A G 39 1_555 A G 23 1_555 A U 37 1_555 1.201  -1.592 5.303 -18.438 22.816 51.931 -3.364 -2.632 3.785 24.011 19.404  
59.139 18 AA_C27G28:U42G43_AA A 27 ? A 43 ? A 28 ? A 42 ? 
1 A G 23 1_555 A U 37 1_555 A G 24 1_555 A C 36 1_555 -1.428 -1.624 4.447 9.139   -2.258 30.553 -2.412 4.779  3.972 -4.163 -16.847 
31.937 19 AA_G28G29:C41U42_AA A 28 ? A 42 ? A 29 ? A 41 ? 
1 A G 24 1_555 A C 36 1_555 A G 25 1_555 A C 35 1_555 1.589  -1.552 2.918 -12.158 9.328  41.859 -2.725 -2.979 2.030 12.562 16.373  
44.458 20 AA_G29G30:C40C41_AA A 29 ? A 41 ? A 30 ? A 40 ? 
# 
loop_
_pdbx_audit_support.funding_organization 
_pdbx_audit_support.country 
_pdbx_audit_support.grant_number 
_pdbx_audit_support.ordinal 
'National Institutes of Health/National Institute of General Medical Sciences (NIH/NIGMS)' 'United States' 'R35 GM122560'      1 
'National Institutes of Health/National Institute of General Medical Sciences (NIH/NIGMS)' 'United States' 'R35 GM122560-05S1' 2 
'National Institutes of Health/National Institute of General Medical Sciences (NIH/NIGMS)' 'United States' GM51266             3 
'Department of Energy (DOE, United States)'                                                'United States' DE-FG0298ER2031     4 
'Cystic Fibrosis Foundation'                                                               'United States' PUGLIS20G0          5 
'Knut and Alice Wallenberg Foundation'                                                     Sweden          'KAW 2016.0488'     6 
# 
_atom_sites.entry_id                    8UPT 
_atom_sites.Cartn_transf_matrix[1][1]   ? 
_atom_sites.Cartn_transf_matrix[1][2]   ? 
_atom_sites.Cartn_transf_matrix[1][3]   ? 
_atom_sites.Cartn_transf_matrix[2][1]   ? 
_atom_sites.Cartn_transf_matrix[2][2]   ? 
_atom_sites.Cartn_transf_matrix[2][3]   ? 
_atom_sites.Cartn_transf_matrix[3][1]   ? 
_atom_sites.Cartn_transf_matrix[3][2]   ? 
_atom_sites.Cartn_transf_matrix[3][3]   ? 
_atom_sites.Cartn_transf_vector[1]      ? 
_atom_sites.Cartn_transf_vector[2]      ? 
_atom_sites.Cartn_transf_vector[3]      ? 
_atom_sites.Cartn_transform_axes        ? 
_atom_sites.fract_transf_matrix[1][1]   1.000000 
_atom_sites.fract_transf_matrix[1][2]   0.000000 
_atom_sites.fract_transf_matrix[1][3]   0.000000 
_atom_sites.fract_transf_matrix[2][1]   0.000000 
_atom_sites.fract_transf_matrix[2][2]   1.000000 
_atom_sites.fract_transf_matrix[2][3]   0.000000 
_atom_sites.fract_transf_matrix[3][1]   0.000000 
_atom_sites.fract_transf_matrix[3][2]   0.000000 
_atom_sites.fract_transf_matrix[3][3]   1.000000 
_atom_sites.fract_transf_vector[1]      0.00000 
_atom_sites.fract_transf_vector[2]      0.00000 
_atom_sites.fract_transf_vector[3]      0.00000 
_atom_sites.solution_primary            ? 
_atom_sites.solution_secondary          ? 
_atom_sites.solution_hydrogens          ? 
_atom_sites.special_details             ? 
# 
loop_
_atom_type.symbol 
C 
N 
O 
P 
# 
loop_
_atom_site.group_PDB 
_atom_site.id 
_atom_site.type_symbol 
_atom_site.label_atom_id 
_atom_site.label_alt_id 
_atom_site.label_comp_id 
_atom_site.label_asym_id 
_atom_site.label_entity_id 
_atom_site.label_seq_id 
_atom_site.pdbx_PDB_ins_code 
_atom_site.Cartn_x 
_atom_site.Cartn_y 
_atom_site.Cartn_z 
_atom_site.occupancy 
_atom_site.B_iso_or_equiv 
_atom_site.pdbx_formal_charge 
_atom_site.auth_seq_id 
_atom_site.auth_comp_id 
_atom_site.auth_asym_id 
_atom_site.auth_atom_id 
_atom_site.pdbx_PDB_model_num 
ATOM 1    O OP3   . G A 1 1  ? 28.026  -5.306  -4.245  1.00 303.82 ? 1  G A OP3   1 
ATOM 2    P P     . G A 1 1  ? 27.004  -6.531  -4.462  1.00 303.68 ? 1  G A P     1 
ATOM 3    O OP1   . G A 1 1  ? 25.645  -6.069  -4.062  1.00 303.86 ? 1  G A OP1   1 
ATOM 4    O OP2   . G A 1 1  ? 27.534  -7.788  -3.883  1.00 303.89 ? 1  G A OP2   1 
ATOM 5    O "O5'" . G A 1 1  ? 26.978  -6.719  -6.039  1.00 304.09 ? 1  G A "O5'" 1 
ATOM 6    C "C5'" . G A 1 1  ? 28.018  -6.154  -6.827  1.00 304.42 ? 1  G A "C5'" 1 
ATOM 7    C "C4'" . G A 1 1  ? 27.858  -6.524  -8.272  1.00 304.76 ? 1  G A "C4'" 1 
ATOM 8    O "O4'" . G A 1 1  ? 27.486  -7.910  -8.437  1.00 304.75 ? 1  G A "O4'" 1 
ATOM 9    C "C3'" . G A 1 1  ? 26.711  -5.867  -8.996  1.00 304.86 ? 1  G A "C3'" 1 
ATOM 10   O "O3'" . G A 1 1  ? 26.886  -4.457  -9.166  1.00 305.05 ? 1  G A "O3'" 1 
ATOM 11   C "C2'" . G A 1 1  ? 26.662  -6.701  -10.275 1.00 304.70 ? 1  G A "C2'" 1 
ATOM 12   O "O2'" . G A 1 1  ? 27.738  -6.272  -11.067 1.00 304.69 ? 1  G A "O2'" 1 
ATOM 13   C "C1'" . G A 1 1  ? 27.087  -8.083  -9.779  1.00 304.61 ? 1  G A "C1'" 1 
ATOM 14   N N9    . G A 1 1  ? 26.160  -9.201  -9.911  1.00 304.41 ? 1  G A N9    1 
ATOM 15   C C8    . G A 1 1  ? 25.632  -9.977  -8.911  1.00 304.25 ? 1  G A C8    1 
ATOM 16   N N7    . G A 1 1  ? 24.887  -10.951 -9.357  1.00 303.85 ? 1  G A N7    1 
ATOM 17   C C5    . G A 1 1  ? 24.938  -10.821 -10.736 1.00 303.80 ? 1  G A C5    1 
ATOM 18   C C6    . G A 1 1  ? 24.330  -11.602 -11.769 1.00 303.55 ? 1  G A C6    1 
ATOM 19   O O6    . G A 1 1  ? 23.585  -12.588 -11.663 1.00 303.51 ? 1  G A O6    1 
ATOM 20   N N1    . G A 1 1  ? 24.662  -11.124 -13.030 1.00 303.63 ? 1  G A N1    1 
ATOM 21   C C2    . G A 1 1  ? 25.482  -10.053 -13.273 1.00 304.00 ? 1  G A C2    1 
ATOM 22   N N2    . G A 1 1  ? 25.672  -9.744  -14.558 1.00 304.05 ? 1  G A N2    1 
ATOM 23   N N3    . G A 1 1  ? 26.054  -9.322  -12.329 1.00 304.31 ? 1  G A N3    1 
ATOM 24   C C4    . G A 1 1  ? 25.742  -9.758  -11.092 1.00 304.22 ? 1  G A C4    1 
ATOM 25   P P     . G A 1 2  ? 25.706  -3.352  -9.142  1.00 305.17 ? 2  G A P     1 
ATOM 26   O OP1   . G A 1 2  ? 26.303  -2.012  -9.216  1.00 305.69 ? 2  G A OP1   1 
ATOM 27   O OP2   . G A 1 2  ? 24.800  -3.662  -8.031  1.00 305.32 ? 2  G A OP2   1 
ATOM 28   O "O5'" . G A 1 2  ? 24.954  -3.591  -10.512 1.00 304.28 ? 2  G A "O5'" 1 
ATOM 29   C "C5'" . G A 1 2  ? 25.349  -2.863  -11.656 1.00 303.41 ? 2  G A "C5'" 1 
ATOM 30   C "C4'" . G A 1 2  ? 24.846  -3.492  -12.912 1.00 302.93 ? 2  G A "C4'" 1 
ATOM 31   O "O4'" . G A 1 2  ? 24.964  -4.928  -12.830 1.00 303.04 ? 2  G A "O4'" 1 
ATOM 32   C "C3'" . G A 1 2  ? 23.370  -3.345  -13.146 1.00 302.43 ? 2  G A "C3'" 1 
ATOM 33   O "O3'" . G A 1 2  ? 22.974  -2.050  -13.527 1.00 301.25 ? 2  G A "O3'" 1 
ATOM 34   C "C2'" . G A 1 2  ? 23.177  -4.369  -14.235 1.00 302.72 ? 2  G A "C2'" 1 
ATOM 35   O "O2'" . G A 1 2  ? 23.824  -3.782  -15.327 1.00 302.59 ? 2  G A "O2'" 1 
ATOM 36   C "C1'" . G A 1 2  ? 23.990  -5.524  -13.666 1.00 303.15 ? 2  G A "C1'" 1 
ATOM 37   N N9    . G A 1 2  ? 23.205  -6.440  -12.853 1.00 20.00  ? 2  G A N9    1 
ATOM 38   C C8    . G A 1 2  ? 23.225  -6.543  -11.488 1.00 20.00  ? 2  G A C8    1 
ATOM 39   N N7    . G A 1 2  ? 22.420  -7.458  -11.030 1.00 20.00  ? 2  G A N7    1 
ATOM 40   C C5    . G A 1 2  ? 21.836  -7.996  -12.164 1.00 20.00  ? 2  G A C5    1 
ATOM 41   C C6    . G A 1 2  ? 20.873  -9.018  -12.296 1.00 20.00  ? 2  G A C6    1 
ATOM 42   O O6    . G A 1 2  ? 20.336  -9.682  -11.409 1.00 20.00  ? 2  G A O6    1 
ATOM 43   N N1    . G A 1 2  ? 20.550  -9.254  -13.625 1.00 20.00  ? 2  G A N1    1 
ATOM 44   C C2    . G A 1 2  ? 21.082  -8.576  -14.689 1.00 20.00  ? 2  G A C2    1 
ATOM 45   N N2    . G A 1 2  ? 20.633  -8.938  -15.893 1.00 20.00  ? 2  G A N2    1 
ATOM 46   N N3    . G A 1 2  ? 21.985  -7.614  -14.581 1.00 20.00  ? 2  G A N3    1 
ATOM 47   C C4    . G A 1 2  ? 22.308  -7.375  -13.297 1.00 20.00  ? 2  G A C4    1 
ATOM 48   P P     . G A 1 3  ? 21.652  -1.453  -12.955 1.00 300.17 ? 3  G A P     1 
ATOM 49   O OP1   . G A 1 3  ? 21.582  -0.055  -13.363 1.00 300.30 ? 3  G A OP1   1 
ATOM 50   O OP2   . G A 1 3  ? 21.594  -1.810  -11.533 1.00 299.96 ? 3  G A OP2   1 
ATOM 51   O "O5'" . G A 1 3  ? 20.556  -2.244  -13.781 1.00 298.99 ? 3  G A "O5'" 1 
ATOM 52   C "C5'" . G A 1 3  ? 20.590  -2.173  -15.196 1.00 297.51 ? 3  G A "C5'" 1 
ATOM 53   C "C4'" . G A 1 3  ? 19.634  -3.168  -15.753 1.00 296.37 ? 3  G A "C4'" 1 
ATOM 54   O "O4'" . G A 1 3  ? 20.081  -4.482  -15.373 1.00 295.92 ? 3  G A "O4'" 1 
ATOM 55   C "C3'" . G A 1 3  ? 18.272  -3.133  -15.114 1.00 295.64 ? 3  G A "C3'" 1 
ATOM 56   O "O3'" . G A 1 3  ? 17.517  -1.969  -15.319 1.00 294.75 ? 3  G A "O3'" 1 
ATOM 57   C "C2'" . G A 1 3  ? 17.745  -4.497  -15.486 1.00 295.49 ? 3  G A "C2'" 1 
ATOM 58   O "O2'" . G A 1 3  ? 17.491  -4.750  -16.839 1.00 295.21 ? 3  G A "O2'" 1 
ATOM 59   C "C1'" . G A 1 3  ? 18.963  -5.317  -15.133 1.00 295.53 ? 3  G A "C1'" 1 
ATOM 60   N N9    . G A 1 3  ? 18.932  -5.647  -13.721 1.00 20.00  ? 3  G A N9    1 
ATOM 61   C C8    . G A 1 3  ? 19.649  -5.085  -12.697 1.00 20.00  ? 3  G A C8    1 
ATOM 62   N N7    . G A 1 3  ? 19.374  -5.610  -11.536 1.00 20.00  ? 3  G A N7    1 
ATOM 63   C C5    . G A 1 3  ? 18.415  -6.568  -11.818 1.00 20.00  ? 3  G A C5    1 
ATOM 64   C C6    . G A 1 3  ? 17.744  -7.469  -10.962 1.00 20.00  ? 3  G A C6    1 
ATOM 65   O O6    . G A 1 3  ? 17.856  -7.597  -9.745  1.00 20.00  ? 3  G A O6    1 
ATOM 66   N N1    . G A 1 3  ? 16.853  -8.271  -11.660 1.00 20.00  ? 3  G A N1    1 
ATOM 67   C C2    . G A 1 3  ? 16.638  -8.208  -13.011 1.00 20.00  ? 3  G A C2    1 
ATOM 68   N N2    . G A 1 3  ? 15.716  -9.042  -13.500 1.00 20.00  ? 3  G A N2    1 
ATOM 69   N N3    . G A 1 3  ? 17.265  -7.380  -13.818 1.00 20.00  ? 3  G A N3    1 
ATOM 70   C C4    . G A 1 3  ? 18.136  -6.599  -13.161 1.00 20.00  ? 3  G A C4    1 
ATOM 71   P P     . G A 1 4  ? 16.947  -1.244  -14.071 1.00 293.67 ? 4  G A P     1 
ATOM 72   O OP1   . G A 1 4  ? 17.005  0.207   -14.329 1.00 293.73 ? 4  G A OP1   1 
ATOM 73   O OP2   . G A 1 4  ? 17.611  -1.789  -12.887 1.00 293.71 ? 4  G A OP2   1 
ATOM 74   O "O5'" . G A 1 4  ? 15.476  -1.830  -14.028 1.00 292.52 ? 4  G A "O5'" 1 
ATOM 75   C "C5'" . G A 1 4  ? 14.860  -2.330  -15.207 1.00 291.43 ? 4  G A "C5'" 1 
ATOM 76   C "C4'" . G A 1 4  ? 14.103  -3.586  -14.880 1.00 290.93 ? 4  G A "C4'" 1 
ATOM 77   O "O4'" . G A 1 4  ? 14.984  -4.391  -14.079 1.00 290.98 ? 4  G A "O4'" 1 
ATOM 78   C "C3'" . G A 1 4  ? 12.834  -3.529  -14.056 1.00 290.54 ? 4  G A "C3'" 1 
ATOM 79   O "O3'" . G A 1 4  ? 11.681  -3.004  -14.724 1.00 289.32 ? 4  G A "O3'" 1 
ATOM 80   C "C2'" . G A 1 4  ? 12.723  -5.016  -13.644 1.00 290.80 ? 4  G A "C2'" 1 
ATOM 81   O "O2'" . G A 1 4  ? 12.347  -5.680  -14.839 1.00 290.73 ? 4  G A "O2'" 1 
ATOM 82   C "C1'" . G A 1 4  ? 14.188  -5.455  -13.567 1.00 291.05 ? 4  G A "C1'" 1 
ATOM 83   N N9    . G A 1 4  ? 14.693  -5.731  -12.214 1.00 20.00  ? 4  G A N9    1 
ATOM 84   C C8    . G A 1 4  ? 15.740  -5.137  -11.561 1.00 20.00  ? 4  G A C8    1 
ATOM 85   N N7    . G A 1 4  ? 15.948  -5.630  -10.374 1.00 20.00  ? 4  G A N7    1 
ATOM 86   C C5    . G A 1 4  ? 14.979  -6.610  -10.239 1.00 20.00  ? 4  G A C5    1 
ATOM 87   C C6    . G A 1 4  ? 14.710  -7.493  -9.163  1.00 20.00  ? 4  G A C6    1 
ATOM 88   O O6    . G A 1 4  ? 15.285  -7.575  -8.072  1.00 20.00  ? 4  G A O6    1 
ATOM 89   N N1    . G A 1 4  ? 13.616  -8.309  -9.433  1.00 20.00  ? 4  G A N1    1 
ATOM 90   C C2    . G A 1 4  ? 12.904  -8.302  -10.605 1.00 20.00  ? 4  G A C2    1 
ATOM 91   N N2    . G A 1 4  ? 11.897  -9.167  -10.689 1.00 20.00  ? 4  G A N2    1 
ATOM 92   N N3    . G A 1 4  ? 13.166  -7.508  -11.625 1.00 20.00  ? 4  G A N3    1 
ATOM 93   C C4    . G A 1 4  ? 14.205  -6.691  -11.373 1.00 20.00  ? 4  G A C4    1 
ATOM 94   P P     . G A 1 5  ? 10.707  -2.009  -14.000 1.00 287.94 ? 5  G A P     1 
ATOM 95   O OP1   . G A 1 5  ? 10.465  -0.893  -14.913 1.00 288.27 ? 5  G A OP1   1 
ATOM 96   O OP2   . G A 1 5  ? 11.245  -1.726  -12.662 1.00 287.58 ? 5  G A OP2   1 
ATOM 97   O "O5'" . G A 1 5  ? 9.404   -2.896  -13.855 1.00 286.73 ? 5  G A "O5'" 1 
ATOM 98   C "C5'" . G A 1 5  ? 8.685   -2.871  -12.627 1.00 285.23 ? 5  G A "C5'" 1 
ATOM 99   C "C4'" . G A 1 5  ? 8.794   -4.185  -11.916 1.00 284.16 ? 5  G A "C4'" 1 
ATOM 100  O "O4'" . G A 1 5  ? 10.147  -4.408  -11.472 1.00 283.71 ? 5  G A "O4'" 1 
ATOM 101  C "C3'" . G A 1 5  ? 8.080   -4.208  -10.590 1.00 283.49 ? 5  G A "C3'" 1 
ATOM 102  O "O3'" . G A 1 5  ? 6.671   -4.087  -10.717 1.00 282.46 ? 5  G A "O3'" 1 
ATOM 103  C "C2'" . G A 1 5  ? 8.675   -5.461  -9.978  1.00 283.50 ? 5  G A "C2'" 1 
ATOM 104  O "O2'" . G A 1 5  ? 8.269   -6.544  -10.754 1.00 283.63 ? 5  G A "O2'" 1 
ATOM 105  C "C1'" . G A 1 5  ? 10.124  -5.331  -10.406 1.00 283.23 ? 5  G A "C1'" 1 
ATOM 106  N N9    . G A 1 5  ? 11.005  -4.871  -9.349  1.00 282.79 ? 5  G A N9    1 
ATOM 107  C C8    . G A 1 5  ? 11.959  -3.888  -9.403  1.00 282.58 ? 5  G A C8    1 
ATOM 108  N N7    . G A 1 5  ? 12.623  -3.761  -8.291  1.00 282.40 ? 5  G A N7    1 
ATOM 109  C C5    . G A 1 5  ? 12.081  -4.725  -7.456  1.00 282.41 ? 5  G A C5    1 
ATOM 110  C C6    . G A 1 5  ? 12.403  -5.072  -6.120  1.00 282.30 ? 5  G A C6    1 
ATOM 111  O O6    . G A 1 5  ? 13.257  -4.581  -5.382  1.00 282.16 ? 5  G A O6    1 
ATOM 112  N N1    . G A 1 5  ? 11.615  -6.119  -5.659  1.00 282.56 ? 5  G A N1    1 
ATOM 113  C C2    . G A 1 5  ? 10.654  -6.760  -6.396  1.00 283.03 ? 5  G A C2    1 
ATOM 114  N N2    . G A 1 5  ? 9.991   -7.740  -5.774  1.00 283.25 ? 5  G A N2    1 
ATOM 115  N N3    . G A 1 5  ? 10.348  -6.448  -7.642  1.00 282.98 ? 5  G A N3    1 
ATOM 116  C C4    . G A 1 5  ? 11.088  -5.423  -8.103  1.00 282.67 ? 5  G A C4    1 
ATOM 117  P P     . A A 1 6  ? 5.945   -2.876  -9.992  1.00 281.48 ? 6  A A P     1 
ATOM 118  O OP1   . A A 1 6  ? 4.503   -3.080  -10.123 1.00 281.59 ? 6  A A OP1   1 
ATOM 119  O OP2   . A A 1 6  ? 6.564   -1.628  -10.436 1.00 281.65 ? 6  A A OP2   1 
ATOM 120  O "O5'" . A A 1 6  ? 6.169   -3.165  -8.458  1.00 281.04 ? 6  A A "O5'" 1 
ATOM 121  C "C5'" . A A 1 6  ? 5.439   -4.245  -7.884  1.00 280.49 ? 6  A A "C5'" 1 
ATOM 122  C "C4'" . A A 1 6  ? 6.054   -4.664  -6.582  1.00 280.28 ? 6  A A "C4'" 1 
ATOM 123  O "O4'" . A A 1 6  ? 7.480   -4.505  -6.613  1.00 280.00 ? 6  A A "O4'" 1 
ATOM 124  C "C3'" . A A 1 6  ? 5.731   -3.805  -5.381  1.00 279.82 ? 6  A A "C3'" 1 
ATOM 125  O "O3'" . A A 1 6  ? 4.341   -3.907  -5.094  1.00 279.57 ? 6  A A "O3'" 1 
ATOM 126  C "C2'" . A A 1 6  ? 6.766   -4.327  -4.385  1.00 279.62 ? 6  A A "C2'" 1 
ATOM 127  O "O2'" . A A 1 6  ? 6.484   -5.566  -3.781  1.00 279.75 ? 6  A A "O2'" 1 
ATOM 128  C "C1'" . A A 1 6  ? 7.954   -4.616  -5.303  1.00 279.21 ? 6  A A "C1'" 1 
ATOM 129  N N9    . A A 1 6  ? 9.054   -3.693  -5.115  1.00 20.00  ? 6  A A N9    1 
ATOM 130  C C8    . A A 1 6  ? 9.548   -2.789  -6.014  1.00 20.00  ? 6  A A C8    1 
ATOM 131  N N7    . A A 1 6  ? 10.577  -2.114  -5.572  1.00 20.00  ? 6  A A N7    1 
ATOM 132  C C5    . A A 1 6  ? 10.772  -2.606  -4.292  1.00 20.00  ? 6  A A C5    1 
ATOM 133  C C6    . A A 1 6  ? 11.698  -2.287  -3.291  1.00 20.00  ? 6  A A C6    1 
ATOM 134  N N6    . A A 1 6  ? 12.644  -1.363  -3.425  1.00 20.00  ? 6  A A N6    1 
ATOM 135  N N1    . A A 1 6  ? 11.605  -2.943  -2.119  1.00 20.00  ? 6  A A N1    1 
ATOM 136  C C2    . A A 1 6  ? 10.652  -3.870  -1.983  1.00 20.00  ? 6  A A C2    1 
ATOM 137  N N3    . A A 1 6  ? 9.730   -4.263  -2.853  1.00 20.00  ? 6  A A N3    1 
ATOM 138  C C4    . A A 1 6  ? 9.841   -3.578  -4.000  1.00 20.00  ? 6  A A C4    1 
ATOM 139  P P     . C A 1 7  ? 3.544   -2.625  -4.538  1.00 278.94 ? 7  C A P     1 
ATOM 140  O OP1   . C A 1 7  ? 2.143   -3.018  -4.484  1.00 279.14 ? 7  C A OP1   1 
ATOM 141  O OP2   . C A 1 7  ? 3.887   -1.467  -5.366  1.00 278.63 ? 7  C A OP2   1 
ATOM 142  O "O5'" . C A 1 7  ? 4.166   -2.419  -3.079  1.00 279.07 ? 7  C A "O5'" 1 
ATOM 143  C "C5'" . C A 1 7  ? 3.384   -2.417  -1.847  1.00 279.34 ? 7  C A "C5'" 1 
ATOM 144  C "C4'" . C A 1 7  ? 4.220   -2.559  -0.583  1.00 279.44 ? 7  C A "C4'" 1 
ATOM 145  O "O4'" . C A 1 7  ? 5.575   -2.908  -0.959  1.00 279.56 ? 7  C A "O4'" 1 
ATOM 146  C "C3'" . C A 1 7  ? 4.299   -1.341  0.347   1.00 279.34 ? 7  C A "C3'" 1 
ATOM 147  O "O3'" . C A 1 7  ? 4.194   -1.294  1.796   1.00 278.83 ? 7  C A "O3'" 1 
ATOM 148  C "C2'" . C A 1 7  ? 5.710   -0.797  0.089   1.00 279.51 ? 7  C A "C2'" 1 
ATOM 149  O "O2'" . C A 1 7  ? 6.478   -0.211  1.125   1.00 279.55 ? 7  C A "O2'" 1 
ATOM 150  C "C1'" . C A 1 7  ? 6.496   -2.011  -0.403  1.00 279.75 ? 7  C A "C1'" 1 
ATOM 151  N N1    . C A 1 7  ? 7.414   -1.674  -1.490  1.00 20.00  ? 7  C A N1    1 
ATOM 152  C C2    . C A 1 7  ? 8.675   -1.179  -1.176  1.00 20.00  ? 7  C A C2    1 
ATOM 153  O O2    . C A 1 7  ? 9.045   -1.182  -0.001  1.00 20.00  ? 7  C A O2    1 
ATOM 154  N N3    . C A 1 7  ? 9.474   -0.735  -2.162  1.00 20.00  ? 7  C A N3    1 
ATOM 155  C C4    . C A 1 7  ? 9.044   -0.752  -3.422  1.00 20.00  ? 7  C A C4    1 
ATOM 156  N N4    . C A 1 7  ? 9.868   -0.305  -4.362  1.00 20.00  ? 7  C A N4    1 
ATOM 157  C C5    . C A 1 7  ? 7.743   -1.207  -3.767  1.00 20.00  ? 7  C A C5    1 
ATOM 158  C C6    . C A 1 7  ? 6.962   -1.644  -2.776  1.00 20.00  ? 7  C A C6    1 
ATOM 159  P P     . G A 1 8  ? 2.870   -1.932  2.443   1.00 290.63 ? 10 G A P     1 
ATOM 160  O OP1   . G A 1 8  ? 1.765   -0.991  2.185   1.00 290.64 ? 10 G A OP1   1 
ATOM 161  O OP2   . G A 1 8  ? 3.187   -2.372  3.805   1.00 290.78 ? 10 G A OP2   1 
ATOM 162  O "O5'" . G A 1 8  ? 2.607   -3.320  1.704   1.00 291.23 ? 10 G A "O5'" 1 
ATOM 163  C "C5'" . G A 1 8  ? 2.279   -4.487  2.518   1.00 292.03 ? 10 G A "C5'" 1 
ATOM 164  C "C4'" . G A 1 8  ? 1.072   -5.286  2.036   1.00 292.75 ? 10 G A "C4'" 1 
ATOM 165  O "O4'" . G A 1 8  ? -0.091  -5.096  2.922   1.00 292.92 ? 10 G A "O4'" 1 
ATOM 166  C "C3'" . G A 1 8  ? 0.542   -4.958  0.651   1.00 293.15 ? 10 G A "C3'" 1 
ATOM 167  O "O3'" . G A 1 8  ? -0.159  -6.108  0.203   1.00 293.74 ? 10 G A "O3'" 1 
ATOM 168  C "C2'" . G A 1 8  ? -0.519  -3.936  1.006   1.00 292.98 ? 10 G A "C2'" 1 
ATOM 169  O "O2'" . G A 1 8  ? -1.280  -3.310  -0.021  1.00 292.67 ? 10 G A "O2'" 1 
ATOM 170  C "C1'" . G A 1 8  ? -1.202  -4.690  2.140   1.00 293.05 ? 10 G A "C1'" 1 
ATOM 171  N N9    . G A 1 8  ? -2.106  -3.840  2.907   1.00 20.00  ? 10 G A N9    1 
ATOM 172  C C8    . G A 1 8  ? -1.812  -2.643  3.505   1.00 20.00  ? 10 G A C8    1 
ATOM 173  N N7    . G A 1 8  ? -2.857  -2.063  4.026   1.00 20.00  ? 10 G A N7    1 
ATOM 174  C C5    . G A 1 8  ? -3.910  -2.910  3.720   1.00 20.00  ? 10 G A C5    1 
ATOM 175  C C6    . G A 1 8  ? -5.296  -2.801  4.012   1.00 20.00  ? 10 G A C6    1 
ATOM 176  O O6    . G A 1 8  ? -5.884  -1.913  4.642   1.00 20.00  ? 10 G A O6    1 
ATOM 177  N N1    . G A 1 8  ? -6.015  -3.870  3.492   1.00 20.00  ? 10 G A N1    1 
ATOM 178  C C2    . G A 1 8  ? -5.469  -4.916  2.799   1.00 20.00  ? 10 G A C2    1 
ATOM 179  N N2    . G A 1 8  ? -6.322  -5.851  2.378   1.00 20.00  ? 10 G A N2    1 
ATOM 180  N N3    . G A 1 8  ? -4.185  -5.031  2.518   1.00 20.00  ? 10 G A N3    1 
ATOM 181  C C4    . G A 1 8  ? -3.467  -3.997  3.004   1.00 20.00  ? 10 G A C4    1 
ATOM 182  P P     . G A 1 9  ? -0.527  -6.246  -1.323  1.00 294.13 ? 11 G A P     1 
ATOM 183  O OP1   . G A 1 9  ? 0.009   -7.527  -1.800  1.00 294.25 ? 11 G A OP1   1 
ATOM 184  O OP2   . G A 1 9  ? -0.141  -5.005  -1.998  1.00 294.07 ? 11 G A OP2   1 
ATOM 185  O "O5'" . G A 1 9  ? -2.105  -6.479  -1.344  1.00 292.72 ? 11 G A "O5'" 1 
ATOM 186  C "C5'" . G A 1 9  ? -3.063  -5.963  -0.390  1.00 291.45 ? 11 G A "C5'" 1 
ATOM 187  C "C4'" . G A 1 9  ? -4.446  -6.151  -0.973  1.00 290.76 ? 11 G A "C4'" 1 
ATOM 188  O "O4'" . G A 1 9  ? -5.416  -5.248  -0.399  1.00 290.31 ? 11 G A "O4'" 1 
ATOM 189  C "C3'" . G A 1 9  ? -4.546  -5.763  -2.417  1.00 290.49 ? 11 G A "C3'" 1 
ATOM 190  O "O3'" . G A 1 9  ? -3.874  -6.652  -3.292  1.00 290.31 ? 11 G A "O3'" 1 
ATOM 191  C "C2'" . G A 1 9  ? -6.051  -5.686  -2.620  1.00 290.39 ? 11 G A "C2'" 1 
ATOM 192  O "O2'" . G A 1 9  ? -6.553  -6.984  -2.820  1.00 290.62 ? 11 G A "O2'" 1 
ATOM 193  C "C1'" . G A 1 9  ? -6.527  -5.133  -1.278  1.00 289.87 ? 11 G A "C1'" 1 
ATOM 194  N N9    . G A 1 9  ? -6.976  -3.745  -1.230  1.00 20.00  ? 11 G A N9    1 
ATOM 195  C C8    . G A 1 9  ? -6.306  -2.796  -0.496  1.00 20.00  ? 11 G A C8    1 
ATOM 196  N N7    . G A 1 9  ? -6.914  -1.637  -0.464  1.00 20.00  ? 11 G A N7    1 
ATOM 197  C C5    . G A 1 9  ? -8.074  -1.833  -1.198  1.00 20.00  ? 11 G A C5    1 
ATOM 198  C C6    . G A 1 9  ? -9.091  -0.888  -1.610  1.00 20.00  ? 11 G A C6    1 
ATOM 199  O O6    . G A 1 9  ? -9.251  0.279   -1.229  1.00 20.00  ? 11 G A O6    1 
ATOM 200  N N1    . G A 1 9  ? -10.115 -1.534  -2.293  1.00 20.00  ? 11 G A N1    1 
ATOM 201  C C2    . G A 1 9  ? -10.093 -2.855  -2.689  1.00 20.00  ? 11 G A C2    1 
ATOM 202  N N2    . G A 1 9  ? -11.136 -3.262  -3.427  1.00 20.00  ? 11 G A N2    1 
ATOM 203  N N3    . G A 1 9  ? -9.119  -3.710  -2.393  1.00 20.00  ? 11 G A N3    1 
ATOM 204  C C4    . G A 1 9  ? -8.165  -3.147  -1.628  1.00 20.00  ? 11 G A C4    1 
ATOM 205  P P     . U A 1 10 ? -2.816  -6.037  -4.292  1.00 290.16 ? 12 U A P     1 
ATOM 206  O OP1   . U A 1 10 ? -1.731  -7.006  -4.468  1.00 290.76 ? 12 U A OP1   1 
ATOM 207  O OP2   . U A 1 10 ? -2.487  -4.691  -3.801  1.00 290.12 ? 12 U A OP2   1 
ATOM 208  O "O5'" . U A 1 10 ? -3.619  -5.902  -5.663  1.00 289.98 ? 12 U A "O5'" 1 
ATOM 209  C "C5'" . U A 1 10 ? -3.965  -4.626  -6.215  1.00 289.87 ? 12 U A "C5'" 1 
ATOM 210  C "C4'" . U A 1 10 ? -5.448  -4.561  -6.475  1.00 289.96 ? 12 U A "C4'" 1 
ATOM 211  O "O4'" . U A 1 10 ? -6.140  -4.390  -5.215  1.00 289.77 ? 12 U A "O4'" 1 
ATOM 212  C "C3'" . U A 1 10 ? -5.915  -3.378  -7.311  1.00 290.10 ? 12 U A "C3'" 1 
ATOM 213  O "O3'" . U A 1 10 ? -5.752  -3.566  -8.711  1.00 290.65 ? 12 U A "O3'" 1 
ATOM 214  C "C2'" . U A 1 10 ? -7.366  -3.232  -6.878  1.00 289.77 ? 12 U A "C2'" 1 
ATOM 215  O "O2'" . U A 1 10 ? -8.269  -4.127  -7.497  1.00 289.72 ? 12 U A "O2'" 1 
ATOM 216  C "C1'" . U A 1 10 ? -7.251  -3.519  -5.389  1.00 289.32 ? 12 U A "C1'" 1 
ATOM 217  N N1    . U A 1 10 ? -7.038  -2.302  -4.593  1.00 20.00  ? 12 U A N1    1 
ATOM 218  C C2    . U A 1 10 ? -8.080  -1.410  -4.523  1.00 20.00  ? 12 U A C2    1 
ATOM 219  O O2    . U A 1 10 ? -9.139  -1.590  -5.090  1.00 20.00  ? 12 U A O2    1 
ATOM 220  N N3    . U A 1 10 ? -7.843  -0.306  -3.748  1.00 20.00  ? 12 U A N3    1 
ATOM 221  C C4    . U A 1 10 ? -6.694  -0.006  -3.057  1.00 20.00  ? 12 U A C4    1 
ATOM 222  O O4    . U A 1 10 ? -6.636  1.030   -2.402  1.00 20.00  ? 12 U A O4    1 
ATOM 223  C C5    . U A 1 10 ? -5.659  -0.979  -3.183  1.00 20.00  ? 12 U A C5    1 
ATOM 224  C C6    . U A 1 10 ? -5.859  -2.066  -3.933  1.00 20.00  ? 12 U A C6    1 
ATOM 225  P P     . C A 1 11 ? -5.919  -2.291  -9.665  1.00 290.88 ? 13 C A P     1 
ATOM 226  O OP1   . C A 1 11 ? -5.975  -2.752  -11.055 1.00 290.85 ? 13 C A OP1   1 
ATOM 227  O OP2   . C A 1 11 ? -4.902  -1.303  -9.258  1.00 290.83 ? 13 C A OP2   1 
ATOM 228  O "O5'" . C A 1 11 ? -7.364  -1.735  -9.271  1.00 291.06 ? 13 C A "O5'" 1 
ATOM 229  C "C5'" . C A 1 11 ? -8.271  -1.257  -10.280 1.00 291.19 ? 13 C A "C5'" 1 
ATOM 230  C "C4'" . C A 1 11 ? -9.067  -0.062  -9.802  1.00 291.34 ? 13 C A "C4'" 1 
ATOM 231  O "O4'" . C A 1 11 ? -9.131  -0.007  -8.353  1.00 290.79 ? 13 C A "O4'" 1 
ATOM 232  C "C3'" . C A 1 11 ? -8.514  1.305   -10.147 1.00 291.48 ? 13 C A "C3'" 1 
ATOM 233  O "O3'" . C A 1 11 ? -8.750  1.678   -11.486 1.00 292.19 ? 13 C A "O3'" 1 
ATOM 234  C "C2'" . C A 1 11 ? -9.305  2.177   -9.202  1.00 290.97 ? 13 C A "C2'" 1 
ATOM 235  O "O2'" . C A 1 11 ? -10.625 2.208   -9.687  1.00 291.06 ? 13 C A "O2'" 1 
ATOM 236  C "C1'" . C A 1 11 ? -9.215  1.345   -7.934  1.00 290.19 ? 13 C A "C1'" 1 
ATOM 237  N N1    . C A 1 11 ? -8.004  1.654   -7.186  1.00 20.00  ? 13 C A N1    1 
ATOM 238  C C2    . C A 1 11 ? -8.066  2.612   -6.184  1.00 20.00  ? 13 C A C2    1 
ATOM 239  O O2    . C A 1 11 ? -9.151  3.161   -5.952  1.00 20.00  ? 13 C A O2    1 
ATOM 240  N N3    . C A 1 11 ? -6.949  2.916   -5.490  1.00 20.00  ? 13 C A N3    1 
ATOM 241  C C4    . C A 1 11 ? -5.800  2.304   -5.778  1.00 20.00  ? 13 C A C4    1 
ATOM 242  N N4    . C A 1 11 ? -4.722  2.630   -5.067  1.00 20.00  ? 13 C A N4    1 
ATOM 243  C C5    . C A 1 11 ? -5.703  1.344   -6.820  1.00 20.00  ? 13 C A C5    1 
ATOM 244  C C6    . C A 1 11 ? -6.816  1.059   -7.500  1.00 20.00  ? 13 C A C6    1 
ATOM 245  P P     . C A 1 12 ? -7.529  2.006   -12.421 1.00 292.87 ? 15 C A P     1 
ATOM 246  O OP1   . C A 1 12 ? -8.041  2.091   -13.798 1.00 292.90 ? 15 C A OP1   1 
ATOM 247  O OP2   . C A 1 12 ? -6.462  1.046   -12.114 1.00 292.89 ? 15 C A OP2   1 
ATOM 248  O "O5'" . C A 1 12 ? -7.011  3.401   -11.851 1.00 292.79 ? 15 C A "O5'" 1 
ATOM 249  C "C5'" . C A 1 12 ? -7.497  4.677   -12.339 1.00 292.39 ? 15 C A "C5'" 1 
ATOM 250  C "C4'" . C A 1 12 ? -7.930  5.607   -11.219 1.00 291.98 ? 15 C A "C4'" 1 
ATOM 251  O "O4'" . C A 1 12 ? -7.787  4.981   -9.917  1.00 291.40 ? 15 C A "O4'" 1 
ATOM 252  C "C3'" . C A 1 12 ? -7.151  6.898   -11.018 1.00 291.74 ? 15 C A "C3'" 1 
ATOM 253  O "O3'" . C A 1 12 ? -7.294  7.997   -11.928 1.00 292.20 ? 15 C A "O3'" 1 
ATOM 254  C "C2'" . C A 1 12 ? -7.720  7.318   -9.681  1.00 291.06 ? 15 C A "C2'" 1 
ATOM 255  O "O2'" . C A 1 12 ? -9.037  7.711   -9.973  1.00 290.83 ? 15 C A "O2'" 1 
ATOM 256  C "C1'" . C A 1 12 ? -7.706  5.986   -8.930  1.00 290.40 ? 15 C A "C1'" 1 
ATOM 257  N N1    . C A 1 12 ? -6.524  5.730   -8.091  1.00 20.00  ? 15 C A N1    1 
ATOM 258  C C2    . C A 1 12 ? -6.216  6.672   -7.111  1.00 20.00  ? 15 C A C2    1 
ATOM 259  O O2    . C A 1 12 ? -6.960  7.648   -6.973  1.00 20.00  ? 15 C A O2    1 
ATOM 260  N N3    . C A 1 12 ? -5.118  6.502   -6.345  1.00 20.00  ? 15 C A N3    1 
ATOM 261  C C4    . C A 1 12 ? -4.342  5.438   -6.529  1.00 20.00  ? 15 C A C4    1 
ATOM 262  N N4    . C A 1 12 ? -3.281  5.301   -5.732  1.00 20.00  ? 15 C A N4    1 
ATOM 263  C C5    . C A 1 12 ? -4.616  4.469   -7.538  1.00 20.00  ? 15 C A C5    1 
ATOM 264  C C6    . C A 1 12 ? -5.707  4.653   -8.290  1.00 20.00  ? 15 C A C6    1 
ATOM 265  P P     . G A 1 13 ? -6.045  8.504   -12.834 1.00 281.57 ? 17 G A P     1 
ATOM 266  O OP1   . G A 1 13 ? -6.539  8.731   -14.201 1.00 281.74 ? 17 G A OP1   1 
ATOM 267  O OP2   . G A 1 13 ? -4.910  7.609   -12.613 1.00 281.60 ? 17 G A OP2   1 
ATOM 268  O "O5'" . G A 1 13 ? -5.658  9.941   -12.260 1.00 277.40 ? 17 G A "O5'" 1 
ATOM 269  C "C5'" . G A 1 13 ? -4.506  10.618  -12.831 1.00 273.06 ? 17 G A "C5'" 1 
ATOM 270  C "C4'" . G A 1 13 ? -3.903  11.568  -11.830 1.00 270.38 ? 17 G A "C4'" 1 
ATOM 271  O "O4'" . G A 1 13 ? -2.534  11.926  -12.155 1.00 268.95 ? 17 G A "O4'" 1 
ATOM 272  C "C3'" . G A 1 13 ? -4.643  12.887  -11.681 1.00 268.81 ? 17 G A "C3'" 1 
ATOM 273  O "O3'" . G A 1 13 ? -5.081  12.750  -10.354 1.00 267.26 ? 17 G A "O3'" 1 
ATOM 274  C "C2'" . G A 1 13 ? -3.578  13.959  -11.964 1.00 268.44 ? 17 G A "C2'" 1 
ATOM 275  O "O2'" . G A 1 13 ? -3.449  15.224  -11.318 1.00 268.72 ? 17 G A "O2'" 1 
ATOM 276  C "C1'" . G A 1 13 ? -2.299  13.209  -11.633 1.00 267.69 ? 17 G A "C1'" 1 
ATOM 277  N N9    . G A 1 13 ? -1.149  13.819  -12.281 1.00 266.22 ? 17 G A N9    1 
ATOM 278  C C8    . G A 1 13 ? -0.741  13.673  -13.581 1.00 265.61 ? 17 G A C8    1 
ATOM 279  N N7    . G A 1 13 ? 0.292   14.409  -13.878 1.00 265.15 ? 17 G A N7    1 
ATOM 280  C C5    . G A 1 13 ? 0.569   15.097  -12.706 1.00 264.95 ? 17 G A C5    1 
ATOM 281  C C6    . G A 1 13 ? 1.584   16.040  -12.416 1.00 264.78 ? 17 G A C6    1 
ATOM 282  O O6    . G A 1 13 ? 2.475   16.460  -13.159 1.00 264.68 ? 17 G A O6    1 
ATOM 283  N N1    . G A 1 13 ? 1.508   16.489  -11.104 1.00 264.65 ? 17 G A N1    1 
ATOM 284  C C2    . G A 1 13 ? 0.570   16.085  -10.193 1.00 264.34 ? 17 G A C2    1 
ATOM 285  N N2    . G A 1 13 ? 0.649   16.639  -8.980  1.00 264.24 ? 17 G A N2    1 
ATOM 286  N N3    . G A 1 13 ? -0.384  15.209  -10.452 1.00 264.44 ? 17 G A N3    1 
ATOM 287  C C4    . G A 1 13 ? -0.329  14.762  -11.721 1.00 265.16 ? 17 G A C4    1 
ATOM 288  P P     . G A 1 14 ? -6.509  12.171  -10.033 1.00 76.88  ? 18 G A P     1 
ATOM 289  O OP1   . G A 1 14 ? -6.627  11.915  -8.596  1.00 78.59  ? 18 G A OP1   1 
ATOM 290  O OP2   . G A 1 14 ? -6.835  11.117  -11.016 1.00 75.20  ? 18 G A OP2   1 
ATOM 291  O "O5'" . G A 1 14 ? -7.454  13.415  -10.285 1.00 78.76  ? 18 G A "O5'" 1 
ATOM 292  C "C5'" . G A 1 14 ? -8.619  13.566  -9.489  1.00 77.93  ? 18 G A "C5'" 1 
ATOM 293  C "C4'" . G A 1 14 ? -8.246  14.025  -8.104  1.00 78.66  ? 18 G A "C4'" 1 
ATOM 294  O "O4'" . G A 1 14 ? -7.188  15.000  -8.196  1.00 79.49  ? 18 G A "O4'" 1 
ATOM 295  C "C3'" . G A 1 14 ? -9.339  14.806  -7.409  1.00 78.23  ? 18 G A "C3'" 1 
ATOM 296  O "O3'" . G A 1 14 ? -9.019  14.926  -6.032  1.00 77.17  ? 18 G A "O3'" 1 
ATOM 297  C "C2'" . G A 1 14 ? -9.258  16.154  -8.116  1.00 79.34  ? 18 G A "C2'" 1 
ATOM 298  O "O2'" . G A 1 14 ? -9.718  17.170  -7.261  1.00 79.34  ? 18 G A "O2'" 1 
ATOM 299  C "C1'" . G A 1 14 ? -7.754  16.282  -8.396  1.00 78.22  ? 18 G A "C1'" 1 
ATOM 300  N N9    . G A 1 14 ? -7.446  16.694  -9.762  1.00 20.00  ? 18 G A N9    1 
ATOM 301  C C8    . G A 1 14 ? -7.775  16.016  -10.907 1.00 20.00  ? 18 G A C8    1 
ATOM 302  N N7    . G A 1 14 ? -7.351  16.600  -11.991 1.00 20.00  ? 18 G A N7    1 
ATOM 303  C C5    . G A 1 14 ? -6.688  17.728  -11.534 1.00 20.00  ? 18 G A C5    1 
ATOM 304  C C6    . G A 1 14 ? -6.032  18.753  -12.251 1.00 20.00  ? 18 G A C6    1 
ATOM 305  O O6    . G A 1 14 ? -5.890  18.860  -13.468 1.00 20.00  ? 18 G A O6    1 
ATOM 306  N N1    . G A 1 14 ? -5.500  19.718  -11.404 1.00 20.00  ? 18 G A N1    1 
ATOM 307  C C2    . G A 1 14 ? -5.607  19.705  -10.036 1.00 20.00  ? 18 G A C2    1 
ATOM 308  N N2    . G A 1 14 ? -5.020  20.713  -9.391  1.00 20.00  ? 18 G A N2    1 
ATOM 309  N N3    . G A 1 14 ? -6.215  18.749  -9.351  1.00 20.00  ? 18 G A N3    1 
ATOM 310  C C4    . G A 1 14 ? -6.738  17.803  -10.161 1.00 20.00  ? 18 G A C4    1 
ATOM 311  P P     . C A 1 15 ? -9.910  14.726  -4.709  1.00 76.88  ? 20 C A P     1 
ATOM 312  O OP1   . C A 1 15 ? -10.634 13.450  -4.810  1.00 75.20  ? 20 C A OP1   1 
ATOM 313  O OP2   . C A 1 15 ? -10.682 15.956  -4.474  1.00 78.59  ? 20 C A OP2   1 
ATOM 314  O "O5'" . C A 1 15 ? -8.728  14.773  -3.625  1.00 78.76  ? 20 C A "O5'" 1 
ATOM 315  C "C5'" . C A 1 15 ? -8.742  14.200  -2.279  1.00 77.93  ? 20 C A "C5'" 1 
ATOM 316  C "C4'" . C A 1 15 ? -7.445  13.461  -1.931  1.00 78.66  ? 20 C A "C4'" 1 
ATOM 317  O "O4'" . C A 1 15 ? -6.734  13.136  -3.170  1.00 79.49  ? 20 C A "O4'" 1 
ATOM 318  C "C3'" . C A 1 15 ? -6.402  14.185  -1.058  1.00 78.23  ? 20 C A "C3'" 1 
ATOM 319  O "O3'" . C A 1 15 ? -5.409  13.319  -0.437  1.00 77.17  ? 20 C A "O3'" 1 
ATOM 320  C "C2'" . C A 1 15 ? -5.526  14.798  -2.150  1.00 79.34  ? 20 C A "C2'" 1 
ATOM 321  O "O2'" . C A 1 15 ? -4.234  15.241  -1.794  1.00 79.34  ? 20 C A "O2'" 1 
ATOM 322  C "C1'" . C A 1 15 ? -5.398  13.575  -3.054  1.00 78.22  ? 20 C A "C1'" 1 
ATOM 323  N N1    . C A 1 15 ? -4.860  13.797  -4.411  1.00 20.00  ? 20 C A N1    1 
ATOM 324  C C2    . C A 1 15 ? -3.922  14.806  -4.634  1.00 20.00  ? 20 C A C2    1 
ATOM 325  O O2    . C A 1 15 ? -3.626  15.567  -3.704  1.00 20.00  ? 20 C A O2    1 
ATOM 326  N N3    . C A 1 15 ? -3.395  14.953  -5.871  1.00 20.00  ? 20 C A N3    1 
ATOM 327  C C4    . C A 1 15 ? -3.718  14.096  -6.840  1.00 20.00  ? 20 C A C4    1 
ATOM 328  N N4    . C A 1 15 ? -3.183  14.285  -8.046  1.00 20.00  ? 20 C A N4    1 
ATOM 329  C C5    . C A 1 15 ? -4.629  13.026  -6.625  1.00 20.00  ? 20 C A C5    1 
ATOM 330  C C6    . C A 1 15 ? -5.158  12.904  -5.401  1.00 20.00  ? 20 C A C6    1 
ATOM 331  P P     . G A 1 16 ? -5.532  12.624  1.064   1.00 76.88  ? 22 G A P     1 
ATOM 332  O OP1   . G A 1 16 ? -6.070  13.655  1.979   1.00 78.59  ? 22 G A OP1   1 
ATOM 333  O OP2   . G A 1 16 ? -4.233  11.938  1.357   1.00 75.20  ? 22 G A OP2   1 
ATOM 334  O "O5'" . G A 1 16 ? -6.683  11.550  0.841   1.00 78.76  ? 22 G A "O5'" 1 
ATOM 335  C "C5'" . G A 1 16 ? -8.042  11.960  0.714   1.00 77.93  ? 22 G A "C5'" 1 
ATOM 336  C "C4'" . G A 1 16 ? -8.643  11.522  -0.597  1.00 78.66  ? 22 G A "C4'" 1 
ATOM 337  O "O4'" . G A 1 16 ? -7.643  11.141  -1.566  1.00 79.49  ? 22 G A "O4'" 1 
ATOM 338  C "C3'" . G A 1 16 ? -9.504  10.283  -0.560  1.00 78.23  ? 22 G A "C3'" 1 
ATOM 339  O "O3'" . G A 1 16 ? -10.765 10.503  0.044   1.00 77.17  ? 22 G A "O3'" 1 
ATOM 340  C "C2'" . G A 1 16 ? -9.662  10.023  -2.046  1.00 79.34  ? 22 G A "C2'" 1 
ATOM 341  O "O2'" . G A 1 16 ? -10.696 10.820  -2.575  1.00 79.34  ? 22 G A "O2'" 1 
ATOM 342  C "C1'" . G A 1 16 ? -8.250  10.323  -2.548  1.00 78.22  ? 22 G A "C1'" 1 
ATOM 343  N N9    . G A 1 16 ? -7.509  9.073   -2.648  1.00 20.00  ? 22 G A N9    1 
ATOM 344  C C8    . G A 1 16 ? -6.457  8.642   -1.881  1.00 20.00  ? 22 G A C8    1 
ATOM 345  N N7    . G A 1 16 ? -6.060  7.439   -2.188  1.00 20.00  ? 22 G A N7    1 
ATOM 346  C C5    . G A 1 16 ? -6.911  7.050   -3.210  1.00 20.00  ? 22 G A C5    1 
ATOM 347  C C6    . G A 1 16 ? -6.967  5.838   -3.948  1.00 20.00  ? 22 G A C6    1 
ATOM 348  O O6    . G A 1 16 ? -6.246  4.841   -3.844  1.00 20.00  ? 22 G A O6    1 
ATOM 349  N N1    . G A 1 16 ? -7.975  5.864   -4.902  1.00 20.00  ? 22 G A N1    1 
ATOM 350  C C2    . G A 1 16 ? -8.825  6.919   -5.113  1.00 20.00  ? 22 G A C2    1 
ATOM 351  N N2    . G A 1 16 ? -9.735  6.757   -6.077  1.00 20.00  ? 22 G A N2    1 
ATOM 352  N N3    . G A 1 16 ? -8.800  8.043   -4.418  1.00 20.00  ? 22 G A N3    1 
ATOM 353  C C4    . G A 1 16 ? -7.817  8.043   -3.497  1.00 20.00  ? 22 G A C4    1 
ATOM 354  P P     . A A 1 17 ? -11.032 9.951   1.481   1.00 279.53 ? 23 A A P     1 
ATOM 355  O OP1   . A A 1 17 ? -11.322 11.083  2.356   1.00 279.78 ? 23 A A OP1   1 
ATOM 356  O OP2   . A A 1 17 ? -9.934  9.051   1.814   1.00 279.44 ? 23 A A OP2   1 
ATOM 357  O "O5'" . A A 1 17 ? -12.336 9.064   1.310   1.00 280.67 ? 23 A A "O5'" 1 
ATOM 358  C "C5'" . A A 1 17 ? -13.139 9.167   0.137   1.00 281.76 ? 23 A A "C5'" 1 
ATOM 359  C "C4'" . A A 1 17 ? -13.078 7.901   -0.680  1.00 282.49 ? 23 A A "C4'" 1 
ATOM 360  O "O4'" . A A 1 17 ? -11.774 7.738   -1.288  1.00 282.93 ? 23 A A "O4'" 1 
ATOM 361  C "C3'" . A A 1 17 ? -13.166 6.586   0.055   1.00 283.16 ? 23 A A "C3'" 1 
ATOM 362  O "O3'" . A A 1 17 ? -14.358 6.182   0.718   1.00 284.26 ? 23 A A "O3'" 1 
ATOM 363  C "C2'" . A A 1 17 ? -12.784 5.630   -1.060  1.00 283.08 ? 23 A A "C2'" 1 
ATOM 364  O "O2'" . A A 1 17 ? -13.866 5.611   -1.957  1.00 282.84 ? 23 A A "O2'" 1 
ATOM 365  C "C1'" . A A 1 17 ? -11.640 6.397   -1.724  1.00 283.27 ? 23 A A "C1'" 1 
ATOM 366  N N9    . A A 1 17 ? -10.316 5.895   -1.350  1.00 20.00  ? 23 A A N9    1 
ATOM 367  C C8    . A A 1 17 ? -9.434  6.375   -0.425  1.00 20.00  ? 23 A A C8    1 
ATOM 368  N N7    . A A 1 17 ? -8.337  5.671   -0.333  1.00 20.00  ? 23 A A N7    1 
ATOM 369  C C5    . A A 1 17 ? -8.509  4.657   -1.255  1.00 20.00  ? 23 A A C5    1 
ATOM 370  C C6    . A A 1 17 ? -7.698  3.580   -1.629  1.00 20.00  ? 23 A A C6    1 
ATOM 371  N N6    . A A 1 17 ? -6.498  3.350   -1.085  1.00 20.00  ? 23 A A N6    1 
ATOM 372  N N1    . A A 1 17 ? -8.156  2.740   -2.579  1.00 20.00  ? 23 A A N1    1 
ATOM 373  C C2    . A A 1 17 ? -9.359  2.982   -3.117  1.00 20.00  ? 23 A A C2    1 
ATOM 374  N N3    . A A 1 17 ? -10.218 3.966   -2.849  1.00 20.00  ? 23 A A N3    1 
ATOM 375  C C4    . A A 1 17 ? -9.731  4.779   -1.900  1.00 20.00  ? 23 A A C4    1 
ATOM 376  P P     . C A 1 18 ? -14.515 6.084   2.269   1.00 285.43 ? 24 C A P     1 
ATOM 377  O OP1   . C A 1 18 ? -15.827 6.660   2.606   1.00 285.28 ? 24 C A OP1   1 
ATOM 378  O OP2   . C A 1 18 ? -13.312 6.642   2.911   1.00 285.24 ? 24 C A OP2   1 
ATOM 379  O "O5'" . C A 1 18 ? -14.535 4.510   2.485   1.00 285.64 ? 24 C A "O5'" 1 
ATOM 380  C "C5'" . C A 1 18 ? -13.295 3.819   2.672   1.00 285.83 ? 24 C A "C5'" 1 
ATOM 381  C "C4'" . C A 1 18 ? -12.719 3.365   1.350   1.00 286.49 ? 24 C A "C4'" 1 
ATOM 382  O "O4'" . C A 1 18 ? -11.331 3.746   1.249   1.00 287.23 ? 24 C A "O4'" 1 
ATOM 383  C "C3'" . C A 1 18 ? -12.665 1.861   1.212   1.00 286.94 ? 24 C A "C3'" 1 
ATOM 384  O "O3'" . C A 1 18 ? -13.955 1.477   0.863   1.00 286.69 ? 24 C A "O3'" 1 
ATOM 385  C "C2'" . C A 1 18 ? -11.590 1.635   0.171   1.00 287.48 ? 24 C A "C2'" 1 
ATOM 386  O "O2'" . C A 1 18 ? -12.093 1.687   -1.137  1.00 287.62 ? 24 C A "O2'" 1 
ATOM 387  C "C1'" . C A 1 18 ? -10.643 2.794   0.461   1.00 287.76 ? 24 C A "C1'" 1 
ATOM 388  N N1    . C A 1 18 ? -9.402  2.441   1.147   1.00 20.00  ? 24 C A N1    1 
ATOM 389  C C2    . C A 1 18 ? -8.665  1.341   0.708   1.00 20.00  ? 24 C A C2    1 
ATOM 390  O O2    . C A 1 18 ? -9.129  0.631   -0.194  1.00 20.00  ? 24 C A O2    1 
ATOM 391  N N3    . C A 1 18 ? -7.484  1.063   1.297   1.00 20.00  ? 24 C A N3    1 
ATOM 392  C C4    . C A 1 18 ? -7.013  1.863   2.260   1.00 20.00  ? 24 C A C4    1 
ATOM 393  N N4    . C A 1 18 ? -5.836  1.561   2.805   1.00 20.00  ? 24 C A N4    1 
ATOM 394  C C5    . C A 1 18 ? -7.731  3.004   2.704   1.00 20.00  ? 24 C A C5    1 
ATOM 395  C C6    . C A 1 18 ? -8.906  3.258   2.123   1.00 20.00  ? 24 C A C6    1 
ATOM 396  P P     . C A 1 19 ? -14.718 0.562   1.947   1.00 286.45 ? 25 C A P     1 
ATOM 397  O OP1   . C A 1 19 ? -16.154 0.491   1.621   1.00 286.56 ? 25 C A OP1   1 
ATOM 398  O OP2   . C A 1 19 ? -14.245 0.886   3.309   1.00 286.58 ? 25 C A OP2   1 
ATOM 399  O "O5'" . C A 1 19 ? -14.184 -0.880  1.580   1.00 286.98 ? 25 C A "O5'" 1 
ATOM 400  C "C5'" . C A 1 19 ? -14.583 -2.005  2.385   1.00 287.58 ? 25 C A "C5'" 1 
ATOM 401  C "C4'" . C A 1 19 ? -13.722 -3.224  2.135   1.00 288.00 ? 25 C A "C4'" 1 
ATOM 402  O "O4'" . C A 1 19 ? -12.573 -2.916  1.289   1.00 287.79 ? 25 C A "O4'" 1 
ATOM 403  C "C3'" . C A 1 19 ? -13.068 -3.853  3.350   1.00 288.50 ? 25 C A "C3'" 1 
ATOM 404  O "O3'" . C A 1 19 ? -13.997 -4.270  4.375   1.00 289.41 ? 25 C A "O3'" 1 
ATOM 405  C "C2'" . C A 1 19 ? -12.053 -4.734  2.649   1.00 288.19 ? 25 C A "C2'" 1 
ATOM 406  O "O2'" . C A 1 19 ? -12.774 -5.737  1.973   1.00 288.49 ? 25 C A "O2'" 1 
ATOM 407  C "C1'" . C A 1 19 ? -11.476 -3.731  1.654   1.00 287.64 ? 25 C A "C1'" 1 
ATOM 408  N N1    . C A 1 19 ? -10.461 -2.886  2.272   1.00 20.00  ? 25 C A N1    1 
ATOM 409  C C2    . C A 1 19 ? -9.226  -3.445  2.573   1.00 20.00  ? 25 C A C2    1 
ATOM 410  O O2    . C A 1 19 ? -9.005  -4.616  2.245   1.00 20.00  ? 25 C A O2    1 
ATOM 411  N N3    . C A 1 19 ? -8.294  -2.694  3.200   1.00 20.00  ? 25 C A N3    1 
ATOM 412  C C4    . C A 1 19 ? -8.568  -1.434  3.530   1.00 20.00  ? 25 C A C4    1 
ATOM 413  N N4    . C A 1 19 ? -7.631  -0.741  4.168   1.00 20.00  ? 25 C A N4    1 
ATOM 414  C C5    . C A 1 19 ? -9.833  -0.848  3.263   1.00 20.00  ? 25 C A C5    1 
ATOM 415  C C6    . C A 1 19 ? -10.747 -1.607  2.648   1.00 20.00  ? 25 C A C6    1 
ATOM 416  P P     . A A 1 20 A -14.220 -5.800  4.792   1.00 292.47 ? 25 A A P     1 
ATOM 417  O OP1   . A A 1 20 A -14.500 -6.589  3.579   1.00 292.70 ? 25 A A OP1   1 
ATOM 418  O OP2   . A A 1 20 A -15.157 -5.832  5.910   1.00 292.16 ? 25 A A OP2   1 
ATOM 419  O "O5'" . A A 1 20 A -12.821 -6.251  5.381   1.00 291.53 ? 25 A A "O5'" 1 
ATOM 420  C "C5'" . A A 1 20 A -12.408 -7.621  5.265   1.00 290.39 ? 25 A A "C5'" 1 
ATOM 421  C "C4'" . A A 1 20 A -10.910 -7.733  5.362   1.00 289.26 ? 25 A A "C4'" 1 
ATOM 422  O "O4'" . A A 1 20 A -10.312 -6.601  4.686   1.00 289.18 ? 25 A A "O4'" 1 
ATOM 423  C "C3'" . A A 1 20 A -10.336 -7.631  6.765   1.00 288.18 ? 25 A A "C3'" 1 
ATOM 424  O "O3'" . A A 1 20 A -10.603 -8.747  7.636   1.00 286.36 ? 25 A A "O3'" 1 
ATOM 425  C "C2'" . A A 1 20 A -8.895  -7.233  6.457   1.00 288.35 ? 25 A A "C2'" 1 
ATOM 426  O "O2'" . A A 1 20 A -8.167  -8.159  5.698   1.00 288.23 ? 25 A A "O2'" 1 
ATOM 427  C "C1'" . A A 1 20 A -9.089  -6.267  5.298   1.00 288.82 ? 25 A A "C1'" 1 
ATOM 428  N N9    . A A 1 20 A -9.172  -4.890  5.746   1.00 20.00  ? 25 A A N9    1 
ATOM 429  C C8    . A A 1 20 A -10.266 -4.070  5.745   1.00 20.00  ? 25 A A C8    1 
ATOM 430  N N7    . A A 1 20 A -10.038 -2.885  6.255   1.00 20.00  ? 25 A A N7    1 
ATOM 431  C C5    . A A 1 20 A -8.702  -2.930  6.613   1.00 20.00  ? 25 A A C5    1 
ATOM 432  C C6    . A A 1 20 A -7.849  -1.980  7.176   1.00 20.00  ? 25 A A C6    1 
ATOM 433  N N6    . A A 1 20 A -8.241  -0.755  7.526   1.00 20.00  ? 25 A A N6    1 
ATOM 434  N N1    . A A 1 20 A -6.563  -2.335  7.389   1.00 20.00  ? 25 A A N1    1 
ATOM 435  C C2    . A A 1 20 A -6.181  -3.571  7.061   1.00 20.00  ? 25 A A C2    1 
ATOM 436  N N3    . A A 1 20 A -6.887  -4.549  6.505   1.00 20.00  ? 25 A A N3    1 
ATOM 437  C C4    . A A 1 20 A -8.155  -4.158  6.302   1.00 20.00  ? 25 A A C4    1 
ATOM 438  P P     . G A 1 21 ? -11.167 -8.493  9.113   1.00 284.46 ? 26 G A P     1 
ATOM 439  O OP1   . G A 1 21 ? -11.770 -9.761  9.597   1.00 284.46 ? 26 G A OP1   1 
ATOM 440  O OP2   . G A 1 21 ? -11.983 -7.253  9.086   1.00 284.08 ? 26 G A OP2   1 
ATOM 441  O "O5'" . G A 1 21 ? -9.845  -8.212  9.956   1.00 283.50 ? 26 G A "O5'" 1 
ATOM 442  C "C5'" . G A 1 21 ? -8.580  -8.002  9.302   1.00 282.52 ? 26 G A "C5'" 1 
ATOM 443  C "C4'" . G A 1 21 ? -7.649  -7.228  10.204  1.00 282.53 ? 26 G A "C4'" 1 
ATOM 444  O "O4'" . G A 1 21 ? -7.156  -6.059  9.494   1.00 282.96 ? 26 G A "O4'" 1 
ATOM 445  C "C3'" . G A 1 21 ? -8.271  -6.702  11.492  1.00 282.61 ? 26 G A "C3'" 1 
ATOM 446  O "O3'" . G A 1 21 ? -8.079  -7.630  12.555  1.00 282.30 ? 26 G A "O3'" 1 
ATOM 447  C "C2'" . G A 1 21 ? -7.490  -5.419  11.740  1.00 282.96 ? 26 G A "C2'" 1 
ATOM 448  O "O2'" . G A 1 21 ? -6.246  -5.635  12.378  1.00 282.70 ? 26 G A "O2'" 1 
ATOM 449  C "C1'" . G A 1 21 ? -7.280  -4.913  10.314  1.00 283.48 ? 26 G A "C1'" 1 
ATOM 450  N N9    . G A 1 21 ? -8.394  -4.113  9.815   1.00 20.00  ? 26 G A N9    1 
ATOM 451  C C8    . G A 1 21 ? -9.523  -4.572  9.180   1.00 20.00  ? 26 G A C8    1 
ATOM 452  N N7    . G A 1 21 ? -10.347 -3.616  8.846   1.00 20.00  ? 26 G A N7    1 
ATOM 453  C C5    . G A 1 21 ? -9.726  -2.457  9.287   1.00 20.00  ? 26 G A C5    1 
ATOM 454  C C6    . G A 1 21 ? -10.145 -1.098  9.207   1.00 20.00  ? 26 G A C6    1 
ATOM 455  O O6    . G A 1 21 ? -11.183 -0.640  8.711   1.00 20.00  ? 26 G A O6    1 
ATOM 456  N N1    . G A 1 21 ? -9.212  -0.239  9.779   1.00 20.00  ? 26 G A N1    1 
ATOM 457  C C2    . G A 1 21 ? -8.029  -0.633  10.356  1.00 20.00  ? 26 G A C2    1 
ATOM 458  N N2    . G A 1 21 ? -7.261  0.346   10.855  1.00 20.00  ? 26 G A N2    1 
ATOM 459  N N3    . G A 1 21 ? -7.626  -1.895  10.439  1.00 20.00  ? 26 G A N3    1 
ATOM 460  C C4    . G A 1 21 ? -8.518  -2.747  9.888   1.00 20.00  ? 26 G A C4    1 
ATOM 461  P P     . C A 1 22 ? -9.120  -7.683  13.768  1.00 281.99 ? 27 C A P     1 
ATOM 462  O OP1   . C A 1 22 ? -8.747  -8.822  14.645  1.00 281.92 ? 27 C A OP1   1 
ATOM 463  O OP2   . C A 1 22 ? -10.491 -7.610  13.202  1.00 281.53 ? 27 C A OP2   1 
ATOM 464  O "O5'" . C A 1 22 ? -8.824  -6.330  14.555  1.00 282.67 ? 27 C A "O5'" 1 
ATOM 465  C "C5'" . C A 1 22 ? -7.951  -6.317  15.700  1.00 283.11 ? 27 C A "C5'" 1 
ATOM 466  C "C4'" . C A 1 22 ? -7.635  -4.895  16.100  1.00 283.40 ? 27 C A "C4'" 1 
ATOM 467  O "O4'" . C A 1 22 ? -7.487  -4.081  14.905  1.00 284.02 ? 27 C A "O4'" 1 
ATOM 468  C "C3'" . C A 1 22 ? -8.696  -4.199  16.942  1.00 283.31 ? 27 C A "C3'" 1 
ATOM 469  O "O3'" . C A 1 22 ? -8.443  -4.400  18.329  1.00 282.23 ? 27 C A "O3'" 1 
ATOM 470  C "C2'" . C A 1 22 ? -8.508  -2.734  16.565  1.00 283.92 ? 27 C A "C2'" 1 
ATOM 471  O "O2'" . C A 1 22 ? -7.466  -2.104  17.281  1.00 283.93 ? 27 C A "O2'" 1 
ATOM 472  C "C1'" . C A 1 22 ? -8.153  -2.844  15.082  1.00 284.42 ? 27 C A "C1'" 1 
ATOM 473  N N1    . C A 1 22 ? -9.326  -2.824  14.197  1.00 20.00  ? 27 C A N1    1 
ATOM 474  C C2    . C A 1 22 ? -9.763  -1.598  13.686  1.00 20.00  ? 27 C A C2    1 
ATOM 475  O O2    . C A 1 22 ? -9.149  -0.568  13.996  1.00 20.00  ? 27 C A O2    1 
ATOM 476  N N3    . C A 1 22 ? -10.842 -1.570  12.869  1.00 20.00  ? 27 C A N3    1 
ATOM 477  C C4    . C A 1 22 ? -11.475 -2.704  12.560  1.00 20.00  ? 27 C A C4    1 
ATOM 478  N N4    . C A 1 22 ? -12.534 -2.630  11.751  1.00 20.00  ? 27 C A N4    1 
ATOM 479  C C5    . C A 1 22 ? -11.049 -3.966  13.067  1.00 20.00  ? 27 C A C5    1 
ATOM 480  C C6    . C A 1 22 ? -9.981  -3.980  13.873  1.00 20.00  ? 27 C A C6    1 
ATOM 481  P P     . G A 1 23 ? -9.660  -4.450  19.365  1.00 280.84 ? 28 G A P     1 
ATOM 482  O OP1   . G A 1 23 ? -9.100  -4.688  20.721  1.00 280.85 ? 28 G A OP1   1 
ATOM 483  O OP2   . G A 1 23 ? -10.690 -5.374  18.824  1.00 280.46 ? 28 G A OP2   1 
ATOM 484  O "O5'" . G A 1 23 ? -10.235 -2.966  19.314  1.00 279.98 ? 28 G A "O5'" 1 
ATOM 485  C "C5'" . G A 1 23 ? -9.591  -1.898  20.033  1.00 278.92 ? 28 G A "C5'" 1 
ATOM 486  C "C4'" . G A 1 23 ? -10.596 -0.829  20.391  1.00 278.44 ? 28 G A "C4'" 1 
ATOM 487  O "O4'" . G A 1 23 ? -10.917 -0.056  19.203  1.00 278.97 ? 28 G A "O4'" 1 
ATOM 488  C "C3'" . G A 1 23 ? -11.928 -1.337  20.931  1.00 277.92 ? 28 G A "C3'" 1 
ATOM 489  O "O3'" . G A 1 23 ? -11.900 -1.403  22.353  1.00 276.63 ? 28 G A "O3'" 1 
ATOM 490  C "C2'" . G A 1 23 ? -12.908 -0.270  20.454  1.00 278.45 ? 28 G A "C2'" 1 
ATOM 491  O "O2'" . G A 1 23 ? -12.952 0.864   21.294  1.00 278.29 ? 28 G A "O2'" 1 
ATOM 492  C "C1'" . G A 1 23 ? -12.321 0.091   19.092  1.00 279.36 ? 28 G A "C1'" 1 
ATOM 493  N N9    . G A 1 23 ? -12.784 -0.775  18.012  1.00 280.47 ? 28 G A N9    1 
ATOM 494  C C8    . G A 1 23 ? -12.256 -1.985  17.635  1.00 280.72 ? 28 G A C8    1 
ATOM 495  N N7    . G A 1 23 ? -12.886 -2.531  16.631  1.00 280.63 ? 28 G A N7    1 
ATOM 496  C C5    . G A 1 23 ? -13.894 -1.627  16.325  1.00 281.04 ? 28 G A C5    1 
ATOM 497  C C6    . G A 1 23 ? -14.903 -1.674  15.323  1.00 281.22 ? 28 G A C6    1 
ATOM 498  O O6    . G A 1 23 ? -15.111 -2.556  14.480  1.00 281.43 ? 28 G A O6    1 
ATOM 499  N N1    . G A 1 23 ? -15.720 -0.549  15.364  1.00 281.29 ? 28 G A N1    1 
ATOM 500  C C2    . G A 1 23 ? -15.586 0.490   16.255  1.00 281.21 ? 28 G A C2    1 
ATOM 501  N N2    . G A 1 23 ? -16.472 1.489   16.135  1.00 281.21 ? 28 G A N2    1 
ATOM 502  N N3    . G A 1 23 ? -14.649 0.547   17.192  1.00 281.22 ? 28 G A N3    1 
ATOM 503  C C4    . G A 1 23 ? -13.845 -0.537  17.171  1.00 281.05 ? 28 G A C4    1 
ATOM 504  P P     . G A 1 24 ? -13.051 -2.190  23.139  1.00 275.28 ? 29 G A P     1 
ATOM 505  O OP1   . G A 1 24 ? -12.537 -2.524  24.492  1.00 275.37 ? 29 G A OP1   1 
ATOM 506  O OP2   . G A 1 24 ? -13.553 -3.272  22.255  1.00 275.72 ? 29 G A OP2   1 
ATOM 507  O "O5'" . G A 1 24 ? -14.199 -1.094  23.288  1.00 274.19 ? 29 G A "O5'" 1 
ATOM 508  C "C5'" . G A 1 24 ? -15.588 -1.465  23.221  1.00 273.26 ? 29 G A "C5'" 1 
ATOM 509  C "C4'" . G A 1 24 ? -16.431 -0.264  22.866  1.00 273.06 ? 29 G A "C4'" 1 
ATOM 510  O "O4'" . G A 1 24 ? -16.068 0.202   21.536  1.00 273.92 ? 29 G A "O4'" 1 
ATOM 511  C "C3'" . G A 1 24 ? -17.935 -0.510  22.822  1.00 272.35 ? 29 G A "C3'" 1 
ATOM 512  O "O3'" . G A 1 24 ? -18.531 -0.219  24.082  1.00 269.53 ? 29 G A "O3'" 1 
ATOM 513  C "C2'" . G A 1 24 ? -18.401 0.474   21.755  1.00 273.38 ? 29 G A "C2'" 1 
ATOM 514  O "O2'" . G A 1 24 ? -18.576 1.788   22.244  1.00 273.71 ? 29 G A "O2'" 1 
ATOM 515  C "C1'" . G A 1 24 ? -17.236 0.419   20.768  1.00 274.21 ? 29 G A "C1'" 1 
ATOM 516  N N9    . G A 1 24 ? -17.352 -0.666  19.800  1.00 274.85 ? 29 G A N9    1 
ATOM 517  C C8    . G A 1 24 ? -16.585 -1.806  19.736  1.00 274.91 ? 29 G A C8    1 
ATOM 518  N N7    . G A 1 24 ? -16.925 -2.597  18.755  1.00 275.17 ? 29 G A N7    1 
ATOM 519  C C5    . G A 1 24 ? -17.981 -1.943  18.136  1.00 275.72 ? 29 G A C5    1 
ATOM 520  C C6    . G A 1 24 ? -18.763 -2.320  17.008  1.00 276.34 ? 29 G A C6    1 
ATOM 521  O O6    . G A 1 24 ? -18.673 -3.339  16.312  1.00 276.41 ? 29 G A O6    1 
ATOM 522  N N1    . G A 1 24 ? -19.733 -1.364  16.713  1.00 276.45 ? 29 G A N1    1 
ATOM 523  C C2    . G A 1 24 ? -19.926 -0.198  17.415  1.00 276.07 ? 29 G A C2    1 
ATOM 524  N N2    . G A 1 24 ? -20.914 0.596   16.976  1.00 275.79 ? 29 G A N2    1 
ATOM 525  N N3    . G A 1 24 ? -19.205 0.164   18.467  1.00 275.80 ? 29 G A N3    1 
ATOM 526  C C4    . G A 1 24 ? -18.257 -0.751  18.769  1.00 275.43 ? 29 G A C4    1 
ATOM 527  P P     . G A 1 25 ? -19.678 -1.172  24.661  1.00 266.91 ? 30 G A P     1 
ATOM 528  O OP1   . G A 1 25 ? -20.160 -0.587  25.938  1.00 266.81 ? 30 G A OP1   1 
ATOM 529  O OP2   . G A 1 25 ? -19.173 -2.569  24.636  1.00 266.85 ? 30 G A OP2   1 
ATOM 530  O "O5'" . G A 1 25 ? -20.839 -1.037  23.578  1.00 265.37 ? 30 G A "O5'" 1 
ATOM 531  C "C5'" . G A 1 25 ? -21.974 -0.183  23.815  1.00 263.73 ? 30 G A "C5'" 1 
ATOM 532  C "C4'" . G A 1 25 ? -22.826 -0.083  22.572  1.00 262.90 ? 30 G A "C4'" 1 
ATOM 533  O "O4'" . G A 1 25 ? -21.969 -0.069  21.399  1.00 263.66 ? 30 G A "O4'" 1 
ATOM 534  C "C3'" . G A 1 25 ? -23.797 -1.234  22.347  1.00 261.84 ? 30 G A "C3'" 1 
ATOM 535  O "O3'" . G A 1 25 ? -25.047 -0.962  22.974  1.00 258.27 ? 30 G A "O3'" 1 
ATOM 536  C "C2'" . G A 1 25 ? -23.945 -1.247  20.829  1.00 263.01 ? 30 G A "C2'" 1 
ATOM 537  O "O2'" . G A 1 25 ? -24.880 -0.304  20.351  1.00 263.06 ? 30 G A "O2'" 1 
ATOM 538  C "C1'" . G A 1 25 ? -22.530 -0.877  20.383  1.00 264.15 ? 30 G A "C1'" 1 
ATOM 539  N N9    . G A 1 25 ? -21.662 -2.033  20.186  1.00 265.31 ? 30 G A N9    1 
ATOM 540  C C8    . G A 1 25 ? -20.514 -2.334  20.879  1.00 265.44 ? 30 G A C8    1 
ATOM 541  N N7    . G A 1 25 ? -19.949 -3.440  20.476  1.00 265.81 ? 30 G A N7    1 
ATOM 542  C C5    . G A 1 25 ? -20.771 -3.895  19.455  1.00 266.53 ? 30 G A C5    1 
ATOM 543  C C6    . G A 1 25 ? -20.664 -5.055  18.635  1.00 267.08 ? 30 G A C6    1 
ATOM 544  O O6    . G A 1 25 ? -19.795 -5.935  18.652  1.00 266.96 ? 30 G A O6    1 
ATOM 545  N N1    . G A 1 25 ? -21.714 -5.134  17.723  1.00 267.18 ? 30 G A N1    1 
ATOM 546  C C2    . G A 1 25 ? -22.732 -4.218  17.612  1.00 267.16 ? 30 G A C2    1 
ATOM 547  N N2    . G A 1 25 ? -23.653 -4.469  16.670  1.00 267.07 ? 30 G A N2    1 
ATOM 548  N N3    . G A 1 25 ? -22.842 -3.135  18.369  1.00 266.83 ? 30 G A N3    1 
ATOM 549  C C4    . G A 1 25 ? -21.833 -3.038  19.263  1.00 266.31 ? 30 G A C4    1 
ATOM 550  P P     . U A 1 26 ? -25.871 -2.147  23.663  1.00 254.71 ? 31 U A P     1 
ATOM 551  O OP1   . U A 1 26 ? -26.978 -1.543  24.447  1.00 254.78 ? 31 U A OP1   1 
ATOM 552  O OP2   . U A 1 26 ? -24.903 -3.051  24.336  1.00 254.72 ? 31 U A OP2   1 
ATOM 553  O "O5'" . U A 1 26 ? -26.502 -2.919  22.420  1.00 251.91 ? 31 U A "O5'" 1 
ATOM 554  C "C5'" . U A 1 26 ? -27.715 -2.454  21.799  1.00 248.84 ? 31 U A "C5'" 1 
ATOM 555  C "C4'" . U A 1 26 ? -28.123 -3.388  20.685  1.00 246.51 ? 31 U A "C4'" 1 
ATOM 556  O "O4'" . U A 1 26 ? -27.073 -3.423  19.679  1.00 245.83 ? 31 U A "O4'" 1 
ATOM 557  C "C3'" . U A 1 26 ? -28.345 -4.839  21.089  1.00 244.80 ? 31 U A "C3'" 1 
ATOM 558  O "O3'" . U A 1 26 ? -29.695 -5.067  21.476  1.00 241.22 ? 31 U A "O3'" 1 
ATOM 559  C "C2'" . U A 1 26 ? -28.002 -5.591  19.809  1.00 245.30 ? 31 U A "C2'" 1 
ATOM 560  O "O2'" . U A 1 26 ? -29.061 -5.615  18.875  1.00 245.63 ? 31 U A "O2'" 1 
ATOM 561  C "C1'" . U A 1 26 ? -26.834 -4.761  19.281  1.00 245.39 ? 31 U A "C1'" 1 
ATOM 562  N N1    . U A 1 26 ? -25.535 -5.176  19.825  1.00 20.00  ? 31 U A N1    1 
ATOM 563  C C2    . U A 1 26 ? -24.921 -6.277  19.258  1.00 20.00  ? 31 U A C2    1 
ATOM 564  O O2    . U A 1 26 ? -25.411 -6.904  18.335  1.00 20.00  ? 31 U A O2    1 
ATOM 565  N N3    . U A 1 26 ? -23.714 -6.613  19.816  1.00 20.00  ? 31 U A N3    1 
ATOM 566  C C4    . U A 1 26 ? -23.068 -5.981  20.857  1.00 20.00  ? 31 U A C4    1 
ATOM 567  O O4    . U A 1 26 ? -21.979 -6.407  21.245  1.00 20.00  ? 31 U A O4    1 
ATOM 568  C C5    . U A 1 26 ? -23.767 -4.853  21.390  1.00 20.00  ? 31 U A C5    1 
ATOM 569  C C6    . U A 1 26 ? -24.948 -4.498  20.869  1.00 20.00  ? 31 U A C6    1 
ATOM 570  P P     . C A 1 27 ? -30.014 -5.882  22.814  1.00 76.88  ? 32 C A P     1 
ATOM 571  O OP1   . C A 1 27 ? -31.155 -5.240  23.463  1.00 78.59  ? 32 C A OP1   1 
ATOM 572  O OP2   . C A 1 27 ? -28.756 -6.023  23.551  1.00 75.20  ? 32 C A OP2   1 
ATOM 573  O "O5'" . C A 1 27 ? -30.570 -7.254  22.260  1.00 78.76  ? 32 C A "O5'" 1 
ATOM 574  C "C5'" . C A 1 27 ? -30.728 -7.448  20.858  1.00 77.93  ? 32 C A "C5'" 1 
ATOM 575  C "C4'" . C A 1 27 ? -30.510 -8.895  20.528  1.00 78.66  ? 32 C A "C4'" 1 
ATOM 576  O "O4'" . C A 1 27 ? -29.254 -9.036  19.842  1.00 79.49  ? 32 C A "O4'" 1 
ATOM 577  C "C3'" . C A 1 27 ? -30.403 -9.815  21.715  1.00 78.23  ? 32 C A "C3'" 1 
ATOM 578  O "O3'" . C A 1 27 ? -31.757 -10.061 22.040  1.00 77.17  ? 32 C A "O3'" 1 
ATOM 579  C "C2'" . C A 1 27 ? -29.602 -10.953 21.123  1.00 79.34  ? 32 C A "C2'" 1 
ATOM 580  O "O2'" . C A 1 27 ? -30.367 -11.693 20.224  1.00 79.34  ? 32 C A "O2'" 1 
ATOM 581  C "C1'" . C A 1 27 ? -28.612 -10.203 20.253  1.00 78.22  ? 32 C A "C1'" 1 
ATOM 582  N N1    . C A 1 27 ? -27.399 -9.820  20.955  1.00 20.00  ? 32 C A N1    1 
ATOM 583  C C2    . C A 1 27 ? -26.365 -10.732 21.030  1.00 20.00  ? 32 C A C2    1 
ATOM 584  O O2    . C A 1 27 ? -26.507 -11.838 20.502  1.00 20.00  ? 32 C A O2    1 
ATOM 585  N N3    . C A 1 27 ? -25.238 -10.402 21.679  1.00 20.00  ? 32 C A N3    1 
ATOM 586  C C4    . C A 1 27 ? -25.121 -9.205  22.237  1.00 20.00  ? 32 C A C4    1 
ATOM 587  N N4    . C A 1 27 ? -23.990 -8.929  22.876  1.00 20.00  ? 32 C A N4    1 
ATOM 588  C C5    . C A 1 27 ? -26.162 -8.245  22.175  1.00 20.00  ? 32 C A C5    1 
ATOM 589  C C6    . C A 1 27 ? -27.273 -8.589  21.525  1.00 20.00  ? 32 C A C6    1 
ATOM 590  P P     . U A 1 28 ? -32.166 -10.729 23.383  1.00 222.95 ? 33 U A P     1 
ATOM 591  O OP1   . U A 1 28 ? -33.580 -10.730 23.399  1.00 222.96 ? 33 U A OP1   1 
ATOM 592  O OP2   . U A 1 28 ? -31.463 -10.167 24.492  1.00 222.82 ? 33 U A OP2   1 
ATOM 593  O "O5'" . U A 1 28 ? -31.739 -12.236 23.152  1.00 220.09 ? 33 U A "O5'" 1 
ATOM 594  C "C5'" . U A 1 28 ? -31.783 -13.234 24.156  1.00 216.92 ? 33 U A "C5'" 1 
ATOM 595  C "C4'" . U A 1 28 ? -30.443 -13.819 24.473  1.00 214.29 ? 33 U A "C4'" 1 
ATOM 596  O "O4'" . U A 1 28 ? -29.369 -12.953 23.866  1.00 213.21 ? 33 U A "O4'" 1 
ATOM 597  C "C3'" . U A 1 28 ? -30.072 -13.805 25.914  1.00 212.42 ? 33 U A "C3'" 1 
ATOM 598  O "O3'" . U A 1 28 ? -30.854 -14.735 26.641  1.00 209.77 ? 33 U A "O3'" 1 
ATOM 599  C "C2'" . U A 1 28 ? -28.591 -14.090 25.846  1.00 212.09 ? 33 U A "C2'" 1 
ATOM 600  O "O2'" . U A 1 28 ? -28.521 -15.379 25.346  1.00 212.32 ? 33 U A "O2'" 1 
ATOM 601  C "C1'" . U A 1 28 ? -28.204 -13.235 24.642  1.00 212.11 ? 33 U A "C1'" 1 
ATOM 602  N N1    . U A 1 28 ? -27.535 -11.975 24.994  1.00 211.60 ? 33 U A N1    1 
ATOM 603  C C2    . U A 1 28 ? -26.217 -12.001 25.351  1.00 210.83 ? 33 U A C2    1 
ATOM 604  O O2    . U A 1 28 ? -25.568 -13.016 25.396  1.00 210.37 ? 33 U A O2    1 
ATOM 605  N N3    . U A 1 28 ? -25.690 -10.792 25.687  1.00 210.76 ? 33 U A N3    1 
ATOM 606  C C4    . U A 1 28 ? -26.310 -9.581  25.644  1.00 211.02 ? 33 U A C4    1 
ATOM 607  O O4    . U A 1 28 ? -25.678 -8.571  25.927  1.00 210.53 ? 33 U A O4    1 
ATOM 608  C C5    . U A 1 28 ? -27.670 -9.631  25.251  1.00 211.63 ? 33 U A C5    1 
ATOM 609  C C6    . U A 1 28 ? -28.222 -10.800 24.947  1.00 211.89 ? 33 U A C6    1 
ATOM 610  P P     . C A 1 29 ? -31.980 -14.190 27.657  1.00 207.01 ? 34 C A P     1 
ATOM 611  O OP1   . C A 1 29 ? -33.231 -14.947 27.402  1.00 207.37 ? 34 C A OP1   1 
ATOM 612  O OP2   . C A 1 29 ? -31.948 -12.784 27.586  1.00 206.78 ? 34 C A OP2   1 
ATOM 613  O "O5'" . C A 1 29 ? -31.477 -14.528 29.109  1.00 203.68 ? 34 C A "O5'" 1 
ATOM 614  C "C5'" . C A 1 29 ? -31.145 -13.489 30.031  1.00 200.19 ? 34 C A "C5'" 1 
ATOM 615  C "C4'" . C A 1 29 ? -29.910 -13.824 30.806  1.00 197.51 ? 34 C A "C4'" 1 
ATOM 616  O "O4'" . C A 1 29 ? -29.949 -15.208 31.161  1.00 195.60 ? 34 C A "O4'" 1 
ATOM 617  C "C3'" . C A 1 29 ? -28.611 -13.683 30.066  1.00 195.49 ? 34 C A "C3'" 1 
ATOM 618  O "O3'" . C A 1 29 ? -28.226 -12.376 30.301  1.00 193.99 ? 34 C A "O3'" 1 
ATOM 619  C "C2'" . C A 1 29 ? -27.731 -14.608 30.865  1.00 194.42 ? 34 C A "C2'" 1 
ATOM 620  O "O2'" . C A 1 29 ? -27.586 -14.125 32.161  1.00 194.16 ? 34 C A "O2'" 1 
ATOM 621  C "C1'" . C A 1 29 ? -28.665 -15.765 31.090  1.00 193.69 ? 34 C A "C1'" 1 
ATOM 622  N N1    . C A 1 29 ? -28.670 -16.795 30.055  1.00 20.00  ? 34 C A N1    1 
ATOM 623  C C2    . C A 1 29 ? -27.727 -17.793 30.119  1.00 20.00  ? 34 C A C2    1 
ATOM 624  O O2    . C A 1 29 ? -26.889 -17.752 31.015  1.00 20.00  ? 34 C A O2    1 
ATOM 625  N N3    . C A 1 29 ? -27.738 -18.774 29.200  1.00 20.00  ? 34 C A N3    1 
ATOM 626  C C4    . C A 1 29 ? -28.677 -18.794 28.263  1.00 20.00  ? 34 C A C4    1 
ATOM 627  N N4    . C A 1 29 ? -28.657 -19.789 27.381  1.00 20.00  ? 34 C A N4    1 
ATOM 628  C C5    . C A 1 29 ? -29.679 -17.800 28.192  1.00 20.00  ? 34 C A C5    1 
ATOM 629  C C6    . C A 1 29 ? -29.645 -16.833 29.107  1.00 20.00  ? 34 C A C6    1 
ATOM 630  P P     . U A 1 30 ? -27.408 -11.553 29.184  1.00 192.45 ? 35 U A P     1 
ATOM 631  O OP1   . U A 1 30 ? -27.172 -10.252 29.657  1.00 193.07 ? 35 U A OP1   1 
ATOM 632  O OP2   . U A 1 30 ? -28.106 -11.766 27.885  1.00 192.89 ? 35 U A OP2   1 
ATOM 633  O "O5'" . U A 1 30 ? -25.991 -12.193 29.273  1.00 191.37 ? 35 U A "O5'" 1 
ATOM 634  C "C5'" . U A 1 30 ? -25.017 -11.654 30.150  1.00 190.33 ? 35 U A "C5'" 1 
ATOM 635  C "C4'" . U A 1 30 ? -23.754 -12.418 29.982  1.00 189.93 ? 35 U A "C4'" 1 
ATOM 636  O "O4'" . U A 1 30 ? -24.083 -13.801 30.109  1.00 188.84 ? 35 U A "O4'" 1 
ATOM 637  C "C3'" . U A 1 30 ? -23.146 -12.383 28.620  1.00 189.87 ? 35 U A "C3'" 1 
ATOM 638  O "O3'" . U A 1 30 ? -22.368 -11.239 28.462  1.00 191.03 ? 35 U A "O3'" 1 
ATOM 639  C "C2'" . U A 1 30 ? -22.275 -13.601 28.684  1.00 188.72 ? 35 U A "C2'" 1 
ATOM 640  O "O2'" . U A 1 30 ? -21.245 -13.337 29.581  1.00 188.72 ? 35 U A "O2'" 1 
ATOM 641  C "C1'" . U A 1 30 ? -23.192 -14.573 29.376  1.00 187.26 ? 35 U A "C1'" 1 
ATOM 642  N N1    . U A 1 30 ? -23.956 -15.423 28.483  1.00 20.00  ? 35 U A N1    1 
ATOM 643  C C2    . U A 1 30 ? -23.388 -16.606 28.160  1.00 20.00  ? 35 U A C2    1 
ATOM 644  O O2    . U A 1 30 ? -22.288 -16.899 28.501  1.00 20.00  ? 35 U A O2    1 
ATOM 645  N N3    . U A 1 30 ? -24.113 -17.386 27.316  1.00 20.00  ? 35 U A N3    1 
ATOM 646  C C4    . U A 1 30 ? -25.350 -17.131 26.830  1.00 20.00  ? 35 U A C4    1 
ATOM 647  O O4    . U A 1 30 ? -25.883 -17.951 26.106  1.00 20.00  ? 35 U A O4    1 
ATOM 648  C C5    . U A 1 30 ? -25.899 -15.889 27.239  1.00 20.00  ? 35 U A C5    1 
ATOM 649  C C6    . U A 1 30 ? -25.198 -15.099 28.039  1.00 20.00  ? 35 U A C6    1 
ATOM 650  P P     . A A 1 31 ? -22.088 -10.669 26.982  1.00 191.58 ? 36 A A P     1 
ATOM 651  O OP1   . A A 1 31 ? -21.695 -9.324  27.119  1.00 191.49 ? 36 A A OP1   1 
ATOM 652  O OP2   . A A 1 31 ? -23.205 -10.993 26.200  1.00 191.20 ? 36 A A OP2   1 
ATOM 653  O "O5'" . A A 1 31 ? -20.823 -11.489 26.567  1.00 193.14 ? 36 A A "O5'" 1 
ATOM 654  C "C5'" . A A 1 31 ? -20.614 -12.003 25.277  1.00 194.73 ? 36 A A "C5'" 1 
ATOM 655  C "C4'" . A A 1 31 ? -19.942 -13.338 25.373  1.00 195.91 ? 36 A A "C4'" 1 
ATOM 656  O "O4'" . A A 1 31 ? -20.929 -14.309 25.731  1.00 195.92 ? 36 A A "O4'" 1 
ATOM 657  C "C3'" . A A 1 31 ? -19.462 -13.885 24.069  1.00 197.11 ? 36 A A "C3'" 1 
ATOM 658  O "O3'" . A A 1 31 ? -18.278 -13.262 23.771  1.00 198.78 ? 36 A A "O3'" 1 
ATOM 659  C "C2'" . A A 1 31 ? -19.386 -15.353 24.374  1.00 196.84 ? 36 A A "C2'" 1 
ATOM 660  O "O2'" . A A 1 31 ? -18.455 -15.505 25.369  1.00 196.90 ? 36 A A "O2'" 1 
ATOM 661  C "C1'" . A A 1 31 ? -20.644 -15.540 25.168  1.00 196.11 ? 36 A A "C1'" 1 
ATOM 662  N N9    . A A 1 31 ? -21.821 -15.933 24.437  1.00 195.89 ? 36 A A N9    1 
ATOM 663  C C8    . A A 1 31 ? -23.020 -15.291 24.485  1.00 195.79 ? 36 A A C8    1 
ATOM 664  N N7    . A A 1 31 ? -23.961 -15.884 23.806  1.00 195.49 ? 36 A A N7    1 
ATOM 665  C C5    . A A 1 31 ? -23.340 -17.002 23.289  1.00 195.85 ? 36 A A C5    1 
ATOM 666  C C6    . A A 1 31 ? -23.802 -18.042 22.493  1.00 196.24 ? 36 A A C6    1 
ATOM 667  N N6    . A A 1 31 ? -25.038 -18.114 22.019  1.00 196.33 ? 36 A A N6    1 
ATOM 668  N N1    . A A 1 31 ? -22.921 -18.987 22.132  1.00 196.17 ? 36 A A N1    1 
ATOM 669  C C2    . A A 1 31 ? -21.665 -18.880 22.549  1.00 196.01 ? 36 A A C2    1 
ATOM 670  N N3    . A A 1 31 ? -21.122 -17.970 23.330  1.00 195.99 ? 36 A A N3    1 
ATOM 671  C C4    . A A 1 31 ? -22.023 -17.044 23.669  1.00 195.89 ? 36 A A C4    1 
ATOM 672  P P     . A A 1 32 ? -18.085 -12.748 22.256  1.00 76.88  ? 37 A A P     1 
ATOM 673  O OP1   . A A 1 32 ? -16.765 -12.070 22.178  1.00 78.59  ? 37 A A OP1   1 
ATOM 674  O OP2   . A A 1 32 ? -19.307 -12.031 21.815  1.00 75.20  ? 37 A A OP2   1 
ATOM 675  O "O5'" . A A 1 32 ? -17.989 -14.122 21.457  1.00 78.76  ? 37 A A "O5'" 1 
ATOM 676  C "C5'" . A A 1 32 ? -16.999 -15.111 21.800  1.00 77.93  ? 37 A A "C5'" 1 
ATOM 677  C "C4'" . A A 1 32 ? -16.964 -16.198 20.754  1.00 78.66  ? 37 A A "C4'" 1 
ATOM 678  O "O4'" . A A 1 32 ? -17.990 -17.184 21.053  1.00 79.49  ? 37 A A "O4'" 1 
ATOM 679  C "C3'" . A A 1 32 ? -17.229 -15.740 19.320  1.00 78.23  ? 37 A A "C3'" 1 
ATOM 680  O "O3'" . A A 1 32 ? -16.005 -15.457 18.652  1.00 77.17  ? 37 A A "O3'" 1 
ATOM 681  C "C2'" . A A 1 32 ? -17.919 -16.952 18.706  1.00 79.34  ? 37 A A "C2'" 1 
ATOM 682  O "O2'" . A A 1 32 ? -17.016 -17.944 18.263  1.00 79.34  ? 37 A A "O2'" 1 
ATOM 683  C "C1'" . A A 1 32 ? -18.742 -17.463 19.888  1.00 78.22  ? 37 A A "C1'" 1 
ATOM 684  N N9    . A A 1 32 ? -20.043 -16.808 20.015  1.00 20.00  ? 37 A A N9    1 
ATOM 685  C C8    . A A 1 32 ? -20.347 -15.673 20.725  1.00 20.00  ? 37 A A C8    1 
ATOM 686  N N7    . A A 1 32 ? -21.609 -15.326 20.651  1.00 20.00  ? 37 A A N7    1 
ATOM 687  C C5    . A A 1 32 ? -22.176 -16.298 19.840  1.00 20.00  ? 37 A A C5    1 
ATOM 688  C C6    . A A 1 32 ? -23.487 -16.498 19.376  1.00 20.00  ? 37 A A C6    1 
ATOM 689  N N6    . A A 1 32 ? -24.509 -15.695 19.677  1.00 20.00  ? 37 A A N6    1 
ATOM 690  N N1    . A A 1 32 ? -23.716 -17.566 18.582  1.00 20.00  ? 37 A A N1    1 
ATOM 691  C C2    . A A 1 32 ? -22.691 -18.372 18.279  1.00 20.00  ? 37 A A C2    1 
ATOM 692  N N3    . A A 1 32 ? -21.415 -18.289 18.652  1.00 20.00  ? 37 A A N3    1 
ATOM 693  C C4    . A A 1 32 ? -21.222 -17.218 19.441  1.00 20.00  ? 37 A A C4    1 
ATOM 694  P P     . A A 1 33 ? -15.999 -14.512 17.361  1.00 213.53 ? 38 A A P     1 
ATOM 695  O OP1   . A A 1 33 ? -14.590 -14.140 17.069  1.00 213.14 ? 38 A A OP1   1 
ATOM 696  O OP2   . A A 1 33 ? -17.014 -13.446 17.566  1.00 213.02 ? 38 A A OP2   1 
ATOM 697  O "O5'" . A A 1 33 ? -16.511 -15.480 16.204  1.00 218.12 ? 38 A A "O5'" 1 
ATOM 698  C "C5'" . A A 1 33 ? -17.167 -14.955 15.034  1.00 222.95 ? 38 A A "C5'" 1 
ATOM 699  C "C4'" . A A 1 33 ? -18.195 -15.938 14.529  1.00 226.61 ? 38 A A "C4'" 1 
ATOM 700  O "O4'" . A A 1 33 ? -18.925 -16.491 15.662  1.00 227.09 ? 38 A A "O4'" 1 
ATOM 701  C "C3'" . A A 1 33 ? -19.256 -15.359 13.593  1.00 230.30 ? 38 A A "C3'" 1 
ATOM 702  O "O3'" . A A 1 33 ? -18.866 -15.533 12.234  1.00 236.68 ? 38 A A "O3'" 1 
ATOM 703  C "C2'" . A A 1 33 ? -20.485 -16.199 13.915  1.00 229.56 ? 38 A A "C2'" 1 
ATOM 704  O "O2'" . A A 1 33 ? -20.512 -17.436 13.234  1.00 229.48 ? 38 A A "O2'" 1 
ATOM 705  C "C1'" . A A 1 33 ? -20.315 -16.416 15.418  1.00 228.01 ? 38 A A "C1'" 1 
ATOM 706  N N9    . A A 1 33 ? -20.862 -15.328 16.228  1.00 227.18 ? 38 A A N9    1 
ATOM 707  C C8    . A A 1 33 ? -20.171 -14.402 16.970  1.00 226.27 ? 38 A A C8    1 
ATOM 708  N N7    . A A 1 33 ? -20.941 -13.544 17.596  1.00 225.60 ? 38 A A N7    1 
ATOM 709  C C5    . A A 1 33 ? -22.225 -13.930 17.241  1.00 225.77 ? 38 A A C5    1 
ATOM 710  C C6    . A A 1 33 ? -23.493 -13.421 17.576  1.00 225.49 ? 38 A A C6    1 
ATOM 711  N N6    . A A 1 33 ? -23.680 -12.367 18.376  1.00 225.39 ? 38 A A N6    1 
ATOM 712  N N1    . A A 1 33 ? -24.574 -14.038 17.054  1.00 225.77 ? 38 A A N1    1 
ATOM 713  C C2    . A A 1 33 ? -24.386 -15.093 16.253  1.00 226.08 ? 38 A A C2    1 
ATOM 714  N N3    . A A 1 33 ? -23.248 -15.664 15.864  1.00 226.43 ? 38 A A N3    1 
ATOM 715  C C4    . A A 1 33 ? -22.193 -15.028 16.401  1.00 226.65 ? 38 A A C4    1 
ATOM 716  P P     . A A 1 34 ? -18.824 -14.137 11.507  1.00 76.88  ? 39 A A P     1 
ATOM 717  O OP1   . A A 1 34 ? -17.717 -14.114 10.595  1.00 78.59  ? 39 A A OP1   1 
ATOM 718  O OP2   . A A 1 34 ? -18.870 -13.106 12.510  1.00 75.20  ? 39 A A OP2   1 
ATOM 719  O "O5'" . A A 1 34 ? -20.237 -14.106 10.832  1.00 78.76  ? 39 A A "O5'" 1 
ATOM 720  C "C5'" . A A 1 34 ? -21.097 -13.035 11.102  1.00 77.93  ? 39 A A "C5'" 1 
ATOM 721  C "C4'" . A A 1 34 ? -22.517 -13.448 10.939  1.00 78.66  ? 39 A A "C4'" 1 
ATOM 722  O "O4'" . A A 1 34 ? -22.986 -14.041 12.165  1.00 79.49  ? 39 A A "O4'" 1 
ATOM 723  C "C3'" . A A 1 34 ? -23.407 -12.251 10.698  1.00 78.23  ? 39 A A "C3'" 1 
ATOM 724  O "O3'" . A A 1 34 ? -23.687 -12.392 9.330   1.00 77.17  ? 39 A A "O3'" 1 
ATOM 725  C "C2'" . A A 1 34 ? -24.571 -12.494 11.643  1.00 79.34  ? 39 A A "C2'" 1 
ATOM 726  O "O2'" . A A 1 34 ? -25.447 -13.510 11.210  1.00 79.34  ? 39 A A "O2'" 1 
ATOM 727  C "C1'" . A A 1 34 ? -23.863 -13.164 12.799  1.00 78.22  ? 39 A A "C1'" 1 
ATOM 728  N N9    . A A 1 34 ? -23.087 -12.275 13.647  1.00 20.00  ? 39 A A N9    1 
ATOM 729  C C8    . A A 1 34 ? -21.728 -12.203 13.756  1.00 20.00  ? 39 A A C8    1 
ATOM 730  N N7    . A A 1 34 ? -21.315 -11.337 14.643  1.00 20.00  ? 39 A A N7    1 
ATOM 731  C C5    . A A 1 34 ? -22.485 -10.819 15.169  1.00 20.00  ? 39 A A C5    1 
ATOM 732  C C6    . A A 1 34 ? -22.726 -9.852  16.143  1.00 20.00  ? 39 A A C6    1 
ATOM 733  N N6    . A A 1 34 ? -21.766 -9.214  16.799  1.00 20.00  ? 39 A A N6    1 
ATOM 734  N N1    . A A 1 34 ? -24.006 -9.556  16.432  1.00 20.00  ? 39 A A N1    1 
ATOM 735  C C2    . A A 1 34 ? -24.971 -10.193 15.772  1.00 20.00  ? 39 A A C2    1 
ATOM 736  N N3    . A A 1 34 ? -24.871 -11.123 14.831  1.00 20.00  ? 39 A A N3    1 
ATOM 737  C C4    . A A 1 34 ? -23.583 -11.386 14.566  1.00 20.00  ? 39 A A C4    1 
ATOM 738  P P     . C A 1 35 ? -23.597 -11.123 8.361   1.00 263.46 ? 40 C A P     1 
ATOM 739  O OP1   . C A 1 35 ? -24.974 -10.613 8.141   1.00 263.61 ? 40 C A OP1   1 
ATOM 740  O OP2   . C A 1 35 ? -22.757 -11.496 7.194   1.00 263.53 ? 40 C A OP2   1 
ATOM 741  O "O5'" . C A 1 35 ? -22.801 -10.056 9.236   1.00 264.62 ? 40 C A "O5'" 1 
ATOM 742  C "C5'" . C A 1 35 ? -22.958 -8.644  9.005   1.00 266.25 ? 40 C A "C5'" 1 
ATOM 743  C "C4'" . C A 1 35 ? -24.217 -8.142  9.674   1.00 267.68 ? 40 C A "C4'" 1 
ATOM 744  O "O4'" . C A 1 35 ? -24.384 -8.820  10.949  1.00 267.80 ? 40 C A "O4'" 1 
ATOM 745  C "C3'" . C A 1 35 ? -24.240 -6.652  9.992   1.00 268.95 ? 40 C A "C3'" 1 
ATOM 746  O "O3'" . C A 1 35 ? -24.834 -5.920  8.925   1.00 271.35 ? 40 C A "O3'" 1 
ATOM 747  C "C2'" . C A 1 35 ? -25.108 -6.593  11.243  1.00 268.69 ? 40 C A "C2'" 1 
ATOM 748  O "O2'" . C A 1 35 ? -26.493 -6.602  10.963  1.00 268.89 ? 40 C A "O2'" 1 
ATOM 749  C "C1'" . C A 1 35 ? -24.695 -7.878  11.958  1.00 268.00 ? 40 C A "C1'" 1 
ATOM 750  N N1    . C A 1 35 ? -23.511 -7.715  12.817  1.00 267.36 ? 40 C A N1    1 
ATOM 751  C C2    . C A 1 35 ? -23.477 -6.646  13.716  1.00 266.87 ? 40 C A C2    1 
ATOM 752  O O2    . C A 1 35 ? -24.442 -5.869  13.763  1.00 266.89 ? 40 C A O2    1 
ATOM 753  N N3    . C A 1 35 ? -22.394 -6.487  14.512  1.00 266.61 ? 40 C A N3    1 
ATOM 754  C C4    . C A 1 35 ? -21.375 -7.346  14.432  1.00 266.44 ? 40 C A C4    1 
ATOM 755  N N4    . C A 1 35 ? -20.327 -7.151  15.235  1.00 266.32 ? 40 C A N4    1 
ATOM 756  C C5    . C A 1 35 ? -21.386 -8.444  13.522  1.00 266.84 ? 40 C A C5    1 
ATOM 757  C C6    . C A 1 35 ? -22.464 -8.590  12.744  1.00 267.05 ? 40 C A C6    1 
ATOM 758  P P     . C A 1 36 ? -23.963 -4.865  8.095   1.00 273.53 ? 41 C A P     1 
ATOM 759  O OP1   . C A 1 36 ? -24.395 -4.927  6.676   1.00 273.14 ? 41 C A OP1   1 
ATOM 760  O OP2   . C A 1 36 ? -22.534 -5.077  8.439   1.00 273.76 ? 41 C A OP2   1 
ATOM 761  O "O5'" . C A 1 36 ? -24.420 -3.464  8.703   1.00 275.16 ? 41 C A "O5'" 1 
ATOM 762  C "C5'" . C A 1 36 ? -23.587 -2.297  8.578   1.00 276.63 ? 41 C A "C5'" 1 
ATOM 763  C "C4'" . C A 1 36 ? -24.137 -1.171  9.419   1.00 277.61 ? 41 C A "C4'" 1 
ATOM 764  O "O4'" . C A 1 36 ? -24.658 -1.713  10.664  1.00 277.58 ? 41 C A "O4'" 1 
ATOM 765  C "C3'" . C A 1 36 ? -23.130 -0.099  9.820   1.00 278.29 ? 41 C A "C3'" 1 
ATOM 766  O "O3'" . C A 1 36 ? -23.145 0.977   8.888   1.00 279.57 ? 41 C A "O3'" 1 
ATOM 767  C "C2'" . C A 1 36 ? -23.647 0.353   11.181  1.00 277.91 ? 41 C A "C2'" 1 
ATOM 768  O "O2'" . C A 1 36 ? -24.686 1.308   11.094  1.00 277.86 ? 41 C A "O2'" 1 
ATOM 769  C "C1'" . C A 1 36 ? -24.170 -0.960  11.758  1.00 277.39 ? 41 C A "C1'" 1 
ATOM 770  N N1    . C A 1 36 ? -23.135 -1.754  12.436  1.00 276.96 ? 41 C A N1    1 
ATOM 771  C C2    . C A 1 36 ? -22.729 -1.377  13.718  1.00 276.52 ? 41 C A C2    1 
ATOM 772  O O2    . C A 1 36 ? -23.256 -0.385  14.244  1.00 275.93 ? 41 C A O2    1 
ATOM 773  N N3    . C A 1 36 ? -21.778 -2.099  14.351  1.00 276.49 ? 41 C A N3    1 
ATOM 774  C C4    . C A 1 36 ? -21.236 -3.161  13.748  1.00 276.35 ? 41 C A C4    1 
ATOM 775  N N4    . C A 1 36 ? -20.299 -3.846  14.408  1.00 276.31 ? 41 C A N4    1 
ATOM 776  C C5    . C A 1 36 ? -21.631 -3.567  12.441  1.00 276.53 ? 41 C A C5    1 
ATOM 777  C C6    . C A 1 36 ? -22.575 -2.841  11.827  1.00 276.88 ? 41 C A C6    1 
ATOM 778  P P     . U A 1 37 ? -21.872 1.937   8.753   1.00 280.81 ? 42 U A P     1 
ATOM 779  O OP1   . U A 1 37 ? -21.920 2.577   7.414   1.00 280.59 ? 42 U A OP1   1 
ATOM 780  O OP2   . U A 1 37 ? -20.669 1.166   9.157   1.00 280.73 ? 42 U A OP2   1 
ATOM 781  O "O5'" . U A 1 37 ? -22.144 3.055   9.856   1.00 281.63 ? 42 U A "O5'" 1 
ATOM 782  C "C5'" . U A 1 37 ? -21.087 3.927   10.299  1.00 282.58 ? 42 U A "C5'" 1 
ATOM 783  C "C4'" . U A 1 37 ? -21.128 4.083   11.801  1.00 283.31 ? 42 U A "C4'" 1 
ATOM 784  O "O4'" . U A 1 37 ? -21.506 2.816   12.407  1.00 283.20 ? 42 U A "O4'" 1 
ATOM 785  C "C3'" . U A 1 37 ? -19.811 4.485   12.455  1.00 283.97 ? 42 U A "C3'" 1 
ATOM 786  O "O3'" . U A 1 37 ? -19.738 5.899   12.611  1.00 285.07 ? 42 U A "O3'" 1 
ATOM 787  C "C2'" . U A 1 37 ? -19.882 3.790   13.810  1.00 283.65 ? 42 U A "C2'" 1 
ATOM 788  O "O2'" . U A 1 37 ? -20.616 4.517   14.773  1.00 283.95 ? 42 U A "O2'" 1 
ATOM 789  C "C1'" . U A 1 37 ? -20.603 2.494   13.446  1.00 282.94 ? 42 U A "C1'" 1 
ATOM 790  N N1    . U A 1 37 ? -19.702 1.440   12.962  1.00 20.00  ? 42 U A N1    1 
ATOM 791  C C2    . U A 1 37 ? -18.550 1.194   13.687  1.00 20.00  ? 42 U A C2    1 
ATOM 792  O O2    . U A 1 37 ? -18.260 1.811   14.697  1.00 20.00  ? 42 U A O2    1 
ATOM 793  N N3    . U A 1 37 ? -17.755 0.198   13.181  1.00 20.00  ? 42 U A N3    1 
ATOM 794  C C4    . U A 1 37 ? -17.980 -0.563  12.052  1.00 20.00  ? 42 U A C4    1 
ATOM 795  O O4    . U A 1 37 ? -17.163 -1.425  11.728  1.00 20.00  ? 42 U A O4    1 
ATOM 796  C C5    . U A 1 37 ? -19.191 -0.248  11.359  1.00 20.00  ? 42 U A C5    1 
ATOM 797  C C6    . U A 1 37 ? -19.992 0.719   11.826  1.00 20.00  ? 42 U A C6    1 
ATOM 798  P P     . A A 1 38 A -18.714 6.751   11.726  1.00 285.84 ? 42 A A P     1 
ATOM 799  O OP1   . A A 1 38 A -19.429 7.205   10.506  1.00 285.95 ? 42 A A OP1   1 
ATOM 800  O OP2   . A A 1 38 A -17.458 5.969   11.594  1.00 285.61 ? 42 A A OP2   1 
ATOM 801  O "O5'" . A A 1 38 A -18.423 8.024   12.637  1.00 285.75 ? 42 A A "O5'" 1 
ATOM 802  C "C5'" . A A 1 38 A -18.322 7.905   14.069  1.00 285.68 ? 42 A A "C5'" 1 
ATOM 803  C "C4'" . A A 1 38 A -16.874 7.952   14.495  1.00 285.83 ? 42 A A "C4'" 1 
ATOM 804  O "O4'" . A A 1 38 A -16.430 6.605   14.827  1.00 285.46 ? 42 A A "O4'" 1 
ATOM 805  C "C3'" . A A 1 38 A -15.892 8.471   13.443  1.00 286.23 ? 42 A A "C3'" 1 
ATOM 806  O "O3'" . A A 1 38 A -14.834 9.205   14.046  1.00 287.86 ? 42 A A "O3'" 1 
ATOM 807  C "C2'" . A A 1 38 A -15.316 7.188   12.860  1.00 285.57 ? 42 A A "C2'" 1 
ATOM 808  O "O2'" . A A 1 38 A -14.029 7.356   12.301  1.00 284.88 ? 42 A A "O2'" 1 
ATOM 809  C "C1'" . A A 1 38 A -15.250 6.314   14.108  1.00 285.33 ? 42 A A "C1'" 1 
ATOM 810  N N9    . A A 1 38 A -15.218 4.881   13.821  1.00 20.00  ? 42 A A N9    1 
ATOM 811  C C8    . A A 1 38 A -16.075 4.147   13.037  1.00 20.00  ? 42 A A C8    1 
ATOM 812  N N7    . A A 1 38 A -15.757 2.879   12.955  1.00 20.00  ? 42 A A N7    1 
ATOM 813  C C5    . A A 1 38 A -14.654 2.758   13.790  1.00 20.00  ? 42 A A C5    1 
ATOM 814  C C6    . A A 1 38 A -13.839 1.661   14.128  1.00 20.00  ? 42 A A C6    1 
ATOM 815  N N6    . A A 1 38 A -14.049 0.416   13.691  1.00 20.00  ? 42 A A N6    1 
ATOM 816  N N1    . A A 1 38 A -12.779 1.894   14.931  1.00 20.00  ? 42 A A N1    1 
ATOM 817  C C2    . A A 1 38 A -12.649 3.109   15.461  1.00 20.00  ? 42 A A C2    1 
ATOM 818  N N3    . A A 1 38 A -13.277 4.240   15.139  1.00 20.00  ? 42 A A N3    1 
ATOM 819  C C4    . A A 1 38 A -14.256 4.000   14.250  1.00 20.00  ? 42 A A C4    1 
ATOM 820  P P     . G A 1 39 ? -13.950 10.198  13.159  1.00 289.43 ? 43 G A P     1 
ATOM 821  O OP1   . G A 1 39 ? -14.514 11.563  13.309  1.00 289.73 ? 43 G A OP1   1 
ATOM 822  O OP2   . G A 1 39 ? -13.809 9.606   11.805  1.00 289.13 ? 43 G A OP2   1 
ATOM 823  O "O5'" . G A 1 39 ? -12.525 10.161  13.871  1.00 291.32 ? 43 G A "O5'" 1 
ATOM 824  C "C5'" . G A 1 39 ? -11.334 9.835   13.128  1.00 292.90 ? 43 G A "C5'" 1 
ATOM 825  C "C4'" . G A 1 39 ? -10.303 9.215   14.042  1.00 293.78 ? 43 G A "C4'" 1 
ATOM 826  O "O4'" . G A 1 39 ? -10.889 8.063   14.707  1.00 294.53 ? 43 G A "O4'" 1 
ATOM 827  C "C3'" . G A 1 39 ? -9.041  8.705   13.356  1.00 294.03 ? 43 G A "C3'" 1 
ATOM 828  O "O3'" . G A 1 39 ? -8.029  9.706   13.362  1.00 293.04 ? 43 G A "O3'" 1 
ATOM 829  C "C2'" . G A 1 39 ? -8.641  7.523   14.232  1.00 294.57 ? 43 G A "C2'" 1 
ATOM 830  O "O2'" . G A 1 39 ? -7.913  7.901   15.381  1.00 294.76 ? 43 G A "O2'" 1 
ATOM 831  C "C1'" . G A 1 39 ? -10.006 6.959   14.620  1.00 294.99 ? 43 G A "C1'" 1 
ATOM 832  N N9    . G A 1 39 ? -10.546 6.020   13.643  1.00 295.53 ? 43 G A N9    1 
ATOM 833  C C8    . G A 1 39 ? -11.556 6.251   12.741  1.00 295.47 ? 43 G A C8    1 
ATOM 834  N N7    . G A 1 39 ? -11.822 5.216   11.991  1.00 295.96 ? 43 G A N7    1 
ATOM 835  C C5    . G A 1 39 ? -10.933 4.242   12.424  1.00 296.36 ? 43 G A C5    1 
ATOM 836  C C6    . G A 1 39 ? -10.747 2.901   11.982  1.00 296.42 ? 43 G A C6    1 
ATOM 837  O O6    . G A 1 39 ? -11.353 2.292   11.092  1.00 296.05 ? 43 G A O6    1 
ATOM 838  N N1    . G A 1 39 ? -9.736  2.262   12.693  1.00 296.46 ? 43 G A N1    1 
ATOM 839  C C2    . G A 1 39 ? -8.997  2.836   13.700  1.00 296.37 ? 43 G A C2    1 
ATOM 840  N N2    . G A 1 39 ? -8.065  2.058   14.268  1.00 296.06 ? 43 G A N2    1 
ATOM 841  N N3    . G A 1 39 ? -9.159  4.084   14.121  1.00 296.28 ? 43 G A N3    1 
ATOM 842  C C4    . G A 1 39 ? -10.137 4.723   13.444  1.00 296.17 ? 43 G A C4    1 
ATOM 843  P P     . C A 1 40 ? -7.332  10.146  11.991  1.00 76.88  ? 44 C A P     1 
ATOM 844  O OP1   . C A 1 40 ? -5.896  10.403  12.266  1.00 78.59  ? 44 C A OP1   1 
ATOM 845  O OP2   . C A 1 40 ? -8.163  11.211  11.373  1.00 75.20  ? 44 C A OP2   1 
ATOM 846  O "O5'" . C A 1 40 ? -7.441  8.836   11.095  1.00 78.76  ? 44 C A "O5'" 1 
ATOM 847  C "C5'" . C A 1 40 ? -6.606  8.657   9.933   1.00 77.93  ? 44 C A "C5'" 1 
ATOM 848  C "C4'" . C A 1 40 ? -5.446  7.743   10.250  1.00 78.66  ? 44 C A "C4'" 1 
ATOM 849  O "O4'" . C A 1 40 ? -5.887  6.704   11.169  1.00 79.49  ? 44 C A "O4'" 1 
ATOM 850  C "C3'" . C A 1 40 ? -4.841  7.015   9.052   1.00 78.23  ? 44 C A "C3'" 1 
ATOM 851  O "O3'" . C A 1 40 ? -3.798  7.704   8.347   1.00 77.17  ? 44 C A "O3'" 1 
ATOM 852  C "C2'" . C A 1 40 ? -4.414  5.675   9.649   1.00 79.34  ? 44 C A "C2'" 1 
ATOM 853  O "O2'" . C A 1 40 ? -3.161  5.658   10.301  1.00 79.34  ? 44 C A "O2'" 1 
ATOM 854  C "C1'" . C A 1 40 ? -5.529  5.434   10.663  1.00 78.22  ? 44 C A "C1'" 1 
ATOM 855  N N1    . C A 1 40 ? -6.731  4.822   10.077  1.00 20.00  ? 44 C A N1    1 
ATOM 856  C C2    . C A 1 40 ? -6.805  3.428   9.993   1.00 20.00  ? 44 C A C2    1 
ATOM 857  O O2    . C A 1 40 ? -5.856  2.752   10.416  1.00 20.00  ? 44 C A O2    1 
ATOM 858  N N3    . C A 1 40 ? -7.906  2.855   9.458   1.00 20.00  ? 44 C A N3    1 
ATOM 859  C C4    . C A 1 40 ? -8.907  3.619   9.016   1.00 20.00  ? 44 C A C4    1 
ATOM 860  N N4    . C A 1 40 ? -9.976  3.013   8.494   1.00 20.00  ? 44 C A N4    1 
ATOM 861  C C5    . C A 1 40 ? -8.857  5.043   9.090   1.00 20.00  ? 44 C A C5    1 
ATOM 862  C C6    . C A 1 40 ? -7.762  5.595   9.623   1.00 20.00  ? 44 C A C6    1 
ATOM 863  P P     . C A 1 41 ? -2.796  8.723   9.098   1.00 76.88  ? 45 C A P     1 
ATOM 864  O OP1   . C A 1 41 ? -2.249  8.050   10.305  1.00 78.59  ? 45 C A OP1   1 
ATOM 865  O OP2   . C A 1 41 ? -3.461  10.047  9.212   1.00 75.20  ? 45 C A OP2   1 
ATOM 866  O "O5'" . C A 1 41 ? -1.599  8.873   8.056   1.00 78.76  ? 45 C A "O5'" 1 
ATOM 867  C "C5'" . C A 1 41 ? -0.238  9.000   8.506   1.00 77.93  ? 45 C A "C5'" 1 
ATOM 868  C "C4'" . C A 1 41 ? 0.563   7.787   8.099   1.00 78.66  ? 45 C A "C4'" 1 
ATOM 869  O "O4'" . C A 1 41 ? 1.798   8.219   7.462   1.00 79.49  ? 45 C A "O4'" 1 
ATOM 870  C "C3'" . C A 1 41 ? 0.978   6.861   9.236   1.00 78.23  ? 45 C A "C3'" 1 
ATOM 871  O "O3'" . C A 1 41 ? 1.002   5.508   8.796   1.00 77.17  ? 45 C A "O3'" 1 
ATOM 872  C "C2'" . C A 1 41 ? 2.384   7.348   9.570   1.00 79.34  ? 45 C A "C2'" 1 
ATOM 873  O "O2'" . C A 1 41 ? 3.198   6.353   10.156  1.00 79.34  ? 45 C A "O2'" 1 
ATOM 874  C "C1'" . C A 1 41 ? 2.907   7.723   8.184   1.00 78.22  ? 45 C A "C1'" 1 
ATOM 875  N N1    . C A 1 41 ? 3.942   8.767   8.214   1.00 20.00  ? 45 C A N1    1 
ATOM 876  C C2    . C A 1 41 ? 5.284   8.386   8.157   1.00 20.00  ? 45 C A C2    1 
ATOM 877  O O2    . C A 1 41 ? 5.562   7.179   8.085   1.00 20.00  ? 45 C A O2    1 
ATOM 878  N N3    . C A 1 41 ? 6.244   9.341   8.182   1.00 20.00  ? 45 C A N3    1 
ATOM 879  C C4    . C A 1 41 ? 5.902   10.628  8.259   1.00 20.00  ? 45 C A C4    1 
ATOM 880  N N4    . C A 1 41 ? 6.880   11.535  8.281   1.00 20.00  ? 45 C A N4    1 
ATOM 881  C C5    . C A 1 41 ? 4.540   11.044  8.317   1.00 20.00  ? 45 C A C5    1 
ATOM 882  C C6    . C A 1 41 ? 3.602   10.088  8.293   1.00 20.00  ? 45 C A C6    1 
ATOM 883  P P     . A A 1 42 ? -0.436  4.783   8.821   1.00 76.88  ? 47 A A P     1 
ATOM 884  O OP1   . A A 1 42 ? -0.921  4.783   10.232  1.00 75.20  ? 47 A A OP1   1 
ATOM 885  O OP2   . A A 1 42 ? -0.368  3.497   8.083   1.00 78.59  ? 47 A A OP2   1 
ATOM 886  O "O5'" . A A 1 42 ? -1.428  5.824   8.121   1.00 78.76  ? 47 A A "O5'" 1 
ATOM 887  C "C5'" . A A 1 42 ? -1.275  6.221   6.760   1.00 77.93  ? 47 A A "C5'" 1 
ATOM 888  C "C4'" . A A 1 42 ? -0.905  5.027   5.928   1.00 78.66  ? 47 A A "C4'" 1 
ATOM 889  O "O4'" . A A 1 42 ? -2.035  4.668   5.096   1.00 79.49  ? 47 A A "O4'" 1 
ATOM 890  C "C3'" . A A 1 42 ? 0.297   5.269   5.014   1.00 78.23  ? 47 A A "C3'" 1 
ATOM 891  O "O3'" . A A 1 42 ? 1.621   4.905   5.458   1.00 77.17  ? 47 A A "O3'" 1 
ATOM 892  C "C2'" . A A 1 42 ? -0.184  4.957   3.590   1.00 79.34  ? 47 A A "C2'" 1 
ATOM 893  O "O2'" . A A 1 42 ? 0.532   3.842   3.080   1.00 79.34  ? 47 A A "O2'" 1 
ATOM 894  C "C1'" . A A 1 42 ? -1.715  4.855   3.735   1.00 78.22  ? 47 A A "C1'" 1 
ATOM 895  N N9    . A A 1 42 ? -2.546  5.954   3.235   1.00 20.00  ? 47 A A N9    1 
ATOM 896  C C8    . A A 1 42 ? -2.590  7.253   3.664   1.00 20.00  ? 47 A A C8    1 
ATOM 897  N N7    . A A 1 42 ? -3.505  7.974   3.065   1.00 20.00  ? 47 A A N7    1 
ATOM 898  C C5    . A A 1 42 ? -4.130  7.077   2.213   1.00 20.00  ? 47 A A C5    1 
ATOM 899  C C6    . A A 1 42 ? -5.190  7.217   1.309   1.00 20.00  ? 47 A A C6    1 
ATOM 900  N N6    . A A 1 42 ? -5.835  8.361   1.101   1.00 20.00  ? 47 A A N6    1 
ATOM 901  N N1    . A A 1 42 ? -5.562  6.132   0.605   1.00 20.00  ? 47 A A N1    1 
ATOM 902  C C2    . A A 1 42 ? -4.906  4.988   0.801   1.00 20.00  ? 47 A A C2    1 
ATOM 903  N N3    . A A 1 42 ? -3.896  4.730   1.623   1.00 20.00  ? 47 A A N3    1 
ATOM 904  C C4    . A A 1 42 ? -3.557  5.828   2.314   1.00 20.00  ? 47 A A C4    1 
ATOM 905  P P     . G A 1 43 ? 2.566   6.144   5.589   1.00 270.90 ? 48 G A P     1 
ATOM 906  O OP1   . G A 1 43 ? 3.986   5.888   5.349   1.00 271.04 ? 48 G A OP1   1 
ATOM 907  O OP2   . G A 1 43 ? 2.160   6.904   6.774   1.00 270.70 ? 48 G A OP2   1 
ATOM 908  O "O5'" . G A 1 43 ? 2.002   6.920   4.316   1.00 268.84 ? 48 G A "O5'" 1 
ATOM 909  C "C5'" . G A 1 43 ? 2.708   6.918   3.060   1.00 266.68 ? 48 G A "C5'" 1 
ATOM 910  C "C4'" . G A 1 43 ? 2.467   5.613   2.350   1.00 265.32 ? 48 G A "C4'" 1 
ATOM 911  O "O4'" . G A 1 43 ? 1.086   5.568   1.918   1.00 264.78 ? 48 G A "O4'" 1 
ATOM 912  C "C3'" . G A 1 43 ? 3.248   5.397   1.074   1.00 264.44 ? 48 G A "C3'" 1 
ATOM 913  O "O3'" . G A 1 43 ? 3.128   4.037   0.698   1.00 264.15 ? 48 G A "O3'" 1 
ATOM 914  C "C2'" . G A 1 43 ? 2.420   6.187   0.088   1.00 264.32 ? 48 G A "C2'" 1 
ATOM 915  O "O2'" . G A 1 43 ? 2.575   5.735   -1.231  1.00 264.10 ? 48 G A "O2'" 1 
ATOM 916  C "C1'" . G A 1 43 ? 1.011   5.821   0.533   1.00 264.32 ? 48 G A "C1'" 1 
ATOM 917  N N9    . G A 1 43 ? 0.093   6.927   0.318   1.00 20.00  ? 48 G A N9    1 
ATOM 918  C C8    . G A 1 43 ? 0.243   8.217   0.761   1.00 20.00  ? 48 G A C8    1 
ATOM 919  N N7    . G A 1 43 ? -0.727  9.001   0.385   1.00 20.00  ? 48 G A N7    1 
ATOM 920  C C5    . G A 1 43 ? -1.562  8.181   -0.358  1.00 20.00  ? 48 G A C5    1 
ATOM 921  C C6    . G A 1 43 ? -2.764  8.476   -1.038  1.00 20.00  ? 48 G A C6    1 
ATOM 922  O O6    . G A 1 43 ? -3.367  9.547   -1.094  1.00 20.00  ? 48 G A O6    1 
ATOM 923  N N1    . G A 1 43 ? -3.288  7.356   -1.667  1.00 20.00  ? 48 G A N1    1 
ATOM 924  C C2    . G A 1 43 ? -2.714  6.115   -1.658  1.00 20.00  ? 48 G A C2    1 
ATOM 925  N N2    . G A 1 43 ? -3.360  5.167   -2.341  1.00 20.00  ? 48 G A N2    1 
ATOM 926  N N3    . G A 1 43 ? -1.583  5.827   -1.035  1.00 20.00  ? 48 G A N3    1 
ATOM 927  C C4    . G A 1 43 ? -1.061  6.901   -0.418  1.00 20.00  ? 48 G A C4    1 
ATOM 928  P P     . C A 1 44 ? 4.283   3.330   -0.109  1.00 263.89 ? 49 C A P     1 
ATOM 929  O OP1   . C A 1 44 ? 4.768   4.253   -1.132  1.00 263.34 ? 49 C A OP1   1 
ATOM 930  O OP2   . C A 1 44 ? 3.853   1.978   -0.462  1.00 263.88 ? 49 C A OP2   1 
ATOM 931  O "O5'" . C A 1 44 ? 5.446   3.238   0.964   1.00 264.81 ? 49 C A "O5'" 1 
ATOM 932  C "C5'" . C A 1 44 ? 5.515   2.192   1.933   1.00 265.44 ? 49 C A "C5'" 1 
ATOM 933  C "C4'" . C A 1 44 ? 6.755   2.366   2.767   1.00 265.75 ? 49 C A "C4'" 1 
ATOM 934  O "O4'" . C A 1 44 ? 7.737   1.394   2.327   1.00 266.45 ? 49 C A "O4'" 1 
ATOM 935  C "C3'" . C A 1 44 ? 7.425   3.717   2.619   1.00 265.80 ? 49 C A "C3'" 1 
ATOM 936  O "O3'" . C A 1 44 ? 7.110   4.727   3.535   1.00 265.35 ? 49 C A "O3'" 1 
ATOM 937  C "C2'" . C A 1 44 ? 8.892   3.404   2.816   1.00 266.21 ? 49 C A "C2'" 1 
ATOM 938  O "O2'" . C A 1 44 ? 9.531   3.766   4.018   1.00 265.91 ? 49 C A "O2'" 1 
ATOM 939  C "C1'" . C A 1 44 ? 9.006   1.998   2.219   1.00 267.09 ? 49 C A "C1'" 1 
ATOM 940  N N1    . C A 1 44 ? 9.344   2.111   0.798   1.00 268.65 ? 49 C A N1    1 
ATOM 941  C C2    . C A 1 44 ? 10.399  2.953   0.451   1.00 269.49 ? 49 C A C2    1 
ATOM 942  O O2    . C A 1 44 ? 11.082  3.459   1.340   1.00 270.33 ? 49 C A O2    1 
ATOM 943  N N3    . C A 1 44 ? 10.702  3.126   -0.844  1.00 270.42 ? 49 C A N3    1 
ATOM 944  C C4    . C A 1 44 ? 9.963   2.549   -1.785  1.00 270.23 ? 49 C A C4    1 
ATOM 945  N N4    . C A 1 44 ? 10.325  2.725   -3.053  1.00 270.54 ? 49 C A N4    1 
ATOM 946  C C5    . C A 1 44 ? 8.908   1.659   -1.473  1.00 269.86 ? 49 C A C5    1 
ATOM 947  C C6    . C A 1 44 ? 8.601   1.505   -0.176  1.00 269.46 ? 49 C A C6    1 
ATOM 948  P P     . G A 1 45 ? 7.181   6.194   3.040   1.00 264.82 ? 50 G A P     1 
ATOM 949  O OP1   . G A 1 45 ? 6.404   7.025   3.943   1.00 265.05 ? 50 G A OP1   1 
ATOM 950  O OP2   . G A 1 45 ? 6.857   6.176   1.619   1.00 264.81 ? 50 G A OP2   1 
ATOM 951  O "O5'" . G A 1 45 ? 8.691   6.606   3.305   1.00 263.99 ? 50 G A "O5'" 1 
ATOM 952  C "C5'" . G A 1 45 ? 9.000   7.747   4.123   1.00 263.26 ? 50 G A "C5'" 1 
ATOM 953  C "C4'" . G A 1 45 ? 10.478  8.055   4.145   1.00 262.76 ? 50 G A "C4'" 1 
ATOM 954  O "O4'" . G A 1 45 ? 11.260  6.924   3.680   1.00 262.83 ? 50 G A "O4'" 1 
ATOM 955  C "C3'" . G A 1 45 ? 10.910  9.200   3.253   1.00 262.20 ? 50 G A "C3'" 1 
ATOM 956  O "O3'" . G A 1 45 ? 10.821  10.436  3.901   1.00 260.29 ? 50 G A "O3'" 1 
ATOM 957  C "C2'" . G A 1 45 ? 12.362  8.865   2.978   1.00 262.73 ? 50 G A "C2'" 1 
ATOM 958  O "O2'" . G A 1 45 ? 13.195  9.129   4.068   1.00 262.92 ? 50 G A "O2'" 1 
ATOM 959  C "C1'" . G A 1 45 ? 12.258  7.363   2.782   1.00 263.02 ? 50 G A "C1'" 1 
ATOM 960  N N9    . G A 1 45 ? 11.803  7.035   1.443   1.00 20.00  ? 50 G A N9    1 
ATOM 961  C C8    . G A 1 45 ? 10.557  6.600   1.085   1.00 20.00  ? 50 G A C8    1 
ATOM 962  N N7    . G A 1 45 ? 10.438  6.381   -0.194  1.00 20.00  ? 50 G A N7    1 
ATOM 963  C C5    . G A 1 45 ? 11.670  6.742   -0.715  1.00 20.00  ? 50 G A C5    1 
ATOM 964  C C6    . G A 1 45 ? 12.139  6.721   -2.045  1.00 20.00  ? 50 G A C6    1 
ATOM 965  O O6    . G A 1 45 ? 11.538  6.377   -3.062  1.00 20.00  ? 50 G A O6    1 
ATOM 966  N N1    . G A 1 45 ? 13.455  7.150   -2.133  1.00 20.00  ? 50 G A N1    1 
ATOM 967  C C2    . G A 1 45 ? 14.223  7.550   -1.069  1.00 20.00  ? 50 G A C2    1 
ATOM 968  N N2    . G A 1 45 ? 15.473  7.938   -1.354  1.00 20.00  ? 50 G A N2    1 
ATOM 969  N N3    . G A 1 45 ? 13.796  7.573   0.179   1.00 20.00  ? 50 G A N3    1 
ATOM 970  C C4    . G A 1 45 ? 12.517  7.162   0.283   1.00 20.00  ? 50 G A C4    1 
ATOM 971  P P     . G A 1 46 ? 10.102  11.641  3.108   1.00 258.12 ? 51 G A P     1 
ATOM 972  O OP1   . G A 1 46 ? 9.877   12.726  4.049   1.00 257.99 ? 51 G A OP1   1 
ATOM 973  O OP2   . G A 1 46 ? 8.997   11.048  2.367   1.00 258.00 ? 51 G A OP2   1 
ATOM 974  O "O5'" . G A 1 46 ? 11.220  12.151  2.114   1.00 255.99 ? 51 G A "O5'" 1 
ATOM 975  C "C5'" . G A 1 46 ? 11.888  13.388  2.371   1.00 253.69 ? 51 G A "C5'" 1 
ATOM 976  C "C4'" . G A 1 46 ? 13.174  13.482  1.593   1.00 251.96 ? 51 G A "C4'" 1 
ATOM 977  O "O4'" . G A 1 46 ? 13.717  12.159  1.334   1.00 250.83 ? 51 G A "O4'" 1 
ATOM 978  C "C3'" . G A 1 46 ? 13.072  14.115  0.226   1.00 250.67 ? 51 G A "C3'" 1 
ATOM 979  O "O3'" . G A 1 46 ? 13.287  15.494  0.384   1.00 249.01 ? 51 G A "O3'" 1 
ATOM 980  C "C2'" . G A 1 46 ? 14.272  13.509  -0.467  1.00 250.26 ? 51 G A "C2'" 1 
ATOM 981  O "O2'" . G A 1 46 ? 15.415  13.957  0.207   1.00 250.10 ? 51 G A "O2'" 1 
ATOM 982  C "C1'" . G A 1 46 ? 14.158  12.070  -0.003  1.00 249.63 ? 51 G A "C1'" 1 
ATOM 983  N N9    . G A 1 46 ? 13.165  11.313  -0.736  1.00 20.00  ? 51 G A N9    1 
ATOM 984  C C8    . G A 1 46 ? 12.013  10.776  -0.232  1.00 20.00  ? 51 G A C8    1 
ATOM 985  N N7    . G A 1 46 ? 11.304  10.152  -1.126  1.00 20.00  ? 51 G A N7    1 
ATOM 986  C C5    . G A 1 46 ? 12.055  10.247  -2.285  1.00 20.00  ? 51 G A C5    1 
ATOM 987  C C6    . G A 1 46 ? 11.799  9.753   -3.587  1.00 20.00  ? 51 G A C6    1 
ATOM 988  O O6    . G A 1 46 ? 10.839  9.097   -3.983  1.00 20.00  ? 51 G A O6    1 
ATOM 989  N N1    . G A 1 46 ? 12.821  10.073  -4.466  1.00 20.00  ? 51 G A N1    1 
ATOM 990  C C2    . G A 1 46 ? 13.934  10.801  -4.141  1.00 20.00  ? 51 G A C2    1 
ATOM 991  N N2    . G A 1 46 ? 14.801  11.012  -5.127  1.00 20.00  ? 51 G A N2    1 
ATOM 992  N N3    . G A 1 46 ? 14.185  11.270  -2.933  1.00 20.00  ? 51 G A N3    1 
ATOM 993  C C4    . G A 1 46 ? 13.203  10.965  -2.061  1.00 20.00  ? 51 G A C4    1 
ATOM 994  P P     . G A 1 47 ? 12.234  16.519  -0.274  1.00 247.07 ? 52 G A P     1 
ATOM 995  O OP1   . G A 1 47 ? 12.160  17.705  0.585   1.00 247.49 ? 52 G A OP1   1 
ATOM 996  O OP2   . G A 1 47 ? 11.038  15.748  -0.633  1.00 247.11 ? 52 G A OP2   1 
ATOM 997  O "O5'" . G A 1 47 ? 12.881  16.914  -1.667  1.00 246.43 ? 52 G A "O5'" 1 
ATOM 998  C "C5'" . G A 1 47 ? 14.293  17.039  -1.898  1.00 245.58 ? 52 G A "C5'" 1 
ATOM 999  C "C4'" . G A 1 47 ? 14.596  16.638  -3.318  1.00 244.76 ? 52 G A "C4'" 1 
ATOM 1000 O "O4'" . G A 1 47 ? 14.328  15.226  -3.439  1.00 244.78 ? 52 G A "O4'" 1 
ATOM 1001 C "C3'" . G A 1 47 ? 13.664  17.197  -4.366  1.00 243.77 ? 52 G A "C3'" 1 
ATOM 1002 O "O3'" . G A 1 47 ? 13.813  18.518  -4.838  1.00 241.73 ? 52 G A "O3'" 1 
ATOM 1003 C "C2'" . G A 1 47 ? 13.877  16.231  -5.513  1.00 244.03 ? 52 G A "C2'" 1 
ATOM 1004 O "O2'" . G A 1 47 ? 15.049  16.523  -6.233  1.00 243.44 ? 52 G A "O2'" 1 
ATOM 1005 C "C1'" . G A 1 47 ? 14.005  14.916  -4.772  1.00 244.73 ? 52 G A "C1'" 1 
ATOM 1006 N N9    . G A 1 47 ? 12.773  14.157  -4.774  1.00 20.00  ? 52 G A N9    1 
ATOM 1007 C C8    . G A 1 47 ? 11.949  13.921  -3.708  1.00 20.00  ? 52 G A C8    1 
ATOM 1008 N N7    . G A 1 47 ? 10.925  13.172  -4.007  1.00 20.00  ? 52 G A N7    1 
ATOM 1009 C C5    . G A 1 47 ? 11.080  12.907  -5.358  1.00 20.00  ? 52 G A C5    1 
ATOM 1010 C C6    . G A 1 47 ? 10.281  12.134  -6.241  1.00 20.00  ? 52 G A C6    1 
ATOM 1011 O O6    . G A 1 47 ? 9.229   11.539  -6.002  1.00 20.00  ? 52 G A O6    1 
ATOM 1012 N N1    . G A 1 47 ? 10.801  12.126  -7.528  1.00 20.00  ? 52 G A N1    1 
ATOM 1013 C C2    . G A 1 47 ? 11.947  12.774  -7.914  1.00 20.00  ? 52 G A C2    1 
ATOM 1014 N N2    . G A 1 47 ? 12.281  12.658  -9.199  1.00 20.00  ? 52 G A N2    1 
ATOM 1015 N N3    . G A 1 47 ? 12.707  13.485  -7.099  1.00 20.00  ? 52 G A N3    1 
ATOM 1016 C C4    . G A 1 47 ? 12.214  13.512  -5.846  1.00 20.00  ? 52 G A C4    1 
ATOM 1017 P P     . G A 1 48 ? 12.522  19.269  -5.332  1.00 239.67 ? 53 G A P     1 
ATOM 1018 O OP1   . G A 1 48 ? 12.853  20.677  -5.491  1.00 239.86 ? 53 G A OP1   1 
ATOM 1019 O OP2   . G A 1 48 ? 11.379  18.820  -4.526  1.00 239.37 ? 53 G A OP2   1 
ATOM 1020 O "O5'" . G A 1 48 ? 12.260  18.660  -6.762  1.00 237.96 ? 53 G A "O5'" 1 
ATOM 1021 C "C5'" . G A 1 48 ? 13.310  18.510  -7.713  1.00 236.24 ? 53 G A "C5'" 1 
ATOM 1022 C "C4'" . G A 1 48 ? 12.831  17.625  -8.816  1.00 235.12 ? 53 G A "C4'" 1 
ATOM 1023 O "O4'" . G A 1 48 ? 12.173  16.503  -8.202  1.00 235.83 ? 53 G A "O4'" 1 
ATOM 1024 C "C3'" . G A 1 48 ? 11.779  18.218  -9.707  1.00 233.62 ? 53 G A "C3'" 1 
ATOM 1025 O "O3'" . G A 1 48 ? 12.322  19.225  -10.529 1.00 229.87 ? 53 G A "O3'" 1 
ATOM 1026 C "C2'" . G A 1 48 ? 11.276  16.976  -10.418 1.00 234.87 ? 53 G A "C2'" 1 
ATOM 1027 O "O2'" . G A 1 48 ? 12.356  16.550  -11.175 1.00 235.06 ? 53 G A "O2'" 1 
ATOM 1028 C "C1'" . G A 1 48 ? 11.383  15.927  -9.326  1.00 235.96 ? 53 G A "C1'" 1 
ATOM 1029 N N9    . G A 1 48 ? 10.150  15.339  -8.829  1.00 236.49 ? 53 G A N9    1 
ATOM 1030 C C8    . G A 1 48 ? 9.704   15.289  -7.537  1.00 236.59 ? 53 G A C8    1 
ATOM 1031 N N7    . G A 1 48 ? 8.603   14.605  -7.402  1.00 236.50 ? 53 G A N7    1 
ATOM 1032 C C5    . G A 1 48 ? 8.331   14.139  -8.678  1.00 236.47 ? 53 G A C5    1 
ATOM 1033 C C6    . G A 1 48 ? 7.268   13.330  -9.158  1.00 236.42 ? 53 G A C6    1 
ATOM 1034 O O6    . G A 1 48 ? 6.329   12.839  -8.531  1.00 236.61 ? 53 G A O6    1 
ATOM 1035 N N1    . G A 1 48 ? 7.382   13.093  -10.518 1.00 236.64 ? 53 G A N1    1 
ATOM 1036 C C2    . G A 1 48 ? 8.387   13.564  -11.317 1.00 236.66 ? 53 G A C2    1 
ATOM 1037 N N2    . G A 1 48 ? 8.314   13.243  -12.605 1.00 236.91 ? 53 G A N2    1 
ATOM 1038 N N3    . G A 1 48 ? 9.375   14.323  -10.887 1.00 236.60 ? 53 G A N3    1 
ATOM 1039 C C4    . G A 1 48 ? 9.284   14.575  -9.567  1.00 236.50 ? 53 G A C4    1 
ATOM 1040 P P     . U A 1 49 ? 11.485  20.504  -10.869 1.00 76.88  ? 54 U A P     1 
ATOM 1041 O OP1   . U A 1 49 ? 12.379  21.495  -11.411 1.00 78.59  ? 54 U A OP1   1 
ATOM 1042 O OP2   . U A 1 49 ? 10.688  20.836  -9.727  1.00 75.20  ? 54 U A OP2   1 
ATOM 1043 O "O5'" . U A 1 49 ? 10.464  19.960  -11.941 1.00 78.76  ? 54 U A "O5'" 1 
ATOM 1044 C "C5'" . U A 1 49 ? 10.726  19.954  -13.343 1.00 77.93  ? 54 U A "C5'" 1 
ATOM 1045 C "C4'" . U A 1 49 ? 9.653   19.155  -14.023 1.00 78.66  ? 54 U A "C4'" 1 
ATOM 1046 O "O4'" . U A 1 49 ? 9.454   17.939  -13.279 1.00 79.49  ? 54 U A "O4'" 1 
ATOM 1047 C "C3'" . U A 1 49 ? 8.266   19.740  -14.003 1.00 78.23  ? 54 U A "C3'" 1 
ATOM 1048 O "O3'" . U A 1 49 ? 8.053   20.779  -14.928 1.00 77.17  ? 54 U A "O3'" 1 
ATOM 1049 C "C2'" . U A 1 49 ? 7.454   18.510  -14.329 1.00 79.34  ? 54 U A "C2'" 1 
ATOM 1050 O "O2'" . U A 1 49 ? 7.828   18.060  -15.589 1.00 79.34  ? 54 U A "O2'" 1 
ATOM 1051 C "C1'" . U A 1 49 ? 8.116   17.487  -13.441 1.00 78.22  ? 54 U A "C1'" 1 
ATOM 1052 N N1    . U A 1 49 ? 7.523   17.366  -12.117 1.00 20.00  ? 54 U A N1    1 
ATOM 1053 C C2    . U A 1 49 ? 6.408   16.579  -11.998 1.00 20.00  ? 54 U A C2    1 
ATOM 1054 O O2    . U A 1 49 ? 5.884   16.038  -12.946 1.00 20.00  ? 54 U A O2    1 
ATOM 1055 N N3    . U A 1 49 ? 5.929   16.450  -10.725 1.00 20.00  ? 54 U A N3    1 
ATOM 1056 C C4    . U A 1 49 ? 6.440   17.014  -9.586  1.00 20.00  ? 54 U A C4    1 
ATOM 1057 O O4    . U A 1 49 ? 5.876   16.830  -8.517  1.00 20.00  ? 54 U A O4    1 
ATOM 1058 C C5    . U A 1 49 ? 7.602   17.809  -9.793  1.00 20.00  ? 54 U A C5    1 
ATOM 1059 C C6    . U A 1 49 ? 8.094   17.950  -11.021 1.00 20.00  ? 54 U A C6    1 
ATOM 1060 P P     . U A 1 50 ? 7.414   22.103  -14.438 1.00 76.88  ? 55 U A P     1 
ATOM 1061 O OP1   . U A 1 50 ? 8.042   23.199  -15.134 1.00 78.59  ? 55 U A OP1   1 
ATOM 1062 O OP2   . U A 1 50 ? 7.431   22.076  -12.989 1.00 75.20  ? 55 U A OP2   1 
ATOM 1063 O "O5'" . U A 1 50 ? 5.921   21.992  -14.947 1.00 78.76  ? 55 U A "O5'" 1 
ATOM 1064 C "C5'" . U A 1 50 ? 5.377   20.745  -15.397 1.00 77.93  ? 55 U A "C5'" 1 
ATOM 1065 C "C4'" . U A 1 50 ? 3.974   20.497  -14.871 1.00 78.66  ? 55 U A "C4'" 1 
ATOM 1066 O "O4'" . U A 1 50 ? 4.004   19.364  -13.966 1.00 79.49  ? 55 U A "O4'" 1 
ATOM 1067 C "C3'" . U A 1 50 ? 3.244   21.567  -14.071 1.00 78.23  ? 55 U A "C3'" 1 
ATOM 1068 O "O3'" . U A 1 50 ? 2.447   22.481  -14.819 1.00 77.17  ? 55 U A "O3'" 1 
ATOM 1069 C "C2'" . U A 1 50 ? 2.172   20.714  -13.418 1.00 79.34  ? 55 U A "C2'" 1 
ATOM 1070 O "O2'" . U A 1 50 ? 1.269   20.196  -14.365 1.00 79.34  ? 55 U A "O2'" 1 
ATOM 1071 C "C1'" . U A 1 50 ? 2.964   19.473  -13.033 1.00 78.22  ? 55 U A "C1'" 1 
ATOM 1072 N N1    . U A 1 50 ? 3.549   19.579  -11.701 1.00 20.00  ? 55 U A N1    1 
ATOM 1073 C C2    . U A 1 50 ? 2.987   18.841  -10.683 1.00 20.00  ? 55 U A C2    1 
ATOM 1074 O O2    . U A 1 50 ? 2.060   18.072  -10.854 1.00 20.00  ? 55 U A O2    1 
ATOM 1075 N N3    . U A 1 50 ? 3.580   19.009  -9.465  1.00 20.00  ? 55 U A N3    1 
ATOM 1076 C C4    . U A 1 50 ? 4.645   19.816  -9.166  1.00 20.00  ? 55 U A C4    1 
ATOM 1077 O O4    . U A 1 50 ? 5.061   19.859  -8.011  1.00 20.00  ? 55 U A O4    1 
ATOM 1078 C C5    . U A 1 50 ? 5.168   20.544  -10.272 1.00 20.00  ? 55 U A C5    1 
ATOM 1079 C C6    . U A 1 50 ? 4.610   20.410  -11.470 1.00 20.00  ? 55 U A C6    1 
ATOM 1080 P P     . C A 1 51 ? 2.622   24.040  -14.706 1.00 229.85 ? 56 C A P     1 
ATOM 1081 O OP1   . C A 1 51 ? 2.383   24.599  -16.020 1.00 229.47 ? 56 C A OP1   1 
ATOM 1082 O OP2   . C A 1 51 ? 3.839   24.319  -13.981 1.00 229.87 ? 56 C A OP2   1 
ATOM 1083 O "O5'" . C A 1 51 ? 1.469   24.541  -13.742 1.00 231.08 ? 56 C A "O5'" 1 
ATOM 1084 C "C5'" . C A 1 51 ? 1.747   25.440  -12.654 1.00 232.26 ? 56 C A "C5'" 1 
ATOM 1085 C "C4'" . C A 1 51 ? 0.625   25.393  -11.654 1.00 233.29 ? 56 C A "C4'" 1 
ATOM 1086 O "O4'" . C A 1 51 ? -0.615  25.384  -12.386 1.00 233.69 ? 56 C A "O4'" 1 
ATOM 1087 C "C3'" . C A 1 51 ? 0.569   24.154  -10.786 1.00 234.03 ? 56 C A "C3'" 1 
ATOM 1088 O "O3'" . C A 1 51 ? 1.331   24.354  -9.616  1.00 235.50 ? 56 C A "O3'" 1 
ATOM 1089 C "C2'" . C A 1 51 ? -0.919  23.995  -10.495 1.00 233.70 ? 56 C A "C2'" 1 
ATOM 1090 O "O2'" . C A 1 51 ? -1.496  24.582  -9.354  1.00 233.08 ? 56 C A "O2'" 1 
ATOM 1091 C "C1'" . C A 1 51 ? -1.552  24.542  -11.759 1.00 233.72 ? 56 C A "C1'" 1 
ATOM 1092 N N1    . C A 1 51 ? -1.922  23.487  -12.684 1.00 233.74 ? 56 C A N1    1 
ATOM 1093 C C2    . C A 1 51 ? -2.863  22.567  -12.274 1.00 233.79 ? 56 C A C2    1 
ATOM 1094 O O2    . C A 1 51 ? -3.319  22.658  -11.128 1.00 233.72 ? 56 C A O2    1 
ATOM 1095 N N3    . C A 1 51 ? -3.224  21.574  -13.113 1.00 233.70 ? 56 C A N3    1 
ATOM 1096 C C4    . C A 1 51 ? -2.700  21.512  -14.332 1.00 233.14 ? 56 C A C4    1 
ATOM 1097 N N4    . C A 1 51 ? -3.069  20.509  -15.122 1.00 233.14 ? 56 C A N4    1 
ATOM 1098 C C5    . C A 1 51 ? -1.742  22.449  -14.781 1.00 232.97 ? 56 C A C5    1 
ATOM 1099 C C6    . C A 1 51 ? -1.386  23.416  -13.935 1.00 233.42 ? 56 C A C6    1 
ATOM 1100 P P     . G A 1 52 ? 2.381   23.288  -9.232  1.00 236.87 ? 57 G A P     1 
ATOM 1101 O OP1   . G A 1 52 ? 3.147   23.784  -8.096  1.00 236.65 ? 57 G A OP1   1 
ATOM 1102 O OP2   . G A 1 52 ? 3.067   22.958  -10.451 1.00 237.07 ? 57 G A OP2   1 
ATOM 1103 O "O5'" . G A 1 52 ? 1.477   22.064  -8.764  1.00 237.57 ? 57 G A "O5'" 1 
ATOM 1104 C "C5'" . G A 1 52 ? 0.394   22.299  -7.857  1.00 237.96 ? 57 G A "C5'" 1 
ATOM 1105 C "C4'" . G A 1 52 ? -0.675  21.237  -7.926  1.00 237.93 ? 57 G A "C4'" 1 
ATOM 1106 O "O4'" . G A 1 52 ? -1.282  21.171  -9.234  1.00 237.87 ? 57 G A "O4'" 1 
ATOM 1107 C "C3'" . G A 1 52 ? -0.178  19.854  -7.734  1.00 237.95 ? 57 G A "C3'" 1 
ATOM 1108 O "O3'" . G A 1 52 ? 0.193   19.735  -6.432  1.00 238.66 ? 57 G A "O3'" 1 
ATOM 1109 C "C2'" . G A 1 52 ? -1.363  19.011  -8.141  1.00 237.73 ? 57 G A "C2'" 1 
ATOM 1110 O "O2'" . G A 1 52 ? -2.320  19.023  -7.115  1.00 237.38 ? 57 G A "O2'" 1 
ATOM 1111 C "C1'" . G A 1 52 ? -1.862  19.878  -9.296  1.00 237.88 ? 57 G A "C1'" 1 
ATOM 1112 N N9    . G A 1 52 ? -1.660  19.346  -10.633 1.00 238.31 ? 57 G A N9    1 
ATOM 1113 C C8    . G A 1 52 ? -0.929  19.977  -11.602 1.00 238.65 ? 57 G A C8    1 
ATOM 1114 N N7    . G A 1 52 ? -1.016  19.399  -12.765 1.00 238.53 ? 57 G A N7    1 
ATOM 1115 C C5    . G A 1 52 ? -1.900  18.354  -12.559 1.00 238.41 ? 57 G A C5    1 
ATOM 1116 C C6    . G A 1 52 ? -2.365  17.366  -13.451 1.00 238.25 ? 57 G A C6    1 
ATOM 1117 O O6    . G A 1 52 ? -2.093  17.223  -14.642 1.00 238.28 ? 57 G A O6    1 
ATOM 1118 N N1    . G A 1 52 ? -3.217  16.470  -12.822 1.00 238.04 ? 57 G A N1    1 
ATOM 1119 C C2    . G A 1 52 ? -3.589  16.535  -11.508 1.00 237.84 ? 57 G A C2    1 
ATOM 1120 N N2    . G A 1 52 ? -4.432  15.589  -11.092 1.00 237.86 ? 57 G A N2    1 
ATOM 1121 N N3    . G A 1 52 ? -3.160  17.453  -10.662 1.00 237.96 ? 57 G A N3    1 
ATOM 1122 C C4    . G A 1 52 ? -2.320  18.323  -11.251 1.00 238.27 ? 57 G A C4    1 
ATOM 1123 P P     . A A 1 53 ? 1.137   18.469  -6.120  1.00 239.22 ? 58 A A P     1 
ATOM 1124 O OP1   . A A 1 53 ? 0.939   18.009  -4.762  1.00 239.23 ? 58 A A OP1   1 
ATOM 1125 O OP2   . A A 1 53 ? 2.465   18.708  -6.624  1.00 239.32 ? 58 A A OP2   1 
ATOM 1126 O "O5'" . A A 1 53 ? 0.612   17.238  -6.967  1.00 240.45 ? 58 A A "O5'" 1 
ATOM 1127 C "C5'" . A A 1 53 ? -0.307  16.319  -6.374  1.00 241.47 ? 58 A A "C5'" 1 
ATOM 1128 C "C4'" . A A 1 53 ? 0.168   14.883  -6.341  1.00 241.96 ? 58 A A "C4'" 1 
ATOM 1129 O "O4'" . A A 1 53 ? 0.533   14.415  -7.664  1.00 242.71 ? 58 A A "O4'" 1 
ATOM 1130 C "C3'" . A A 1 53 ? 1.366   14.555  -5.476  1.00 241.89 ? 58 A A "C3'" 1 
ATOM 1131 O "O3'" . A A 1 53 ? 1.152   13.191  -5.162  1.00 240.96 ? 58 A A "O3'" 1 
ATOM 1132 C "C2'" . A A 1 53 ? 2.476   14.622  -6.505  1.00 242.35 ? 58 A A "C2'" 1 
ATOM 1133 O "O2'" . A A 1 53 ? 3.762   14.111  -6.231  1.00 242.08 ? 58 A A "O2'" 1 
ATOM 1134 C "C1'" . A A 1 53 ? 1.814   13.850  -7.618  1.00 243.13 ? 58 A A "C1'" 1 
ATOM 1135 N N9    . A A 1 53 ? 2.449   14.048  -8.901  1.00 243.90 ? 58 A A N9    1 
ATOM 1136 C C8    . A A 1 53 ? 3.442   14.918  -9.263  1.00 244.53 ? 58 A A C8    1 
ATOM 1137 N N7    . A A 1 53 ? 3.793   14.823  -10.518 1.00 244.67 ? 58 A A N7    1 
ATOM 1138 C C5    . A A 1 53 ? 2.976   13.820  -11.015 1.00 244.16 ? 58 A A C5    1 
ATOM 1139 C C6    . A A 1 53 ? 2.869   13.226  -12.276 1.00 243.97 ? 58 A A C6    1 
ATOM 1140 N N6    . A A 1 53 ? 3.613   13.575  -13.322 1.00 244.13 ? 58 A A N6    1 
ATOM 1141 N N1    . A A 1 53 ? 1.964   12.243  -12.431 1.00 243.60 ? 58 A A N1    1 
ATOM 1142 C C2    . A A 1 53 ? 1.235   11.875  -11.377 1.00 243.38 ? 58 A A C2    1 
ATOM 1143 N N3    . A A 1 53 ? 1.242   12.354  -10.145 1.00 243.49 ? 58 A A N3    1 
ATOM 1144 C C4    . A A 1 53 ? 2.158   13.323  -10.024 1.00 243.81 ? 58 A A C4    1 
ATOM 1145 P P     . C A 1 54 ? 0.845   12.763  -3.677  1.00 240.27 ? 59 C A P     1 
ATOM 1146 O OP1   . C A 1 54 ? -0.581  12.521  -3.556  1.00 240.19 ? 59 C A OP1   1 
ATOM 1147 O OP2   . C A 1 54 ? 1.540   13.668  -2.765  1.00 240.57 ? 59 C A OP2   1 
ATOM 1148 O "O5'" . C A 1 54 ? 1.447   11.314  -3.541  1.00 240.67 ? 59 C A "O5'" 1 
ATOM 1149 C "C5'" . C A 1 54 ? 0.968   10.462  -2.524  1.00 240.92 ? 59 C A "C5'" 1 
ATOM 1150 C "C4'" . C A 1 54 ? 0.823   9.072   -3.056  1.00 241.04 ? 59 C A "C4'" 1 
ATOM 1151 O "O4'" . C A 1 54 ? -0.584  8.732   -3.103  1.00 241.50 ? 59 C A "O4'" 1 
ATOM 1152 C "C3'" . C A 1 54 ? 1.265   8.850   -4.471  1.00 240.70 ? 59 C A "C3'" 1 
ATOM 1153 O "O3'" . C A 1 54 ? 2.672   8.928   -4.553  1.00 239.41 ? 59 C A "O3'" 1 
ATOM 1154 C "C2'" . C A 1 54 ? 0.676   7.479   -4.735  1.00 241.14 ? 59 C A "C2'" 1 
ATOM 1155 O "O2'" . C A 1 54 ? 1.443   6.663   -3.908  1.00 241.11 ? 59 C A "O2'" 1 
ATOM 1156 C "C1'" . C A 1 54 ? -0.635  7.586   -3.944  1.00 241.73 ? 59 C A "C1'" 1 
ATOM 1157 N N1    . C A 1 54 ? -1.809  7.626   -4.850  1.00 20.00  ? 59 C A N1    1 
ATOM 1158 C C2    . C A 1 54 ? -2.100  6.513   -5.633  1.00 20.00  ? 59 C A C2    1 
ATOM 1159 O O2    . C A 1 54 ? -1.338  5.538   -5.587  1.00 20.00  ? 59 C A O2    1 
ATOM 1160 N N3    . C A 1 54 ? -3.183  6.535   -6.439  1.00 20.00  ? 59 C A N3    1 
ATOM 1161 C C4    . C A 1 54 ? -3.969  7.611   -6.467  1.00 20.00  ? 59 C A C4    1 
ATOM 1162 N N4    . C A 1 54 ? -5.020  7.594   -7.288  1.00 20.00  ? 59 C A N4    1 
ATOM 1163 C C5    . C A 1 54 ? -3.709  8.754   -5.657  1.00 20.00  ? 59 C A C5    1 
ATOM 1164 C C6    . C A 1 54 ? -2.631  8.717   -4.866  1.00 20.00  ? 59 C A C6    1 
ATOM 1165 P P     . G A 1 55 ? 3.378   9.224   -5.955  1.00 237.86 ? 60 G A P     1 
ATOM 1166 O OP1   . G A 1 55 ? 4.801   9.447   -5.726  1.00 238.25 ? 60 G A OP1   1 
ATOM 1167 O OP2   . G A 1 55 ? 2.609   10.195  -6.698  1.00 237.54 ? 60 G A OP2   1 
ATOM 1168 O "O5'" . G A 1 55 ? 3.196   7.861   -6.703  1.00 237.15 ? 60 G A "O5'" 1 
ATOM 1169 C "C5'" . G A 1 55 ? 3.422   7.843   -8.074  1.00 236.35 ? 60 G A "C5'" 1 
ATOM 1170 C "C4'" . G A 1 55 ? 2.884   6.577   -8.633  1.00 236.14 ? 60 G A "C4'" 1 
ATOM 1171 O "O4'" . G A 1 55 ? 1.561   6.391   -8.128  1.00 235.92 ? 60 G A "O4'" 1 
ATOM 1172 C "C3'" . G A 1 55 ? 2.747   6.598   -10.133 1.00 235.84 ? 60 G A "C3'" 1 
ATOM 1173 O "O3'" . G A 1 55 ? 2.922   5.326   -10.665 1.00 235.77 ? 60 G A "O3'" 1 
ATOM 1174 C "C2'" . G A 1 55 ? 1.371   7.177   -10.364 1.00 235.77 ? 60 G A "C2'" 1 
ATOM 1175 O "O2'" . G A 1 55 ? 0.785   6.635   -11.520 1.00 235.62 ? 60 G A "O2'" 1 
ATOM 1176 C "C1'" . G A 1 55 ? 0.627   6.723   -9.119  1.00 235.54 ? 60 G A "C1'" 1 
ATOM 1177 N N9    . G A 1 55 ? -0.221  7.797   -8.631  1.00 20.00  ? 60 G A N9    1 
ATOM 1178 C C8    . G A 1 55 ? 0.082   8.837   -7.785  1.00 20.00  ? 60 G A C8    1 
ATOM 1179 N N7    . G A 1 55 ? -0.916  9.655   -7.606  1.00 20.00  ? 60 G A N7    1 
ATOM 1180 C C5    . G A 1 55 ? -1.924  9.140   -8.404  1.00 20.00  ? 60 G A C5    1 
ATOM 1181 C C6    . G A 1 55 ? -3.242  9.600   -8.626  1.00 20.00  ? 60 G A C6    1 
ATOM 1182 O O6    . G A 1 55 ? -3.802  10.581  -8.139  1.00 20.00  ? 60 G A O6    1 
ATOM 1183 N N1    . G A 1 55 ? -3.928  8.783   -9.514  1.00 20.00  ? 60 G A N1    1 
ATOM 1184 C C2    . G A 1 55 ? -3.405  7.663   -10.115 1.00 20.00  ? 60 G A C2    1 
ATOM 1185 N N2    . G A 1 55 ? -4.213  7.009   -10.951 1.00 20.00  ? 60 G A N2    1 
ATOM 1186 N N3    . G A 1 55 ? -2.183  7.217   -9.906  1.00 20.00  ? 60 G A N3    1 
ATOM 1187 C C4    . G A 1 55 ? -1.501  8.000   -9.048  1.00 20.00  ? 60 G A C4    1 
ATOM 1188 P P     . C A 1 56 ? 4.168   5.120   -11.663 1.00 235.67 ? 61 C A P     1 
ATOM 1189 O OP1   . C A 1 56 ? 4.274   3.684   -11.967 1.00 235.71 ? 61 C A OP1   1 
ATOM 1190 O OP2   . C A 1 56 ? 5.313   5.833   -11.105 1.00 235.91 ? 61 C A OP2   1 
ATOM 1191 O "O5'" . C A 1 56 ? 3.737   5.994   -12.917 1.00 236.34 ? 61 C A "O5'" 1 
ATOM 1192 C "C5'" . C A 1 56 ? 4.533   6.048   -14.118 1.00 236.68 ? 61 C A "C5'" 1 
ATOM 1193 C "C4'" . C A 1 56 ? 4.888   7.459   -14.535 1.00 237.12 ? 61 C A "C4'" 1 
ATOM 1194 O "O4'" . C A 1 56 ? 4.269   8.428   -13.672 1.00 237.16 ? 61 C A "O4'" 1 
ATOM 1195 C "C3'" . C A 1 56 ? 6.342   7.854   -14.424 1.00 237.47 ? 61 C A "C3'" 1 
ATOM 1196 O "O3'" . C A 1 56 ? 7.255   7.356   -15.386 1.00 237.61 ? 61 C A "O3'" 1 
ATOM 1197 C "C2'" . C A 1 56 ? 6.239   9.357   -14.551 1.00 237.45 ? 61 C A "C2'" 1 
ATOM 1198 O "O2'" . C A 1 56 ? 5.956   9.593   -15.898 1.00 237.63 ? 61 C A "O2'" 1 
ATOM 1199 C "C1'" . C A 1 56 ? 4.957   9.645   -13.780 1.00 237.31 ? 61 C A "C1'" 1 
ATOM 1200 N N1    . C A 1 56 ? 5.111   10.223  -12.435 1.00 237.47 ? 61 C A N1    1 
ATOM 1201 C C2    . C A 1 56 ? 5.962   11.300  -12.285 1.00 237.42 ? 61 C A C2    1 
ATOM 1202 O O2    . C A 1 56 ? 6.611   11.680  -13.257 1.00 237.30 ? 61 C A O2    1 
ATOM 1203 N N3    . C A 1 56 ? 6.103   11.870  -11.073 1.00 237.33 ? 61 C A N3    1 
ATOM 1204 C C4    . C A 1 56 ? 5.388   11.428  -10.045 1.00 237.58 ? 61 C A C4    1 
ATOM 1205 N N4    . C A 1 56 ? 5.569   12.020  -8.866  1.00 237.39 ? 61 C A N4    1 
ATOM 1206 C C5    . C A 1 56 ? 4.483   10.344  -10.175 1.00 237.78 ? 61 C A C5    1 
ATOM 1207 C C6    . C A 1 56 ? 4.370   9.779   -11.378 1.00 237.73 ? 61 C A C6    1 
ATOM 1208 P P     . C A 1 57 ? 8.325   6.281   -14.962 1.00 237.53 ? 62 C A P     1 
ATOM 1209 O OP1   . C A 1 57 ? 8.381   5.269   -16.002 1.00 237.72 ? 62 C A OP1   1 
ATOM 1210 O OP2   . C A 1 57 ? 8.026   5.881   -13.587 1.00 237.70 ? 62 C A OP2   1 
ATOM 1211 O "O5'" . C A 1 57 ? 9.692   7.075   -14.977 1.00 238.05 ? 62 C A "O5'" 1 
ATOM 1212 C "C5'" . C A 1 57 ? 9.845   8.150   -15.897 1.00 238.71 ? 62 C A "C5'" 1 
ATOM 1213 C "C4'" . C A 1 57 ? 10.849  9.144   -15.398 1.00 239.14 ? 62 C A "C4'" 1 
ATOM 1214 O "O4'" . C A 1 57 ? 10.188  10.290  -14.822 1.00 239.55 ? 62 C A "O4'" 1 
ATOM 1215 C "C3'" . C A 1 57 ? 11.770  8.676   -14.301 1.00 239.51 ? 62 C A "C3'" 1 
ATOM 1216 O "O3'" . C A 1 57 ? 12.750  7.861   -14.919 1.00 239.49 ? 62 C A "O3'" 1 
ATOM 1217 C "C2'" . C A 1 57 ? 12.211  10.016  -13.760 1.00 239.87 ? 62 C A "C2'" 1 
ATOM 1218 O "O2'" . C A 1 57 ? 12.873  10.697  -14.786 1.00 240.17 ? 62 C A "O2'" 1 
ATOM 1219 C "C1'" . C A 1 57 ? 10.884  10.722  -13.673 1.00 240.04 ? 62 C A "C1'" 1 
ATOM 1220 N N1    . C A 1 57 ? 10.120  10.323  -12.491 1.00 20.00  ? 62 C A N1    1 
ATOM 1221 C C2    . C A 1 57 ? 10.361  10.966  -11.287 1.00 20.00  ? 62 C A C2    1 
ATOM 1222 O O2    . C A 1 57 ? 11.244  11.824  -11.238 1.00 20.00  ? 62 C A O2    1 
ATOM 1223 N N3    . C A 1 57 ? 9.636   10.630  -10.201 1.00 20.00  ? 62 C A N3    1 
ATOM 1224 C C4    . C A 1 57 ? 8.706   9.685   -10.292 1.00 20.00  ? 62 C A C4    1 
ATOM 1225 N N4    . C A 1 57 ? 8.021   9.373   -9.196  1.00 20.00  ? 62 C A N4    1 
ATOM 1226 C C5    . C A 1 57 ? 8.429   9.021   -11.515 1.00 20.00  ? 62 C A C5    1 
ATOM 1227 C C6    . C A 1 57 ? 9.150   9.370   -12.580 1.00 20.00  ? 62 C A C6    1 
ATOM 1228 P P     . C A 1 58 ? 13.883  7.183   -14.114 1.00 239.15 ? 63 C A P     1 
ATOM 1229 O OP1   . C A 1 58 ? 14.478  6.187   -14.972 1.00 239.22 ? 63 C A OP1   1 
ATOM 1230 O OP2   . C A 1 58 ? 13.339  6.760   -12.854 1.00 239.13 ? 63 C A OP2   1 
ATOM 1231 O "O5'" . C A 1 58 ? 14.928  8.354   -13.936 1.00 240.71 ? 63 C A "O5'" 1 
ATOM 1232 C "C5'" . C A 1 58 ? 16.149  8.141   -13.264 1.00 242.31 ? 63 C A "C5'" 1 
ATOM 1233 C "C4'" . C A 1 58 ? 16.464  9.210   -12.260 1.00 243.93 ? 63 C A "C4'" 1 
ATOM 1234 O "O4'" . C A 1 58 ? 15.298  9.979   -11.919 1.00 244.72 ? 63 C A "O4'" 1 
ATOM 1235 C "C3'" . C A 1 58 ? 16.895  8.648   -10.937 1.00 245.64 ? 63 C A "C3'" 1 
ATOM 1236 O "O3'" . C A 1 58 ? 18.237  8.282   -11.094 1.00 248.96 ? 63 C A "O3'" 1 
ATOM 1237 C "C2'" . C A 1 58 ? 16.661  9.829   -10.023 1.00 245.48 ? 63 C A "C2'" 1 
ATOM 1238 O "O2'" . C A 1 58 ? 17.597  10.848  -10.193 1.00 244.24 ? 63 C A "O2'" 1 
ATOM 1239 C "C1'" . C A 1 58 ? 15.328  10.316  -10.551 1.00 245.71 ? 63 C A "C1'" 1 
ATOM 1240 N N1    . C A 1 58 ? 14.209  9.666   -9.885  1.00 20.00  ? 63 C A N1    1 
ATOM 1241 C C2    . C A 1 58 ? 14.007  9.951   -8.553  1.00 20.00  ? 63 C A C2    1 
ATOM 1242 O O2    . C A 1 58 ? 14.775  10.734  -7.995  1.00 20.00  ? 63 C A O2    1 
ATOM 1243 N N3    . C A 1 58 ? 12.975  9.383   -7.903  1.00 20.00  ? 63 C A N3    1 
ATOM 1244 C C4    . C A 1 58 ? 12.177  8.535   -8.540  1.00 20.00  ? 63 C A C4    1 
ATOM 1245 N N4    . C A 1 58 ? 11.183  7.980   -7.854  1.00 20.00  ? 63 C A N4    1 
ATOM 1246 C C5    . C A 1 58 ? 12.365  8.218   -9.909  1.00 20.00  ? 63 C A C5    1 
ATOM 1247 C C6    . C A 1 58 ? 13.371  8.819   -10.542 1.00 20.00  ? 63 C A C6    1 
ATOM 1248 P P     . C A 1 59 ? 18.684  6.834   -10.835 1.00 251.92 ? 64 C A P     1 
ATOM 1249 O OP1   . C A 1 59 ? 19.806  6.585   -11.718 1.00 251.56 ? 64 C A OP1   1 
ATOM 1250 O OP2   . C A 1 59 ? 17.514  5.968   -10.884 1.00 251.89 ? 64 C A OP2   1 
ATOM 1251 O "O5'" . C A 1 59 ? 19.257  6.955   -9.364  1.00 255.81 ? 64 C A "O5'" 1 
ATOM 1252 C "C5'" . C A 1 59 ? 20.123  8.054   -9.023  1.00 259.88 ? 64 C A "C5'" 1 
ATOM 1253 C "C4'" . C A 1 59 ? 20.001  8.432   -7.572  1.00 262.66 ? 64 C A "C4'" 1 
ATOM 1254 O "O4'" . C A 1 59 ? 18.780  9.168   -7.359  1.00 263.58 ? 64 C A "O4'" 1 
ATOM 1255 C "C3'" . C A 1 59 ? 19.879  7.316   -6.572  1.00 264.73 ? 64 C A "C3'" 1 
ATOM 1256 O "O3'" . C A 1 59 ? 21.185  6.881   -6.355  1.00 267.41 ? 64 C A "O3'" 1 
ATOM 1257 C "C2'" . C A 1 59 ? 19.326  8.062   -5.370  1.00 264.74 ? 64 C A "C2'" 1 
ATOM 1258 O "O2'" . C A 1 59 ? 20.172  8.918   -4.642  1.00 264.96 ? 64 C A "O2'" 1 
ATOM 1259 C "C1'" . C A 1 59 ? 18.303  8.945   -6.046  1.00 264.30 ? 64 C A "C1'" 1 
ATOM 1260 N N1    . C A 1 59 ? 17.034  8.263   -6.146  1.00 20.00  ? 64 C A N1    1 
ATOM 1261 C C2    . C A 1 59 ? 16.121  8.426   -5.126  1.00 20.00  ? 64 C A C2    1 
ATOM 1262 O O2    . C A 1 59 ? 16.407  9.174   -4.194  1.00 20.00  ? 64 C A O2    1 
ATOM 1263 N N3    . C A 1 59 ? 14.941  7.782   -5.184  1.00 20.00  ? 64 C A N3    1 
ATOM 1264 C C4    . C A 1 59 ? 14.670  6.990   -6.213  1.00 20.00  ? 64 C A C4    1 
ATOM 1265 N N4    . C A 1 59 ? 13.491  6.370   -6.228  1.00 20.00  ? 64 C A N4    1 
ATOM 1266 C C5    . C A 1 59 ? 15.594  6.794   -7.272  1.00 20.00  ? 64 C A C5    1 
ATOM 1267 C C6    . C A 1 59 ? 16.762  7.428   -7.187  1.00 20.00  ? 64 C A C6    1 
ATOM 1268 P P     . G A 1 60 ? 21.433  5.412   -5.967  1.00 269.49 ? 65 G A P     1 
ATOM 1269 O OP1   . G A 1 60 ? 22.224  5.420   -4.735  1.00 269.78 ? 65 G A OP1   1 
ATOM 1270 O OP2   . G A 1 60 ? 21.912  4.701   -7.141  1.00 269.36 ? 65 G A OP2   1 
ATOM 1271 O "O5'" . G A 1 60 ? 19.981  4.885   -5.659  1.00 270.43 ? 65 G A "O5'" 1 
ATOM 1272 C "C5'" . G A 1 60 ? 19.788  4.013   -4.543  1.00 271.57 ? 65 G A "C5'" 1 
ATOM 1273 C "C4'" . G A 1 60 ? 20.146  4.634   -3.203  1.00 272.69 ? 65 G A "C4'" 1 
ATOM 1274 O "O4'" . G A 1 60 ? 19.370  5.840   -2.984  1.00 272.98 ? 65 G A "O4'" 1 
ATOM 1275 C "C3'" . G A 1 60 ? 19.795  3.726   -2.030  1.00 273.53 ? 65 G A "C3'" 1 
ATOM 1276 O "O3'" . G A 1 60 ? 20.851  2.871   -1.632  1.00 275.21 ? 65 G A "O3'" 1 
ATOM 1277 C "C2'" . G A 1 60 ? 19.187  4.682   -1.024  1.00 273.28 ? 65 G A "C2'" 1 
ATOM 1278 O "O2'" . G A 1 60 ? 20.206  5.489   -0.513  1.00 272.92 ? 65 G A "O2'" 1 
ATOM 1279 C "C1'" . G A 1 60 ? 18.439  5.610   -1.957  1.00 273.01 ? 65 G A "C1'" 1 
ATOM 1280 N N9    . G A 1 60 ? 17.256  5.032   -2.576  1.00 272.97 ? 65 G A N9    1 
ATOM 1281 C C8    . G A 1 60 ? 17.108  4.759   -3.908  1.00 272.79 ? 65 G A C8    1 
ATOM 1282 N N7    . G A 1 60 ? 15.934  4.283   -4.205  1.00 272.67 ? 65 G A N7    1 
ATOM 1283 C C5    . G A 1 60 ? 15.257  4.259   -2.998  1.00 272.72 ? 65 G A C5    1 
ATOM 1284 C C6    . G A 1 60 ? 13.933  3.842   -2.694  1.00 272.48 ? 65 G A C6    1 
ATOM 1285 O O6    . G A 1 60 ? 13.075  3.403   -3.458  1.00 271.98 ? 65 G A O6    1 
ATOM 1286 N N1    . G A 1 60 ? 13.645  3.995   -1.344  1.00 272.17 ? 65 G A N1    1 
ATOM 1287 C C2    . G A 1 60 ? 14.524  4.461   -0.403  1.00 272.58 ? 65 G A C2    1 
ATOM 1288 N N2    . G A 1 60 ? 14.062  4.521   0.851   1.00 272.07 ? 65 G A N2    1 
ATOM 1289 N N3    . G A 1 60 ? 15.760  4.854   -0.673  1.00 273.02 ? 65 G A N3    1 
ATOM 1290 C C4    . G A 1 60 ? 16.054  4.736   -1.984  1.00 273.01 ? 65 G A C4    1 
ATOM 1291 P P     . G A 1 61 ? 20.627  1.320   -1.784  1.00 276.62 ? 66 G A P     1 
ATOM 1292 O OP1   . G A 1 61 ? 21.906  0.639   -1.670  1.00 277.10 ? 66 G A OP1   1 
ATOM 1293 O OP2   . G A 1 61 ? 19.779  1.083   -2.954  1.00 276.66 ? 66 G A OP2   1 
ATOM 1294 O "O5'" . G A 1 61 ? 19.710  0.974   -0.531  1.00 278.34 ? 66 G A "O5'" 1 
ATOM 1295 C "C5'" . G A 1 61 ? 19.748  1.722   0.701   1.00 280.20 ? 66 G A "C5'" 1 
ATOM 1296 C "C4'" . G A 1 61 ? 18.641  1.245   1.606   1.00 281.61 ? 66 G A "C4'" 1 
ATOM 1297 O "O4'" . G A 1 61 ? 17.437  2.028   1.412   1.00 282.02 ? 66 G A "O4'" 1 
ATOM 1298 C "C3'" . G A 1 61 ? 18.197  -0.180  1.362   1.00 282.97 ? 66 G A "C3'" 1 
ATOM 1299 O "O3'" . G A 1 61 ? 19.072  -0.963  2.148   1.00 285.25 ? 66 G A "O3'" 1 
ATOM 1300 C "C2'" . G A 1 61 ? 16.807  -0.153  1.954   1.00 282.89 ? 66 G A "C2'" 1 
ATOM 1301 O "O2'" . G A 1 61 ? 16.974  0.121   3.316   1.00 283.18 ? 66 G A "O2'" 1 
ATOM 1302 C "C1'" . G A 1 61 ? 16.305  1.185   1.448   1.00 282.35 ? 66 G A "C1'" 1 
ATOM 1303 N N9    . G A 1 61 ? 15.738  1.140   0.111   1.00 20.00  ? 66 G A N9    1 
ATOM 1304 C C8    . G A 1 61 ? 16.374  1.512   -1.041  1.00 20.00  ? 66 G A C8    1 
ATOM 1305 N N7    . G A 1 61 ? 15.631  1.379   -2.103  1.00 20.00  ? 66 G A N7    1 
ATOM 1306 C C5    . G A 1 61 ? 14.414  0.932   -1.616  1.00 20.00  ? 66 G A C5    1 
ATOM 1307 C C6    . G A 1 61 ? 13.212  0.639   -2.298  1.00 20.00  ? 66 G A C6    1 
ATOM 1308 O O6    . G A 1 61 ? 12.986  0.690   -3.507  1.00 20.00  ? 66 G A O6    1 
ATOM 1309 N N1    . G A 1 61 ? 12.242  0.149   -1.437  1.00 20.00  ? 66 G A N1    1 
ATOM 1310 C C2    . G A 1 61 ? 12.382  0.038   -0.084  1.00 20.00  ? 66 G A C2    1 
ATOM 1311 N N2    . G A 1 61 ? 11.311  -0.418  0.573   1.00 20.00  ? 66 G A N2    1 
ATOM 1312 N N3    . G A 1 61 ? 13.493  0.327   0.571   1.00 20.00  ? 66 G A N3    1 
ATOM 1313 C C4    . G A 1 61 ? 14.463  0.771   -0.253  1.00 20.00  ? 66 G A C4    1 
ATOM 1314 P P     . U A 1 62 ? 19.275  -2.486  1.847   1.00 287.14 ? 67 U A P     1 
ATOM 1315 O OP1   . U A 1 62 ? 20.375  -2.954  2.690   1.00 287.62 ? 67 U A OP1   1 
ATOM 1316 O OP2   . U A 1 62 ? 19.336  -2.669  0.394   1.00 286.92 ? 67 U A OP2   1 
ATOM 1317 O "O5'" . U A 1 62 ? 17.946  -3.121  2.418   1.00 287.34 ? 67 U A "O5'" 1 
ATOM 1318 C "C5'" . U A 1 62 ? 16.982  -3.516  1.485   1.00 287.85 ? 67 U A "C5'" 1 
ATOM 1319 C "C4'" . U A 1 62 ? 15.707  -3.868  2.160   1.00 288.60 ? 67 U A "C4'" 1 
ATOM 1320 O "O4'" . U A 1 62 ? 14.801  -2.771  1.919   1.00 288.98 ? 67 U A "O4'" 1 
ATOM 1321 C "C3'" . U A 1 62 ? 15.048  -5.076  1.520   1.00 289.20 ? 67 U A "C3'" 1 
ATOM 1322 O "O3'" . U A 1 62 ? 15.275  -6.268  2.226   1.00 289.77 ? 67 U A "O3'" 1 
ATOM 1323 C "C2'" . U A 1 62 ? 13.598  -4.671  1.461   1.00 289.36 ? 67 U A "C2'" 1 
ATOM 1324 O "O2'" . U A 1 62 ? 13.165  -4.644  2.794   1.00 289.62 ? 67 U A "O2'" 1 
ATOM 1325 C "C1'" . U A 1 62 ? 13.754  -3.216  1.089   1.00 289.47 ? 67 U A "C1'" 1 
ATOM 1326 N N1    . U A 1 62 ? 14.145  -2.995  -0.304  1.00 20.00  ? 67 U A N1    1 
ATOM 1327 C C2    . U A 1 62 ? 13.168  -3.116  -1.265  1.00 20.00  ? 67 U A C2    1 
ATOM 1328 O O2    . U A 1 62 ? 12.038  -3.484  -1.013  1.00 20.00  ? 67 U A O2    1 
ATOM 1329 N N3    . U A 1 62 ? 13.566  -2.792  -2.532  1.00 20.00  ? 67 U A N3    1 
ATOM 1330 C C4    . U A 1 62 ? 14.820  -2.400  -2.932  1.00 20.00  ? 67 U A C4    1 
ATOM 1331 O O4    . U A 1 62 ? 15.031  -2.164  -4.121  1.00 20.00  ? 67 U A O4    1 
ATOM 1332 C C5    . U A 1 62 ? 15.766  -2.271  -1.872  1.00 20.00  ? 67 U A C5    1 
ATOM 1333 C C6    . U A 1 62 ? 15.398  -2.550  -0.625  1.00 20.00  ? 67 U A C6    1 
ATOM 1334 P P     . C A 1 63 ? 15.899  -7.458  1.456   1.00 290.08 ? 68 C A P     1 
ATOM 1335 O OP1   . C A 1 63 ? 17.109  -7.864  2.167   1.00 290.15 ? 68 C A OP1   1 
ATOM 1336 O OP2   . C A 1 63 ? 15.994  -7.088  0.056   1.00 290.12 ? 68 C A OP2   1 
ATOM 1337 O "O5'" . C A 1 63 ? 14.738  -8.519  1.503   1.00 289.97 ? 68 C A "O5'" 1 
ATOM 1338 C "C5'" . C A 1 63 ? 13.405  -8.045  1.655   1.00 289.66 ? 68 C A "C5'" 1 
ATOM 1339 C "C4'" . C A 1 63 ? 12.577  -8.433  0.473   1.00 289.43 ? 68 C A "C4'" 1 
ATOM 1340 O "O4'" . C A 1 63 ? 12.317  -7.295  -0.364  1.00 288.80 ? 68 C A "O4'" 1 
ATOM 1341 C "C3'" . C A 1 63 ? 13.264  -9.341  -0.502  1.00 289.70 ? 68 C A "C3'" 1 
ATOM 1342 O "O3'" . C A 1 63 ? 13.386  -10.648 0.020   1.00 291.32 ? 68 C A "O3'" 1 
ATOM 1343 C "C2'" . C A 1 63 ? 12.326  -9.236  -1.687  1.00 289.04 ? 68 C A "C2'" 1 
ATOM 1344 O "O2'" . C A 1 63 ? 11.080  -9.790  -1.397  1.00 289.42 ? 68 C A "O2'" 1 
ATOM 1345 C "C1'" . C A 1 63 ? 11.998  -7.749  -1.663  1.00 288.19 ? 68 C A "C1'" 1 
ATOM 1346 N N1    . C A 1 63 ? 12.765  -6.948  -2.604  1.00 287.29 ? 68 C A N1    1 
ATOM 1347 C C2    . C A 1 63 ? 12.234  -6.679  -3.865  1.00 286.62 ? 68 C A C2    1 
ATOM 1348 O O2    . C A 1 63 ? 11.125  -7.140  -4.158  1.00 286.20 ? 68 C A O2    1 
ATOM 1349 N N3    . C A 1 63 ? 12.942  -5.922  -4.729  1.00 286.42 ? 68 C A N3    1 
ATOM 1350 C C4    . C A 1 63 ? 14.125  -5.433  -4.366  1.00 286.40 ? 68 C A C4    1 
ATOM 1351 N N4    . C A 1 63 ? 14.787  -4.688  -5.245  1.00 286.24 ? 68 C A N4    1 
ATOM 1352 C C5    . C A 1 63 ? 14.686  -5.689  -3.085  1.00 286.73 ? 68 C A C5    1 
ATOM 1353 C C6    . C A 1 63 ? 13.970  -6.429  -2.238  1.00 287.09 ? 68 C A C6    1 
ATOM 1354 P P     . U A 1 64 ? 13.843  -11.791 -0.930  1.00 292.79 ? 69 U A P     1 
ATOM 1355 O OP1   . U A 1 64 ? 13.285  -13.069 -0.478  1.00 293.03 ? 69 U A OP1   1 
ATOM 1356 O OP2   . U A 1 64 ? 15.273  -11.684 -1.246  1.00 292.96 ? 69 U A OP2   1 
ATOM 1357 O "O5'" . U A 1 64 ? 13.086  -11.418 -2.280  1.00 293.15 ? 69 U A "O5'" 1 
ATOM 1358 C "C5'" . U A 1 64 ? 12.038  -12.209 -2.849  1.00 293.63 ? 69 U A "C5'" 1 
ATOM 1359 C "C4'" . U A 1 64 ? 11.525  -11.591 -4.138  1.00 293.76 ? 69 U A "C4'" 1 
ATOM 1360 O "O4'" . U A 1 64 ? 11.788  -10.172 -4.176  1.00 293.74 ? 69 U A "O4'" 1 
ATOM 1361 C "C3'" . U A 1 64 ? 12.160  -12.101 -5.413  1.00 293.92 ? 69 U A "C3'" 1 
ATOM 1362 O "O3'" . U A 1 64 ? 11.595  -13.352 -5.784  1.00 293.62 ? 69 U A "O3'" 1 
ATOM 1363 C "C2'" . U A 1 64 ? 11.854  -10.982 -6.392  1.00 293.96 ? 69 U A "C2'" 1 
ATOM 1364 O "O2'" . U A 1 64 ? 10.520  -11.060 -6.801  1.00 294.03 ? 69 U A "O2'" 1 
ATOM 1365 C "C1'" . U A 1 64 ? 12.011  -9.760  -5.508  1.00 293.99 ? 69 U A "C1'" 1 
ATOM 1366 N N1    . U A 1 64 ? 13.313  -9.098  -5.572  1.00 20.00  ? 69 U A N1    1 
ATOM 1367 C C2    . U A 1 64 ? 13.562  -8.297  -6.649  1.00 20.00  ? 69 U A C2    1 
ATOM 1368 O O2    . U A 1 64 ? 12.780  -8.168  -7.565  1.00 20.00  ? 69 U A O2    1 
ATOM 1369 N N3    . U A 1 64 ? 14.766  -7.649  -6.616  1.00 20.00  ? 69 U A N3    1 
ATOM 1370 C C4    . U A 1 64 ? 15.733  -7.738  -5.649  1.00 20.00  ? 69 U A C4    1 
ATOM 1371 O O4    . U A 1 64 ? 16.780  -7.104  -5.773  1.00 20.00  ? 69 U A O4    1 
ATOM 1372 C C5    . U A 1 64 ? 15.387  -8.571  -4.551  1.00 20.00  ? 69 U A C5    1 
ATOM 1373 C C6    . U A 1 64 ? 14.212  -9.199  -4.547  1.00 20.00  ? 69 U A C6    1 
ATOM 1374 P P     . C A 1 65 ? 12.112  -14.108 -7.069  1.00 293.24 ? 70 C A P     1 
ATOM 1375 O OP1   . C A 1 65 ? 11.749  -15.516 -6.954  1.00 293.37 ? 70 C A OP1   1 
ATOM 1376 O OP2   . C A 1 65 ? 13.496  -13.711 -7.292  1.00 293.24 ? 70 C A OP2   1 
ATOM 1377 O "O5'" . C A 1 65 ? 11.138  -13.556 -8.182  1.00 291.62 ? 70 C A "O5'" 1 
ATOM 1378 C "C5'" . C A 1 65 ? 11.280  -14.003 -9.507  1.00 289.92 ? 70 C A "C5'" 1 
ATOM 1379 C "C4'" . C A 1 65 ? 11.679  -12.906 -10.446 1.00 288.53 ? 70 C A "C4'" 1 
ATOM 1380 O "O4'" . C A 1 65 ? 12.274  -11.787 -9.737  1.00 288.06 ? 70 C A "O4'" 1 
ATOM 1381 C "C3'" . C A 1 65 ? 12.760  -13.309 -11.396 1.00 287.59 ? 70 C A "C3'" 1 
ATOM 1382 O "O3'" . C A 1 65 ? 12.333  -14.452 -12.077 1.00 285.30 ? 70 C A "O3'" 1 
ATOM 1383 C "C2'" . C A 1 65 ? 13.164  -11.969 -11.989 1.00 287.75 ? 70 C A "C2'" 1 
ATOM 1384 O "O2'" . C A 1 65 ? 12.264  -11.399 -12.894 1.00 287.76 ? 70 C A "O2'" 1 
ATOM 1385 C "C1'" . C A 1 65 ? 13.020  -11.101 -10.728 1.00 287.69 ? 70 C A "C1'" 1 
ATOM 1386 N N1    . C A 1 65 ? 14.297  -10.606 -10.203 1.00 20.00  ? 70 C A N1    1 
ATOM 1387 C C2    . C A 1 65 ? 14.985  -9.637  -10.900 1.00 20.00  ? 70 C A C2    1 
ATOM 1388 O O2    . C A 1 65 ? 14.563  -9.293  -12.007 1.00 20.00  ? 70 C A O2    1 
ATOM 1389 N N3    . C A 1 65 ? 16.099  -9.102  -10.363 1.00 20.00  ? 70 C A N3    1 
ATOM 1390 C C4    . C A 1 65 ? 16.521  -9.509  -9.172  1.00 20.00  ? 70 C A C4    1 
ATOM 1391 N N4    . C A 1 65 ? 17.641  -8.976  -8.697  1.00 20.00  ? 70 C A N4    1 
ATOM 1392 C C5    . C A 1 65 ? 15.827  -10.491 -8.427  1.00 20.00  ? 70 C A C5    1 
ATOM 1393 C C6    . C A 1 65 ? 14.716  -10.993 -8.964  1.00 20.00  ? 70 C A C6    1 
ATOM 1394 P P     . U A 1 66 ? 13.414  -15.491 -12.416 1.00 283.00 ? 71 U A P     1 
ATOM 1395 O OP1   . U A 1 66 ? 12.798  -16.787 -12.701 1.00 282.88 ? 71 U A OP1   1 
ATOM 1396 O OP2   . U A 1 66 ? 14.490  -15.422 -11.432 1.00 282.85 ? 71 U A OP2   1 
ATOM 1397 O "O5'" . U A 1 66 ? 13.951  -14.832 -13.748 1.00 281.51 ? 71 U A "O5'" 1 
ATOM 1398 C "C5'" . U A 1 66 ? 15.157  -14.112 -13.611 1.00 279.86 ? 71 U A "C5'" 1 
ATOM 1399 C "C4'" . U A 1 66 ? 15.548  -13.399 -14.854 1.00 278.92 ? 71 U A "C4'" 1 
ATOM 1400 O "O4'" . U A 1 66 ? 15.378  -11.989 -14.596 1.00 279.49 ? 71 U A "O4'" 1 
ATOM 1401 C "C3'" . U A 1 66 ? 17.029  -13.520 -15.136 1.00 277.90 ? 71 U A "C3'" 1 
ATOM 1402 O "O3'" . U A 1 66 ? 17.553  -14.830 -15.480 1.00 274.30 ? 71 U A "O3'" 1 
ATOM 1403 C "C2'" . U A 1 66 ? 17.289  -12.177 -15.791 1.00 279.01 ? 71 U A "C2'" 1 
ATOM 1404 O "O2'" . U A 1 66 ? 16.547  -11.869 -16.940 1.00 279.18 ? 71 U A "O2'" 1 
ATOM 1405 C "C1'" . U A 1 66 ? 16.591  -11.311 -14.788 1.00 280.00 ? 71 U A "C1'" 1 
ATOM 1406 N N1    . U A 1 66 ? 17.317  -11.340 -13.526 1.00 20.00  ? 71 U A N1    1 
ATOM 1407 C C2    . U A 1 66 ? 18.318  -10.419 -13.347 1.00 20.00  ? 71 U A C2    1 
ATOM 1408 O O2    . U A 1 66 ? 18.616  -9.598  -14.186 1.00 20.00  ? 71 U A O2    1 
ATOM 1409 N N3    . U A 1 66 ? 18.967  -10.501 -12.150 1.00 20.00  ? 71 U A N3    1 
ATOM 1410 C C4    . U A 1 66 ? 18.738  -11.394 -11.147 1.00 20.00  ? 71 U A C4    1 
ATOM 1411 O O4    . U A 1 66 ? 19.417  -11.339 -10.128 1.00 20.00  ? 71 U A O4    1 
ATOM 1412 C C5    . U A 1 66 ? 17.684  -12.317 -11.405 1.00 20.00  ? 71 U A C5    1 
ATOM 1413 C C6    . U A 1 66 ? 17.032  -12.262 -12.563 1.00 20.00  ? 71 U A C6    1 
ATOM 1414 P P     . C A 1 67 ? 17.502  -15.407 -16.957 1.00 271.03 ? 72 C A P     1 
ATOM 1415 O OP1   . C A 1 67 ? 16.555  -14.618 -17.751 1.00 271.61 ? 72 C A OP1   1 
ATOM 1416 O OP2   . C A 1 67 ? 17.346  -16.844 -16.875 1.00 270.52 ? 72 C A OP2   1 
ATOM 1417 O "O5'" . C A 1 67 ? 18.910  -14.964 -17.535 1.00 266.66 ? 72 C A "O5'" 1 
ATOM 1418 C "C5'" . C A 1 67 ? 18.941  -14.045 -18.625 1.00 262.13 ? 72 C A "C5'" 1 
ATOM 1419 C "C4'" . C A 1 67 ? 20.124  -13.123 -18.531 1.00 258.77 ? 72 C A "C4'" 1 
ATOM 1420 O "O4'" . C A 1 67 ? 20.022  -12.295 -17.367 1.00 257.92 ? 72 C A "O4'" 1 
ATOM 1421 C "C3'" . C A 1 67 ? 21.481  -13.726 -18.306 1.00 256.06 ? 72 C A "C3'" 1 
ATOM 1422 O "O3'" . C A 1 67 ? 21.988  -14.409 -19.435 1.00 250.87 ? 72 C A "O3'" 1 
ATOM 1423 C "C2'" . C A 1 67 ? 22.275  -12.483 -17.946 1.00 256.62 ? 72 C A "C2'" 1 
ATOM 1424 O "O2'" . C A 1 67 ? 22.395  -11.540 -18.978 1.00 257.10 ? 72 C A "O2'" 1 
ATOM 1425 C "C1'" . C A 1 67 ? 21.286  -11.765 -17.048 1.00 256.79 ? 72 C A "C1'" 1 
ATOM 1426 N N1    . C A 1 67 ? 21.486  -11.969 -15.625 1.00 255.92 ? 72 C A N1    1 
ATOM 1427 C C2    . C A 1 67 ? 22.397  -11.163 -14.961 1.00 255.36 ? 72 C A C2    1 
ATOM 1428 O O2    . C A 1 67 ? 23.040  -10.331 -15.608 1.00 255.25 ? 72 C A O2    1 
ATOM 1429 N N3    . C A 1 67 ? 22.577  -11.323 -13.636 1.00 254.92 ? 72 C A N3    1 
ATOM 1430 C C4    . C A 1 67 ? 21.881  -12.248 -12.981 1.00 254.71 ? 72 C A C4    1 
ATOM 1431 N N4    . C A 1 67 ? 22.086  -12.376 -11.679 1.00 254.71 ? 72 C A N4    1 
ATOM 1432 C C5    . C A 1 67 ? 20.946  -13.089 -13.637 1.00 254.73 ? 72 C A C5    1 
ATOM 1433 C C6    . C A 1 67 ? 20.768  -12.904 -14.944 1.00 255.29 ? 72 C A C6    1 
ATOM 1434 P P     . G A 1 68 ? 23.063  -15.510 -19.227 1.00 245.79 ? 73 G A P     1 
ATOM 1435 O OP1   . G A 1 68 ? 22.938  -16.509 -20.271 1.00 245.95 ? 73 G A OP1   1 
ATOM 1436 O OP2   . G A 1 68 ? 22.979  -15.921 -17.844 1.00 245.77 ? 73 G A OP2   1 
ATOM 1437 O "O5'" . G A 1 68 ? 24.408  -14.702 -19.369 1.00 241.43 ? 73 G A "O5'" 1 
ATOM 1438 C "C5'" . G A 1 68 ? 25.355  -14.904 -18.346 1.00 236.73 ? 73 G A "C5'" 1 
ATOM 1439 C "C4'" . G A 1 68 ? 26.460  -13.912 -18.399 1.00 233.19 ? 73 G A "C4'" 1 
ATOM 1440 O "O4'" . G A 1 68 ? 25.944  -12.652 -17.942 1.00 233.31 ? 73 G A "O4'" 1 
ATOM 1441 C "C3'" . G A 1 68 ? 27.597  -14.259 -17.463 1.00 229.38 ? 73 G A "C3'" 1 
ATOM 1442 O "O3'" . G A 1 68 ? 28.665  -14.822 -18.184 1.00 220.45 ? 73 G A "O3'" 1 
ATOM 1443 C "C2'" . G A 1 68 ? 27.924  -12.920 -16.827 1.00 230.96 ? 73 G A "C2'" 1 
ATOM 1444 O "O2'" . G A 1 68 ? 28.767  -12.083 -17.571 1.00 230.88 ? 73 G A "O2'" 1 
ATOM 1445 C "C1'" . G A 1 68 ? 26.543  -12.308 -16.733 1.00 233.13 ? 73 G A "C1'" 1 
ATOM 1446 N N9    . G A 1 68 ? 25.801  -12.938 -15.653 1.00 20.00  ? 73 G A N9    1 
ATOM 1447 C C8    . G A 1 68 ? 24.777  -13.843 -15.762 1.00 20.00  ? 73 G A C8    1 
ATOM 1448 N N7    . G A 1 68 ? 24.371  -14.293 -14.610 1.00 20.00  ? 73 G A N7    1 
ATOM 1449 C C5    . G A 1 68 ? 25.172  -13.645 -13.687 1.00 20.00  ? 73 G A C5    1 
ATOM 1450 C C6    . G A 1 68 ? 25.185  -13.721 -12.278 1.00 20.00  ? 73 G A C6    1 
ATOM 1451 O O6    . G A 1 68 ? 24.473  -14.404 -11.543 1.00 20.00  ? 73 G A O6    1 
ATOM 1452 N N1    . G A 1 68 ? 26.184  -12.928 -11.729 1.00 20.00  ? 73 G A N1    1 
ATOM 1453 C C2    . G A 1 68 ? 27.045  -12.142 -12.450 1.00 20.00  ? 73 G A C2    1 
ATOM 1454 N N2    . G A 1 68 ? 27.921  -11.433 -11.742 1.00 20.00  ? 73 G A N2    1 
ATOM 1455 N N3    . G A 1 68 ? 27.026  -12.046 -13.765 1.00 20.00  ? 73 G A N3    1 
ATOM 1456 C C4    . G A 1 68 ? 26.068  -12.816 -14.315 1.00 20.00  ? 73 G A C4    1 
ATOM 1457 P P     . C A 1 69 ? 28.562  -16.265 -18.770 1.00 212.33 ? 74 C A P     1 
ATOM 1458 O OP1   . C A 1 69 ? 27.951  -16.180 -20.078 1.00 212.35 ? 74 C A OP1   1 
ATOM 1459 O OP2   . C A 1 69 ? 27.992  -17.117 -17.752 1.00 212.39 ? 74 C A OP2   1 
ATOM 1460 O "O5'" . C A 1 69 ? 30.064  -16.590 -19.153 1.00 203.16 ? 74 C A "O5'" 1 
ATOM 1461 C "C5'" . C A 1 69 ? 30.432  -16.970 -20.469 1.00 194.08 ? 74 C A "C5'" 1 
ATOM 1462 C "C4'" . C A 1 69 ? 31.570  -16.134 -20.950 1.00 187.81 ? 74 C A "C4'" 1 
ATOM 1463 O "O4'" . C A 1 69 ? 32.668  -16.219 -20.028 1.00 185.14 ? 74 C A "O4'" 1 
ATOM 1464 C "C3'" . C A 1 69 ? 32.144  -16.573 -22.269 1.00 183.22 ? 74 C A "C3'" 1 
ATOM 1465 O "O3'" . C A 1 69 ? 31.423  -15.889 -23.275 1.00 177.15 ? 74 C A "O3'" 1 
ATOM 1466 C "C2'" . C A 1 69 ? 33.551  -16.046 -22.164 1.00 183.14 ? 74 C A "C2'" 1 
ATOM 1467 O "O2'" . C A 1 69 ? 33.425  -14.660 -22.089 1.00 183.64 ? 74 C A "O2'" 1 
ATOM 1468 C "C1'" . C A 1 69 ? 33.886  -16.348 -20.720 1.00 182.92 ? 74 C A "C1'" 1 
ATOM 1469 N N1    . C A 1 69 ? 34.455  -17.673 -20.434 1.00 181.28 ? 74 C A N1    1 
ATOM 1470 C C2    . C A 1 69 ? 35.790  -17.909 -20.699 1.00 180.28 ? 74 C A C2    1 
ATOM 1471 O O2    . C A 1 69 ? 36.456  -17.032 -21.260 1.00 180.02 ? 74 C A O2    1 
ATOM 1472 N N3    . C A 1 69 ? 36.309  -19.114 -20.427 1.00 180.11 ? 74 C A N3    1 
ATOM 1473 C C4    . C A 1 69 ? 35.557  -20.053 -19.879 1.00 179.47 ? 74 C A C4    1 
ATOM 1474 N N4    . C A 1 69 ? 36.130  -21.212 -19.600 1.00 178.91 ? 74 C A N4    1 
ATOM 1475 C C5    . C A 1 69 ? 34.208  -19.820 -19.528 1.00 180.03 ? 74 C A C5    1 
ATOM 1476 C C6    . C A 1 69 ? 33.705  -18.620 -19.803 1.00 180.62 ? 74 C A C6    1 
ATOM 1477 P P     . C A 1 70 ? 30.671  -16.689 -24.452 1.00 171.44 ? 75 C A P     1 
ATOM 1478 O OP1   . C A 1 70 ? 30.182  -15.724 -25.319 1.00 171.35 ? 75 C A OP1   1 
ATOM 1479 O OP2   . C A 1 70 ? 29.731  -17.672 -23.858 1.00 171.54 ? 75 C A OP2   1 
ATOM 1480 O "O5'" . C A 1 70 ? 31.852  -17.378 -25.218 1.00 168.33 ? 75 C A "O5'" 1 
ATOM 1481 C "C5'" . C A 1 70 ? 33.096  -16.744 -25.517 1.00 164.36 ? 75 C A "C5'" 1 
ATOM 1482 C "C4'" . C A 1 70 ? 34.111  -17.818 -25.675 1.00 161.77 ? 75 C A "C4'" 1 
ATOM 1483 O "O4'" . C A 1 70 ? 34.382  -18.353 -24.380 1.00 160.48 ? 75 C A "O4'" 1 
ATOM 1484 C "C3'" . C A 1 70 ? 33.587  -19.014 -26.409 1.00 160.11 ? 75 C A "C3'" 1 
ATOM 1485 O "O3'" . C A 1 70 ? 33.926  -18.836 -27.747 1.00 158.39 ? 75 C A "O3'" 1 
ATOM 1486 C "C2'" . C A 1 70 ? 34.470  -20.114 -25.891 1.00 159.63 ? 75 C A "C2'" 1 
ATOM 1487 O "O2'" . C A 1 70 ? 35.649  -19.964 -26.584 1.00 159.47 ? 75 C A "O2'" 1 
ATOM 1488 C "C1'" . C A 1 70 ? 34.635  -19.721 -24.463 1.00 159.31 ? 75 C A "C1'" 1 
ATOM 1489 N N1    . C A 1 70 ? 33.728  -20.418 -23.583 1.00 158.20 ? 75 C A N1    1 
ATOM 1490 C C2    . C A 1 70 ? 34.238  -21.412 -22.796 1.00 157.36 ? 75 C A C2    1 
ATOM 1491 O O2    . C A 1 70 ? 35.429  -21.672 -22.884 1.00 156.81 ? 75 C A O2    1 
ATOM 1492 N N3    . C A 1 70 ? 33.437  -22.061 -21.948 1.00 157.16 ? 75 C A N3    1 
ATOM 1493 C C4    . C A 1 70 ? 32.159  -21.743 -21.874 1.00 157.09 ? 75 C A C4    1 
ATOM 1494 N N4    . C A 1 70 ? 31.402  -22.425 -21.033 1.00 156.96 ? 75 C A N4    1 
ATOM 1495 C C5    . C A 1 70 ? 31.595  -20.741 -22.687 1.00 157.52 ? 75 C A C5    1 
ATOM 1496 C C6    . C A 1 70 ? 32.413  -20.091 -23.506 1.00 157.63 ? 75 C A C6    1 
ATOM 1497 P P     . A A 1 71 ? 33.006  -19.482 -28.900 1.00 156.79 ? 76 A A P     1 
ATOM 1498 O OP1   . A A 1 71 ? 33.064  -18.591 -29.976 1.00 156.56 ? 76 A A OP1   1 
ATOM 1499 O OP2   . A A 1 71 ? 31.712  -19.871 -28.282 1.00 157.06 ? 76 A A OP2   1 
ATOM 1500 O "O5'" . A A 1 71 ? 33.847  -20.690 -29.434 1.00 156.41 ? 76 A A "O5'" 1 
ATOM 1501 C "C5'" . A A 1 71 ? 35.184  -20.570 -29.909 1.00 155.83 ? 76 A A "C5'" 1 
ATOM 1502 C "C4'" . A A 1 71 ? 35.857  -21.877 -29.639 1.00 155.33 ? 76 A A "C4'" 1 
ATOM 1503 O "O4'" . A A 1 71 ? 35.846  -22.057 -28.210 1.00 155.25 ? 76 A A "O4'" 1 
ATOM 1504 C "C3'" . A A 1 71 ? 35.069  -23.074 -30.126 1.00 154.87 ? 76 A A "C3'" 1 
ATOM 1505 O "O3'" . A A 1 71 ? 35.098  -23.272 -31.538 1.00 154.68 ? 76 A A "O3'" 1 
ATOM 1506 C "C2'" . A A 1 71 ? 35.601  -24.152 -29.211 1.00 155.00 ? 76 A A "C2'" 1 
ATOM 1507 O "O2'" . A A 1 71 ? 36.859  -24.467 -29.684 1.00 154.68 ? 76 A A "O2'" 1 
ATOM 1508 C "C1'" . A A 1 71 ? 35.707  -23.407 -27.890 1.00 154.93 ? 76 A A "C1'" 1 
ATOM 1509 N N9    . A A 1 71 ? 34.572  -23.578 -26.985 1.00 154.94 ? 76 A A N9    1 
ATOM 1510 C C8    . A A 1 71 ? 33.293  -23.154 -27.175 1.00 154.76 ? 76 A A C8    1 
ATOM 1511 N N7    . A A 1 71 ? 32.469  -23.532 -26.246 1.00 154.91 ? 76 A A N7    1 
ATOM 1512 C C5    . A A 1 71 ? 33.262  -24.248 -25.372 1.00 154.92 ? 76 A A C5    1 
ATOM 1513 C C6    . A A 1 71 ? 32.980  -24.918 -24.185 1.00 154.59 ? 76 A A C6    1 
ATOM 1514 N N6    . A A 1 71 ? 31.777  -24.962 -23.633 1.00 154.35 ? 76 A A N6    1 
ATOM 1515 N N1    . A A 1 71 ? 33.981  -25.577 -23.588 1.00 154.66 ? 76 A A N1    1 
ATOM 1516 C C2    . A A 1 71 ? 35.184  -25.535 -24.138 1.00 153.96 ? 76 A A C2    1 
ATOM 1517 N N3    . A A 1 71 ? 35.572  -24.951 -25.254 1.00 154.21 ? 76 A A N3    1 
ATOM 1518 C C4    . A A 1 71 ? 34.561  -24.274 -25.807 1.00 154.75 ? 76 A A C4    1 
# 
